data_5C82
# 
_entry.id   5C82 
# 
_audit_conform.dict_name       mmcif_pdbx.dic 
_audit_conform.dict_version    5.398 
_audit_conform.dict_location   http://mmcif.pdb.org/dictionaries/ascii/mmcif_pdbx.dic 
# 
loop_
_database_2.database_id 
_database_2.database_code 
_database_2.pdbx_database_accession 
_database_2.pdbx_DOI 
PDB   5C82         pdb_00005c82 10.2210/pdb5c82/pdb 
WWPDB D_1000211198 ?            ?                   
# 
loop_
_pdbx_audit_revision_history.ordinal 
_pdbx_audit_revision_history.data_content_type 
_pdbx_audit_revision_history.major_revision 
_pdbx_audit_revision_history.minor_revision 
_pdbx_audit_revision_history.revision_date 
1 'Structure model' 1 0 2016-06-29 
2 'Structure model' 2 0 2018-07-04 
3 'Structure model' 2 1 2024-11-06 
# 
_pdbx_audit_revision_details.ordinal             1 
_pdbx_audit_revision_details.revision_ordinal    1 
_pdbx_audit_revision_details.data_content_type   'Structure model' 
_pdbx_audit_revision_details.provider            repository 
_pdbx_audit_revision_details.type                'Initial release' 
_pdbx_audit_revision_details.description         ? 
_pdbx_audit_revision_details.details             ? 
# 
loop_
_pdbx_audit_revision_group.ordinal 
_pdbx_audit_revision_group.revision_ordinal 
_pdbx_audit_revision_group.data_content_type 
_pdbx_audit_revision_group.group 
1 2 'Structure model' 'Data collection'      
2 2 'Structure model' 'Database references'  
3 2 'Structure model' 'Derived calculations' 
4 2 'Structure model' 'Polymer sequence'     
5 3 'Structure model' 'Data collection'      
6 3 'Structure model' 'Database references'  
7 3 'Structure model' 'Structure summary'    
# 
loop_
_pdbx_audit_revision_category.ordinal 
_pdbx_audit_revision_category.revision_ordinal 
_pdbx_audit_revision_category.data_content_type 
_pdbx_audit_revision_category.category 
1 2 'Structure model' citation                  
2 2 'Structure model' diffrn_source             
3 2 'Structure model' entity_poly               
4 2 'Structure model' pdbx_struct_oper_list     
5 3 'Structure model' chem_comp_atom            
6 3 'Structure model' chem_comp_bond            
7 3 'Structure model' database_2                
8 3 'Structure model' pdbx_entry_details        
9 3 'Structure model' pdbx_modification_feature 
# 
loop_
_pdbx_audit_revision_item.ordinal 
_pdbx_audit_revision_item.revision_ordinal 
_pdbx_audit_revision_item.data_content_type 
_pdbx_audit_revision_item.item 
1 2 'Structure model' '_citation.journal_id_CSD'                  
2 2 'Structure model' '_diffrn_source.pdbx_synchrotron_beamline'  
3 2 'Structure model' '_diffrn_source.type'                       
4 2 'Structure model' '_entity_poly.pdbx_target_identifier'       
5 2 'Structure model' '_pdbx_struct_oper_list.symmetry_operation' 
6 3 'Structure model' '_database_2.pdbx_DOI'                      
7 3 'Structure model' '_database_2.pdbx_database_accession'       
# 
_pdbx_database_status.status_code                     REL 
_pdbx_database_status.status_code_sf                  REL 
_pdbx_database_status.status_code_mr                  ? 
_pdbx_database_status.entry_id                        5C82 
_pdbx_database_status.recvd_initial_deposition_date   2015-06-25 
_pdbx_database_status.SG_entry                        N 
_pdbx_database_status.deposit_site                    RCSB 
_pdbx_database_status.process_site                    PDBJ 
_pdbx_database_status.status_code_cs                  ? 
_pdbx_database_status.methods_development_category    ? 
_pdbx_database_status.pdb_format_compatible           Y 
_pdbx_database_status.status_code_nmr_data            ? 
# 
loop_
_audit_author.name 
_audit_author.pdbx_ordinal 
_audit_author.identifier_ORCID 
'Kumar, D.'       1 ? 
'Ghosh, A.'       2 ? 
'Taneja, B.'      3 ? 
'Chakraborty, K.' 4 ? 
# 
_citation.abstract                  ? 
_citation.abstract_id_CAS           ? 
_citation.book_id_ISBN              ? 
_citation.book_publisher            ? 
_citation.book_publisher_city       ? 
_citation.book_title                ? 
_citation.coordinate_linkage        ? 
_citation.country                   ? 
_citation.database_id_Medline       ? 
_citation.details                   ? 
_citation.id                        primary 
_citation.journal_abbrev            'To Be Published' 
_citation.journal_id_ASTM           ? 
_citation.journal_id_CSD            0353 
_citation.journal_id_ISSN           ? 
_citation.journal_full              ? 
_citation.journal_issue             ? 
_citation.journal_volume            ? 
_citation.language                  ? 
_citation.page_first                ? 
_citation.page_last                 ? 
_citation.title                     'Crystal structure of Nourseothricin acetyltransferase' 
_citation.year                      ? 
_citation.database_id_CSD           ? 
_citation.pdbx_database_id_DOI      ? 
_citation.pdbx_database_id_PubMed   ? 
_citation.unpublished_flag          ? 
# 
loop_
_citation_author.citation_id 
_citation_author.name 
_citation_author.ordinal 
_citation_author.identifier_ORCID 
primary 'Kumar, D.'       1 ? 
primary 'Ghosh, A.'       2 ? 
primary 'Taneja, B.'      3 ? 
primary 'Chakraborty, K.' 4 ? 
# 
loop_
_entity.id 
_entity.type 
_entity.src_method 
_entity.pdbx_description 
_entity.formula_weight 
_entity.pdbx_number_of_molecules 
_entity.pdbx_ec 
_entity.pdbx_mutation 
_entity.pdbx_fragment 
_entity.details 
1 polymer     man 'Nourseothricin acetyltransferase' 20790.867 1  ? ? ? ? 
2 non-polymer syn 'D(-)-TARTARIC ACID'               150.087   1  ? ? ? ? 
3 water       nat water                              18.015    97 ? ? ? ? 
# 
_entity_poly.entity_id                      1 
_entity_poly.type                           'polypeptide(L)' 
_entity_poly.nstd_linkage                   no 
_entity_poly.nstd_monomer                   yes 
_entity_poly.pdbx_seq_one_letter_code       
;(MSE)GTTLDDTAYRYRTSVPGDAEAIEALDGSFTTDTVFRVTATGDGFTLREVPVDPPLTKVFPDDESDDESDDGEDGD
PDSRTFVAYGDDGDLAGFVVVSYSGWNRRLTVEDIEVAPEHRGHGVGRAL(MSE)GLATEFARERGAGHLWLEVTNVNAP
AIHAYRR(MSE)GFTLCGLDTALYDGTASDGEQALY(MSE)S(MSE)PCP
;
_entity_poly.pdbx_seq_one_letter_code_can   
;MGTTLDDTAYRYRTSVPGDAEAIEALDGSFTTDTVFRVTATGDGFTLREVPVDPPLTKVFPDDESDDESDDGEDGDPDSR
TFVAYGDDGDLAGFVVVSYSGWNRRLTVEDIEVAPEHRGHGVGRALMGLATEFARERGAGHLWLEVTNVNAPAIHAYRRM
GFTLCGLDTALYDGTASDGEQALYMSMPCP
;
_entity_poly.pdbx_strand_id                 A 
_entity_poly.pdbx_target_identifier         ? 
# 
loop_
_pdbx_entity_nonpoly.entity_id 
_pdbx_entity_nonpoly.name 
_pdbx_entity_nonpoly.comp_id 
2 'D(-)-TARTARIC ACID' TAR 
3 water                HOH 
# 
loop_
_entity_poly_seq.entity_id 
_entity_poly_seq.num 
_entity_poly_seq.mon_id 
_entity_poly_seq.hetero 
1 1   MSE n 
1 2   GLY n 
1 3   THR n 
1 4   THR n 
1 5   LEU n 
1 6   ASP n 
1 7   ASP n 
1 8   THR n 
1 9   ALA n 
1 10  TYR n 
1 11  ARG n 
1 12  TYR n 
1 13  ARG n 
1 14  THR n 
1 15  SER n 
1 16  VAL n 
1 17  PRO n 
1 18  GLY n 
1 19  ASP n 
1 20  ALA n 
1 21  GLU n 
1 22  ALA n 
1 23  ILE n 
1 24  GLU n 
1 25  ALA n 
1 26  LEU n 
1 27  ASP n 
1 28  GLY n 
1 29  SER n 
1 30  PHE n 
1 31  THR n 
1 32  THR n 
1 33  ASP n 
1 34  THR n 
1 35  VAL n 
1 36  PHE n 
1 37  ARG n 
1 38  VAL n 
1 39  THR n 
1 40  ALA n 
1 41  THR n 
1 42  GLY n 
1 43  ASP n 
1 44  GLY n 
1 45  PHE n 
1 46  THR n 
1 47  LEU n 
1 48  ARG n 
1 49  GLU n 
1 50  VAL n 
1 51  PRO n 
1 52  VAL n 
1 53  ASP n 
1 54  PRO n 
1 55  PRO n 
1 56  LEU n 
1 57  THR n 
1 58  LYS n 
1 59  VAL n 
1 60  PHE n 
1 61  PRO n 
1 62  ASP n 
1 63  ASP n 
1 64  GLU n 
1 65  SER n 
1 66  ASP n 
1 67  ASP n 
1 68  GLU n 
1 69  SER n 
1 70  ASP n 
1 71  ASP n 
1 72  GLY n 
1 73  GLU n 
1 74  ASP n 
1 75  GLY n 
1 76  ASP n 
1 77  PRO n 
1 78  ASP n 
1 79  SER n 
1 80  ARG n 
1 81  THR n 
1 82  PHE n 
1 83  VAL n 
1 84  ALA n 
1 85  TYR n 
1 86  GLY n 
1 87  ASP n 
1 88  ASP n 
1 89  GLY n 
1 90  ASP n 
1 91  LEU n 
1 92  ALA n 
1 93  GLY n 
1 94  PHE n 
1 95  VAL n 
1 96  VAL n 
1 97  VAL n 
1 98  SER n 
1 99  TYR n 
1 100 SER n 
1 101 GLY n 
1 102 TRP n 
1 103 ASN n 
1 104 ARG n 
1 105 ARG n 
1 106 LEU n 
1 107 THR n 
1 108 VAL n 
1 109 GLU n 
1 110 ASP n 
1 111 ILE n 
1 112 GLU n 
1 113 VAL n 
1 114 ALA n 
1 115 PRO n 
1 116 GLU n 
1 117 HIS n 
1 118 ARG n 
1 119 GLY n 
1 120 HIS n 
1 121 GLY n 
1 122 VAL n 
1 123 GLY n 
1 124 ARG n 
1 125 ALA n 
1 126 LEU n 
1 127 MSE n 
1 128 GLY n 
1 129 LEU n 
1 130 ALA n 
1 131 THR n 
1 132 GLU n 
1 133 PHE n 
1 134 ALA n 
1 135 ARG n 
1 136 GLU n 
1 137 ARG n 
1 138 GLY n 
1 139 ALA n 
1 140 GLY n 
1 141 HIS n 
1 142 LEU n 
1 143 TRP n 
1 144 LEU n 
1 145 GLU n 
1 146 VAL n 
1 147 THR n 
1 148 ASN n 
1 149 VAL n 
1 150 ASN n 
1 151 ALA n 
1 152 PRO n 
1 153 ALA n 
1 154 ILE n 
1 155 HIS n 
1 156 ALA n 
1 157 TYR n 
1 158 ARG n 
1 159 ARG n 
1 160 MSE n 
1 161 GLY n 
1 162 PHE n 
1 163 THR n 
1 164 LEU n 
1 165 CYS n 
1 166 GLY n 
1 167 LEU n 
1 168 ASP n 
1 169 THR n 
1 170 ALA n 
1 171 LEU n 
1 172 TYR n 
1 173 ASP n 
1 174 GLY n 
1 175 THR n 
1 176 ALA n 
1 177 SER n 
1 178 ASP n 
1 179 GLY n 
1 180 GLU n 
1 181 GLN n 
1 182 ALA n 
1 183 LEU n 
1 184 TYR n 
1 185 MSE n 
1 186 SER n 
1 187 MSE n 
1 188 PRO n 
1 189 CYS n 
1 190 PRO n 
# 
_entity_src_gen.entity_id                          1 
_entity_src_gen.pdbx_src_id                        1 
_entity_src_gen.pdbx_alt_source_flag               sample 
_entity_src_gen.pdbx_seq_type                      'Biological sequence' 
_entity_src_gen.pdbx_beg_seq_num                   1 
_entity_src_gen.pdbx_end_seq_num                   190 
_entity_src_gen.gene_src_common_name               ? 
_entity_src_gen.gene_src_genus                     ? 
_entity_src_gen.pdbx_gene_src_gene                 nat1 
_entity_src_gen.gene_src_species                   ? 
_entity_src_gen.gene_src_strain                    ? 
_entity_src_gen.gene_src_tissue                    ? 
_entity_src_gen.gene_src_tissue_fraction           ? 
_entity_src_gen.gene_src_details                   ? 
_entity_src_gen.pdbx_gene_src_fragment             ? 
_entity_src_gen.pdbx_gene_src_scientific_name      'Streptomyces noursei' 
_entity_src_gen.pdbx_gene_src_ncbi_taxonomy_id     1971 
_entity_src_gen.pdbx_gene_src_variant              ? 
_entity_src_gen.pdbx_gene_src_cell_line            ? 
_entity_src_gen.pdbx_gene_src_atcc                 ? 
_entity_src_gen.pdbx_gene_src_organ                ? 
_entity_src_gen.pdbx_gene_src_organelle            ? 
_entity_src_gen.pdbx_gene_src_cell                 ? 
_entity_src_gen.pdbx_gene_src_cellular_location    ? 
_entity_src_gen.host_org_common_name               ? 
_entity_src_gen.pdbx_host_org_scientific_name      'ESCHERICHIA COLI' 
_entity_src_gen.pdbx_host_org_ncbi_taxonomy_id     562 
_entity_src_gen.host_org_genus                     ? 
_entity_src_gen.pdbx_host_org_gene                 ? 
_entity_src_gen.pdbx_host_org_organ                ? 
_entity_src_gen.host_org_species                   ? 
_entity_src_gen.pdbx_host_org_tissue               ? 
_entity_src_gen.pdbx_host_org_tissue_fraction      ? 
_entity_src_gen.pdbx_host_org_strain               'BL21 (DE3) ROSETTA' 
_entity_src_gen.pdbx_host_org_variant              ? 
_entity_src_gen.pdbx_host_org_cell_line            ? 
_entity_src_gen.pdbx_host_org_atcc                 ? 
_entity_src_gen.pdbx_host_org_culture_collection   ? 
_entity_src_gen.pdbx_host_org_cell                 ? 
_entity_src_gen.pdbx_host_org_organelle            ? 
_entity_src_gen.pdbx_host_org_cellular_location    ? 
_entity_src_gen.pdbx_host_org_vector_type          ? 
_entity_src_gen.pdbx_host_org_vector               ? 
_entity_src_gen.host_org_details                   ? 
_entity_src_gen.expression_system_id               ? 
_entity_src_gen.plasmid_name                       pET-SUMO 
_entity_src_gen.plasmid_details                    ? 
_entity_src_gen.pdbx_description                   ? 
# 
loop_
_chem_comp.id 
_chem_comp.type 
_chem_comp.mon_nstd_flag 
_chem_comp.name 
_chem_comp.pdbx_synonyms 
_chem_comp.formula 
_chem_comp.formula_weight 
ALA 'L-peptide linking' y ALANINE              ? 'C3 H7 N O2'     89.093  
ARG 'L-peptide linking' y ARGININE             ? 'C6 H15 N4 O2 1' 175.209 
ASN 'L-peptide linking' y ASPARAGINE           ? 'C4 H8 N2 O3'    132.118 
ASP 'L-peptide linking' y 'ASPARTIC ACID'      ? 'C4 H7 N O4'     133.103 
CYS 'L-peptide linking' y CYSTEINE             ? 'C3 H7 N O2 S'   121.158 
GLN 'L-peptide linking' y GLUTAMINE            ? 'C5 H10 N2 O3'   146.144 
GLU 'L-peptide linking' y 'GLUTAMIC ACID'      ? 'C5 H9 N O4'     147.129 
GLY 'peptide linking'   y GLYCINE              ? 'C2 H5 N O2'     75.067  
HIS 'L-peptide linking' y HISTIDINE            ? 'C6 H10 N3 O2 1' 156.162 
HOH non-polymer         . WATER                ? 'H2 O'           18.015  
ILE 'L-peptide linking' y ISOLEUCINE           ? 'C6 H13 N O2'    131.173 
LEU 'L-peptide linking' y LEUCINE              ? 'C6 H13 N O2'    131.173 
LYS 'L-peptide linking' y LYSINE               ? 'C6 H15 N2 O2 1' 147.195 
MET 'L-peptide linking' y METHIONINE           ? 'C5 H11 N O2 S'  149.211 
MSE 'L-peptide linking' n SELENOMETHIONINE     ? 'C5 H11 N O2 Se' 196.106 
PHE 'L-peptide linking' y PHENYLALANINE        ? 'C9 H11 N O2'    165.189 
PRO 'L-peptide linking' y PROLINE              ? 'C5 H9 N O2'     115.130 
SER 'L-peptide linking' y SERINE               ? 'C3 H7 N O3'     105.093 
TAR non-polymer         . 'D(-)-TARTARIC ACID' ? 'C4 H6 O6'       150.087 
THR 'L-peptide linking' y THREONINE            ? 'C4 H9 N O3'     119.119 
TRP 'L-peptide linking' y TRYPTOPHAN           ? 'C11 H12 N2 O2'  204.225 
TYR 'L-peptide linking' y TYROSINE             ? 'C9 H11 N O3'    181.189 
VAL 'L-peptide linking' y VALINE               ? 'C5 H11 N O2'    117.146 
# 
loop_
_pdbx_poly_seq_scheme.asym_id 
_pdbx_poly_seq_scheme.entity_id 
_pdbx_poly_seq_scheme.seq_id 
_pdbx_poly_seq_scheme.mon_id 
_pdbx_poly_seq_scheme.ndb_seq_num 
_pdbx_poly_seq_scheme.pdb_seq_num 
_pdbx_poly_seq_scheme.auth_seq_num 
_pdbx_poly_seq_scheme.pdb_mon_id 
_pdbx_poly_seq_scheme.auth_mon_id 
_pdbx_poly_seq_scheme.pdb_strand_id 
_pdbx_poly_seq_scheme.pdb_ins_code 
_pdbx_poly_seq_scheme.hetero 
A 1 1   MSE 1   1   ?   ?   ?   A . n 
A 1 2   GLY 2   2   ?   ?   ?   A . n 
A 1 3   THR 3   3   ?   ?   ?   A . n 
A 1 4   THR 4   4   ?   ?   ?   A . n 
A 1 5   LEU 5   5   ?   ?   ?   A . n 
A 1 6   ASP 6   6   ?   ?   ?   A . n 
A 1 7   ASP 7   7   ?   ?   ?   A . n 
A 1 8   THR 8   8   8   THR THR A . n 
A 1 9   ALA 9   9   9   ALA ALA A . n 
A 1 10  TYR 10  10  10  TYR TYR A . n 
A 1 11  ARG 11  11  11  ARG ARG A . n 
A 1 12  TYR 12  12  12  TYR TYR A . n 
A 1 13  ARG 13  13  13  ARG ARG A . n 
A 1 14  THR 14  14  14  THR THR A . n 
A 1 15  SER 15  15  15  SER SER A . n 
A 1 16  VAL 16  16  16  VAL VAL A . n 
A 1 17  PRO 17  17  17  PRO PRO A . n 
A 1 18  GLY 18  18  18  GLY GLY A . n 
A 1 19  ASP 19  19  19  ASP ASP A . n 
A 1 20  ALA 20  20  20  ALA ALA A . n 
A 1 21  GLU 21  21  21  GLU GLU A . n 
A 1 22  ALA 22  22  22  ALA ALA A . n 
A 1 23  ILE 23  23  23  ILE ILE A . n 
A 1 24  GLU 24  24  24  GLU GLU A . n 
A 1 25  ALA 25  25  25  ALA ALA A . n 
A 1 26  LEU 26  26  26  LEU LEU A . n 
A 1 27  ASP 27  27  27  ASP ASP A . n 
A 1 28  GLY 28  28  28  GLY GLY A . n 
A 1 29  SER 29  29  29  SER SER A . n 
A 1 30  PHE 30  30  30  PHE PHE A . n 
A 1 31  THR 31  31  31  THR THR A . n 
A 1 32  THR 32  32  32  THR THR A . n 
A 1 33  ASP 33  33  33  ASP ASP A . n 
A 1 34  THR 34  34  34  THR THR A . n 
A 1 35  VAL 35  35  35  VAL VAL A . n 
A 1 36  PHE 36  36  36  PHE PHE A . n 
A 1 37  ARG 37  37  37  ARG ARG A . n 
A 1 38  VAL 38  38  38  VAL VAL A . n 
A 1 39  THR 39  39  39  THR THR A . n 
A 1 40  ALA 40  40  40  ALA ALA A . n 
A 1 41  THR 41  41  41  THR THR A . n 
A 1 42  GLY 42  42  42  GLY GLY A . n 
A 1 43  ASP 43  43  43  ASP ASP A . n 
A 1 44  GLY 44  44  44  GLY GLY A . n 
A 1 45  PHE 45  45  45  PHE PHE A . n 
A 1 46  THR 46  46  46  THR THR A . n 
A 1 47  LEU 47  47  47  LEU LEU A . n 
A 1 48  ARG 48  48  48  ARG ARG A . n 
A 1 49  GLU 49  49  49  GLU GLU A . n 
A 1 50  VAL 50  50  50  VAL VAL A . n 
A 1 51  PRO 51  51  51  PRO PRO A . n 
A 1 52  VAL 52  52  52  VAL VAL A . n 
A 1 53  ASP 53  53  53  ASP ASP A . n 
A 1 54  PRO 54  54  54  PRO PRO A . n 
A 1 55  PRO 55  55  55  PRO PRO A . n 
A 1 56  LEU 56  56  56  LEU LEU A . n 
A 1 57  THR 57  57  57  THR THR A . n 
A 1 58  LYS 58  58  58  LYS LYS A . n 
A 1 59  VAL 59  59  59  VAL VAL A . n 
A 1 60  PHE 60  60  60  PHE PHE A . n 
A 1 61  PRO 61  61  61  PRO PRO A . n 
A 1 62  ASP 62  62  62  ASP ASP A . n 
A 1 63  ASP 63  63  ?   ?   ?   A . n 
A 1 64  GLU 64  64  ?   ?   ?   A . n 
A 1 65  SER 65  65  ?   ?   ?   A . n 
A 1 66  ASP 66  66  ?   ?   ?   A . n 
A 1 67  ASP 67  67  ?   ?   ?   A . n 
A 1 68  GLU 68  68  ?   ?   ?   A . n 
A 1 69  SER 69  69  ?   ?   ?   A . n 
A 1 70  ASP 70  70  ?   ?   ?   A . n 
A 1 71  ASP 71  71  ?   ?   ?   A . n 
A 1 72  GLY 72  72  ?   ?   ?   A . n 
A 1 73  GLU 73  73  ?   ?   ?   A . n 
A 1 74  ASP 74  74  ?   ?   ?   A . n 
A 1 75  GLY 75  75  ?   ?   ?   A . n 
A 1 76  ASP 76  76  76  ASP ASP A . n 
A 1 77  PRO 77  77  77  PRO PRO A . n 
A 1 78  ASP 78  78  78  ASP ASP A . n 
A 1 79  SER 79  79  79  SER SER A . n 
A 1 80  ARG 80  80  80  ARG ARG A . n 
A 1 81  THR 81  81  81  THR THR A . n 
A 1 82  PHE 82  82  82  PHE PHE A . n 
A 1 83  VAL 83  83  83  VAL VAL A . n 
A 1 84  ALA 84  84  84  ALA ALA A . n 
A 1 85  TYR 85  85  85  TYR TYR A . n 
A 1 86  GLY 86  86  86  GLY GLY A . n 
A 1 87  ASP 87  87  87  ASP ASP A . n 
A 1 88  ASP 88  88  88  ASP ASP A . n 
A 1 89  GLY 89  89  89  GLY GLY A . n 
A 1 90  ASP 90  90  90  ASP ASP A . n 
A 1 91  LEU 91  91  91  LEU LEU A . n 
A 1 92  ALA 92  92  92  ALA ALA A . n 
A 1 93  GLY 93  93  93  GLY GLY A . n 
A 1 94  PHE 94  94  94  PHE PHE A . n 
A 1 95  VAL 95  95  95  VAL VAL A . n 
A 1 96  VAL 96  96  96  VAL VAL A . n 
A 1 97  VAL 97  97  97  VAL VAL A . n 
A 1 98  SER 98  98  98  SER SER A . n 
A 1 99  TYR 99  99  99  TYR TYR A . n 
A 1 100 SER 100 100 100 SER SER A . n 
A 1 101 GLY 101 101 101 GLY GLY A . n 
A 1 102 TRP 102 102 102 TRP TRP A . n 
A 1 103 ASN 103 103 103 ASN ASN A . n 
A 1 104 ARG 104 104 104 ARG ARG A . n 
A 1 105 ARG 105 105 105 ARG ARG A . n 
A 1 106 LEU 106 106 106 LEU LEU A . n 
A 1 107 THR 107 107 107 THR THR A . n 
A 1 108 VAL 108 108 108 VAL VAL A . n 
A 1 109 GLU 109 109 109 GLU GLU A . n 
A 1 110 ASP 110 110 110 ASP ASP A . n 
A 1 111 ILE 111 111 111 ILE ILE A . n 
A 1 112 GLU 112 112 112 GLU GLU A . n 
A 1 113 VAL 113 113 113 VAL VAL A . n 
A 1 114 ALA 114 114 114 ALA ALA A . n 
A 1 115 PRO 115 115 115 PRO PRO A . n 
A 1 116 GLU 116 116 116 GLU GLU A . n 
A 1 117 HIS 117 117 117 HIS HIS A . n 
A 1 118 ARG 118 118 118 ARG ARG A . n 
A 1 119 GLY 119 119 119 GLY GLY A . n 
A 1 120 HIS 120 120 120 HIS HIS A . n 
A 1 121 GLY 121 121 121 GLY GLY A . n 
A 1 122 VAL 122 122 122 VAL VAL A . n 
A 1 123 GLY 123 123 123 GLY GLY A . n 
A 1 124 ARG 124 124 124 ARG ARG A . n 
A 1 125 ALA 125 125 125 ALA ALA A . n 
A 1 126 LEU 126 126 126 LEU LEU A . n 
A 1 127 MSE 127 127 127 MSE MSE A . n 
A 1 128 GLY 128 128 128 GLY GLY A . n 
A 1 129 LEU 129 129 129 LEU LEU A . n 
A 1 130 ALA 130 130 130 ALA ALA A . n 
A 1 131 THR 131 131 131 THR THR A . n 
A 1 132 GLU 132 132 132 GLU GLU A . n 
A 1 133 PHE 133 133 133 PHE PHE A . n 
A 1 134 ALA 134 134 134 ALA ALA A . n 
A 1 135 ARG 135 135 135 ARG ARG A . n 
A 1 136 GLU 136 136 136 GLU GLU A . n 
A 1 137 ARG 137 137 137 ARG ARG A . n 
A 1 138 GLY 138 138 138 GLY GLY A . n 
A 1 139 ALA 139 139 139 ALA ALA A . n 
A 1 140 GLY 140 140 140 GLY GLY A . n 
A 1 141 HIS 141 141 141 HIS HIS A . n 
A 1 142 LEU 142 142 142 LEU LEU A . n 
A 1 143 TRP 143 143 143 TRP TRP A . n 
A 1 144 LEU 144 144 144 LEU LEU A . n 
A 1 145 GLU 145 145 145 GLU GLU A . n 
A 1 146 VAL 146 146 146 VAL VAL A . n 
A 1 147 THR 147 147 147 THR THR A . n 
A 1 148 ASN 148 148 148 ASN ASN A . n 
A 1 149 VAL 149 149 149 VAL VAL A . n 
A 1 150 ASN 150 150 150 ASN ASN A . n 
A 1 151 ALA 151 151 151 ALA ALA A . n 
A 1 152 PRO 152 152 152 PRO PRO A . n 
A 1 153 ALA 153 153 153 ALA ALA A . n 
A 1 154 ILE 154 154 154 ILE ILE A . n 
A 1 155 HIS 155 155 155 HIS HIS A . n 
A 1 156 ALA 156 156 156 ALA ALA A . n 
A 1 157 TYR 157 157 157 TYR TYR A . n 
A 1 158 ARG 158 158 158 ARG ARG A . n 
A 1 159 ARG 159 159 159 ARG ARG A . n 
A 1 160 MSE 160 160 160 MSE MSE A . n 
A 1 161 GLY 161 161 161 GLY GLY A . n 
A 1 162 PHE 162 162 162 PHE PHE A . n 
A 1 163 THR 163 163 163 THR THR A . n 
A 1 164 LEU 164 164 164 LEU LEU A . n 
A 1 165 CYS 165 165 165 CYS CYS A . n 
A 1 166 GLY 166 166 166 GLY GLY A . n 
A 1 167 LEU 167 167 167 LEU LEU A . n 
A 1 168 ASP 168 168 168 ASP ASP A . n 
A 1 169 THR 169 169 169 THR THR A . n 
A 1 170 ALA 170 170 170 ALA ALA A . n 
A 1 171 LEU 171 171 171 LEU LEU A . n 
A 1 172 TYR 172 172 172 TYR TYR A . n 
A 1 173 ASP 173 173 173 ASP ASP A . n 
A 1 174 GLY 174 174 174 GLY GLY A . n 
A 1 175 THR 175 175 175 THR THR A . n 
A 1 176 ALA 176 176 176 ALA ALA A . n 
A 1 177 SER 177 177 177 SER SER A . n 
A 1 178 ASP 178 178 178 ASP ASP A . n 
A 1 179 GLY 179 179 179 GLY GLY A . n 
A 1 180 GLU 180 180 180 GLU GLU A . n 
A 1 181 GLN 181 181 181 GLN GLN A . n 
A 1 182 ALA 182 182 182 ALA ALA A . n 
A 1 183 LEU 183 183 183 LEU LEU A . n 
A 1 184 TYR 184 184 184 TYR TYR A . n 
A 1 185 MSE 185 185 185 MSE MSE A . n 
A 1 186 SER 186 186 186 SER SER A . n 
A 1 187 MSE 187 187 187 MSE MSE A . n 
A 1 188 PRO 188 188 188 PRO PRO A . n 
A 1 189 CYS 189 189 189 CYS CYS A . n 
A 1 190 PRO 190 190 190 PRO PRO A . n 
# 
loop_
_pdbx_nonpoly_scheme.asym_id 
_pdbx_nonpoly_scheme.entity_id 
_pdbx_nonpoly_scheme.mon_id 
_pdbx_nonpoly_scheme.ndb_seq_num 
_pdbx_nonpoly_scheme.pdb_seq_num 
_pdbx_nonpoly_scheme.auth_seq_num 
_pdbx_nonpoly_scheme.pdb_mon_id 
_pdbx_nonpoly_scheme.auth_mon_id 
_pdbx_nonpoly_scheme.pdb_strand_id 
_pdbx_nonpoly_scheme.pdb_ins_code 
B 2 TAR 1  201 0  TAR TAR A . 
C 3 HOH 1  301 93 HOH HOH A . 
C 3 HOH 2  302 97 HOH HOH A . 
C 3 HOH 3  303 94 HOH HOH A . 
C 3 HOH 4  304 36 HOH HOH A . 
C 3 HOH 5  305 2  HOH HOH A . 
C 3 HOH 6  306 95 HOH HOH A . 
C 3 HOH 7  307 73 HOH HOH A . 
C 3 HOH 8  308 22 HOH HOH A . 
C 3 HOH 9  309 92 HOH HOH A . 
C 3 HOH 10 310 74 HOH HOH A . 
C 3 HOH 11 311 75 HOH HOH A . 
C 3 HOH 12 312 20 HOH HOH A . 
C 3 HOH 13 313 12 HOH HOH A . 
C 3 HOH 14 314 5  HOH HOH A . 
C 3 HOH 15 315 23 HOH HOH A . 
C 3 HOH 16 316 25 HOH HOH A . 
C 3 HOH 17 317 39 HOH HOH A . 
C 3 HOH 18 318 59 HOH HOH A . 
C 3 HOH 19 319 45 HOH HOH A . 
C 3 HOH 20 320 52 HOH HOH A . 
C 3 HOH 21 321 53 HOH HOH A . 
C 3 HOH 22 322 3  HOH HOH A . 
C 3 HOH 23 323 72 HOH HOH A . 
C 3 HOH 24 324 50 HOH HOH A . 
C 3 HOH 25 325 85 HOH HOH A . 
C 3 HOH 26 326 10 HOH HOH A . 
C 3 HOH 27 327 64 HOH HOH A . 
C 3 HOH 28 328 89 HOH HOH A . 
C 3 HOH 29 329 77 HOH HOH A . 
C 3 HOH 30 330 96 HOH HOH A . 
C 3 HOH 31 331 1  HOH HOH A . 
C 3 HOH 32 332 42 HOH HOH A . 
C 3 HOH 33 333 48 HOH HOH A . 
C 3 HOH 34 334 16 HOH HOH A . 
C 3 HOH 35 335 6  HOH HOH A . 
C 3 HOH 36 336 79 HOH HOH A . 
C 3 HOH 37 337 37 HOH HOH A . 
C 3 HOH 38 338 65 HOH HOH A . 
C 3 HOH 39 339 67 HOH HOH A . 
C 3 HOH 40 340 19 HOH HOH A . 
C 3 HOH 41 341 28 HOH HOH A . 
C 3 HOH 42 342 27 HOH HOH A . 
C 3 HOH 43 343 71 HOH HOH A . 
C 3 HOH 44 344 21 HOH HOH A . 
C 3 HOH 45 345 58 HOH HOH A . 
C 3 HOH 46 346 14 HOH HOH A . 
C 3 HOH 47 347 84 HOH HOH A . 
C 3 HOH 48 348 34 HOH HOH A . 
C 3 HOH 49 349 9  HOH HOH A . 
C 3 HOH 50 350 31 HOH HOH A . 
C 3 HOH 51 351 76 HOH HOH A . 
C 3 HOH 52 352 51 HOH HOH A . 
C 3 HOH 53 353 26 HOH HOH A . 
C 3 HOH 54 354 70 HOH HOH A . 
C 3 HOH 55 355 7  HOH HOH A . 
C 3 HOH 56 356 46 HOH HOH A . 
C 3 HOH 57 357 78 HOH HOH A . 
C 3 HOH 58 358 8  HOH HOH A . 
C 3 HOH 59 359 17 HOH HOH A . 
C 3 HOH 60 360 83 HOH HOH A . 
C 3 HOH 61 361 38 HOH HOH A . 
C 3 HOH 62 362 80 HOH HOH A . 
C 3 HOH 63 363 32 HOH HOH A . 
C 3 HOH 64 364 62 HOH HOH A . 
C 3 HOH 65 365 24 HOH HOH A . 
C 3 HOH 66 366 55 HOH HOH A . 
C 3 HOH 67 367 56 HOH HOH A . 
C 3 HOH 68 368 40 HOH HOH A . 
C 3 HOH 69 369 47 HOH HOH A . 
C 3 HOH 70 370 87 HOH HOH A . 
C 3 HOH 71 371 4  HOH HOH A . 
C 3 HOH 72 372 81 HOH HOH A . 
C 3 HOH 73 373 90 HOH HOH A . 
C 3 HOH 74 374 11 HOH HOH A . 
C 3 HOH 75 375 63 HOH HOH A . 
C 3 HOH 76 376 33 HOH HOH A . 
C 3 HOH 77 377 43 HOH HOH A . 
C 3 HOH 78 378 29 HOH HOH A . 
C 3 HOH 79 379 49 HOH HOH A . 
C 3 HOH 80 380 41 HOH HOH A . 
C 3 HOH 81 381 54 HOH HOH A . 
C 3 HOH 82 382 30 HOH HOH A . 
C 3 HOH 83 383 91 HOH HOH A . 
C 3 HOH 84 384 86 HOH HOH A . 
C 3 HOH 85 385 60 HOH HOH A . 
C 3 HOH 86 386 82 HOH HOH A . 
C 3 HOH 87 387 44 HOH HOH A . 
C 3 HOH 88 388 88 HOH HOH A . 
C 3 HOH 89 389 69 HOH HOH A . 
C 3 HOH 90 390 15 HOH HOH A . 
C 3 HOH 91 391 35 HOH HOH A . 
C 3 HOH 92 392 66 HOH HOH A . 
C 3 HOH 93 393 57 HOH HOH A . 
C 3 HOH 94 394 13 HOH HOH A . 
C 3 HOH 95 395 61 HOH HOH A . 
C 3 HOH 96 396 18 HOH HOH A . 
C 3 HOH 97 397 68 HOH HOH A . 
# 
loop_
_software.citation_id 
_software.classification 
_software.compiler_name 
_software.compiler_version 
_software.contact_author 
_software.contact_author_email 
_software.date 
_software.description 
_software.dependencies 
_software.hardware 
_software.language 
_software.location 
_software.mods 
_software.name 
_software.os 
_software.os_version 
_software.type 
_software.version 
_software.pdbx_ordinal 
? refinement       ? ? ? ? ? ? ? ? ? ? ? BUSTER  ? ? ? 2.10.2 1 
? 'data reduction' ? ? ? ? ? ? ? ? ? ? ? XDS     ? ? ? .      2 
? 'data scaling'   ? ? ? ? ? ? ? ? ? ? ? Aimless ? ? ? .      3 
? 'data scaling'   ? ? ? ? ? ? ? ? ? ? ? XDS     ? ? ? .      4 
? phasing          ? ? ? ? ? ? ? ? ? ? ? PHENIX  ? ? ? .      5 
# 
_cell.angle_alpha                  90.00 
_cell.angle_alpha_esd              ? 
_cell.angle_beta                   97.67 
_cell.angle_beta_esd               ? 
_cell.angle_gamma                  90.00 
_cell.angle_gamma_esd              ? 
_cell.entry_id                     5C82 
_cell.details                      ? 
_cell.formula_units_Z              ? 
_cell.length_a                     96.536 
_cell.length_a_esd                 ? 
_cell.length_b                     44.641 
_cell.length_b_esd                 ? 
_cell.length_c                     42.244 
_cell.length_c_esd                 ? 
_cell.volume                       ? 
_cell.volume_esd                   ? 
_cell.Z_PDB                        4 
_cell.reciprocal_angle_alpha       ? 
_cell.reciprocal_angle_beta        ? 
_cell.reciprocal_angle_gamma       ? 
_cell.reciprocal_angle_alpha_esd   ? 
_cell.reciprocal_angle_beta_esd    ? 
_cell.reciprocal_angle_gamma_esd   ? 
_cell.reciprocal_length_a          ? 
_cell.reciprocal_length_b          ? 
_cell.reciprocal_length_c          ? 
_cell.reciprocal_length_a_esd      ? 
_cell.reciprocal_length_b_esd      ? 
_cell.reciprocal_length_c_esd      ? 
_cell.pdbx_unique_axis             ? 
# 
_symmetry.entry_id                         5C82 
_symmetry.cell_setting                     ? 
_symmetry.Int_Tables_number                5 
_symmetry.space_group_name_Hall            ? 
_symmetry.space_group_name_H-M             'C 1 2 1' 
_symmetry.pdbx_full_space_group_name_H-M   ? 
# 
_exptl.absorpt_coefficient_mu     ? 
_exptl.absorpt_correction_T_max   ? 
_exptl.absorpt_correction_T_min   ? 
_exptl.absorpt_correction_type    ? 
_exptl.absorpt_process_details    ? 
_exptl.entry_id                   5C82 
_exptl.crystals_number            ? 
_exptl.details                    ? 
_exptl.method                     'X-RAY DIFFRACTION' 
_exptl.method_details             ? 
# 
_exptl_crystal.colour                      ? 
_exptl_crystal.density_diffrn              ? 
_exptl_crystal.density_Matthews            2.11 
_exptl_crystal.density_method              ? 
_exptl_crystal.density_percent_sol         41.75 
_exptl_crystal.description                 'THE ENTRY CONTAINS FRIEDEL PAIRS IN F_PLUS/MINUS COLUMNS.' 
_exptl_crystal.F_000                       ? 
_exptl_crystal.id                          1 
_exptl_crystal.preparation                 ? 
_exptl_crystal.size_max                    ? 
_exptl_crystal.size_mid                    ? 
_exptl_crystal.size_min                    ? 
_exptl_crystal.size_rad                    ? 
_exptl_crystal.colour_lustre               ? 
_exptl_crystal.colour_modifier             ? 
_exptl_crystal.colour_primary              ? 
_exptl_crystal.density_meas                ? 
_exptl_crystal.density_meas_esd            ? 
_exptl_crystal.density_meas_gt             ? 
_exptl_crystal.density_meas_lt             ? 
_exptl_crystal.density_meas_temp           ? 
_exptl_crystal.density_meas_temp_esd       ? 
_exptl_crystal.density_meas_temp_gt        ? 
_exptl_crystal.density_meas_temp_lt        ? 
_exptl_crystal.pdbx_crystal_image_url      ? 
_exptl_crystal.pdbx_crystal_image_format   ? 
_exptl_crystal.pdbx_mosaicity              ? 
_exptl_crystal.pdbx_mosaicity_esd          ? 
# 
_exptl_crystal_grow.apparatus       ? 
_exptl_crystal_grow.atmosphere      ? 
_exptl_crystal_grow.crystal_id      1 
_exptl_crystal_grow.details         ? 
_exptl_crystal_grow.method          'VAPOR DIFFUSION, SITTING DROP' 
_exptl_crystal_grow.method_ref      ? 
_exptl_crystal_grow.pH              8.5 
_exptl_crystal_grow.pressure        ? 
_exptl_crystal_grow.pressure_esd    ? 
_exptl_crystal_grow.seeding         ? 
_exptl_crystal_grow.seeding_ref     ? 
_exptl_crystal_grow.temp            297.15 
_exptl_crystal_grow.temp_details    ? 
_exptl_crystal_grow.temp_esd        ? 
_exptl_crystal_grow.time            ? 
_exptl_crystal_grow.pdbx_details    
;0.1 M Carboxylic acids (0.2M Sodium formate; 0.2M Ammonium acetate; 0.2M Sodium citrate
tribasic dihydrate; 0.2M Sodium potassium tartrate tetrahydrate;
0.2M Sodium oxamate), 0.1 M Buffer System 3(Tris base; BICINE) 8.5, 50 % v/v Precipitant Mix 4(25% v/v MPD; 25% PEG 1000; 25% w/v PEG 3350)
;
_exptl_crystal_grow.pdbx_pH_range   ? 
# 
_diffrn.ambient_environment    ? 
_diffrn.ambient_temp           100 
_diffrn.ambient_temp_details   ? 
_diffrn.ambient_temp_esd       ? 
_diffrn.crystal_id             1 
_diffrn.crystal_support        ? 
_diffrn.crystal_treatment      ? 
_diffrn.details                ? 
_diffrn.id                     1 
_diffrn.ambient_pressure       ? 
_diffrn.ambient_pressure_esd   ? 
_diffrn.ambient_pressure_gt    ? 
_diffrn.ambient_pressure_lt    ? 
_diffrn.ambient_temp_gt        ? 
_diffrn.ambient_temp_lt        ? 
# 
_diffrn_detector.details                      ? 
_diffrn_detector.detector                     CCD 
_diffrn_detector.diffrn_id                    1 
_diffrn_detector.type                         'RAYONIX MX-225' 
_diffrn_detector.area_resol_mean              ? 
_diffrn_detector.dtime                        ? 
_diffrn_detector.pdbx_frames_total            ? 
_diffrn_detector.pdbx_collection_time_total   ? 
_diffrn_detector.pdbx_collection_date         2015-06-09 
# 
_diffrn_radiation.collimation                      ? 
_diffrn_radiation.diffrn_id                        1 
_diffrn_radiation.filter_edge                      ? 
_diffrn_radiation.inhomogeneity                    ? 
_diffrn_radiation.monochromator                    'Si (111) and Si (220) Double crystal monochromato' 
_diffrn_radiation.polarisn_norm                    ? 
_diffrn_radiation.polarisn_ratio                   ? 
_diffrn_radiation.probe                            ? 
_diffrn_radiation.type                             ? 
_diffrn_radiation.xray_symbol                      ? 
_diffrn_radiation.wavelength_id                    1 
_diffrn_radiation.pdbx_monochromatic_or_laue_m_l   M 
_diffrn_radiation.pdbx_wavelength_list             ? 
_diffrn_radiation.pdbx_wavelength                  ? 
_diffrn_radiation.pdbx_diffrn_protocol             'SINGLE WAVELENGTH' 
_diffrn_radiation.pdbx_analyzer                    ? 
_diffrn_radiation.pdbx_scattering_type             x-ray 
# 
_diffrn_radiation_wavelength.id           1 
_diffrn_radiation_wavelength.wavelength   0.978690 
_diffrn_radiation_wavelength.wt           1.0 
# 
_diffrn_source.current                     ? 
_diffrn_source.details                     ? 
_diffrn_source.diffrn_id                   1 
_diffrn_source.power                       ? 
_diffrn_source.size                        ? 
_diffrn_source.source                      SYNCHROTRON 
_diffrn_source.target                      ? 
_diffrn_source.type                        'RRCAT INDUS-2 BEAMLINE PX-BL21' 
_diffrn_source.voltage                     ? 
_diffrn_source.take-off_angle              ? 
_diffrn_source.pdbx_wavelength_list        0.978690 
_diffrn_source.pdbx_wavelength             ? 
_diffrn_source.pdbx_synchrotron_beamline   PX-BL21 
_diffrn_source.pdbx_synchrotron_site       'RRCAT INDUS-2' 
# 
_reflns.B_iso_Wilson_estimate            29.45 
_reflns.entry_id                         5C82 
_reflns.data_reduction_details           ? 
_reflns.data_reduction_method            ? 
_reflns.d_resolution_high                2.2 
_reflns.d_resolution_low                 33.82 
_reflns.details                          ? 
_reflns.limit_h_max                      ? 
_reflns.limit_h_min                      ? 
_reflns.limit_k_max                      ? 
_reflns.limit_k_min                      ? 
_reflns.limit_l_max                      ? 
_reflns.limit_l_min                      ? 
_reflns.number_all                       ? 
_reflns.number_obs                       9075 
_reflns.observed_criterion               ? 
_reflns.observed_criterion_F_max         ? 
_reflns.observed_criterion_F_min         ? 
_reflns.observed_criterion_I_max         ? 
_reflns.observed_criterion_I_min         ? 
_reflns.observed_criterion_sigma_F       ? 
_reflns.observed_criterion_sigma_I       ? 
_reflns.percent_possible_obs             98.7 
_reflns.R_free_details                   ? 
_reflns.Rmerge_F_all                     ? 
_reflns.Rmerge_F_obs                     ? 
_reflns.Friedel_coverage                 ? 
_reflns.number_gt                        ? 
_reflns.threshold_expression             ? 
_reflns.pdbx_redundancy                  7.2 
_reflns.pdbx_Rmerge_I_obs                0.091 
_reflns.pdbx_Rmerge_I_all                ? 
_reflns.pdbx_Rsym_value                  ? 
_reflns.pdbx_netI_over_av_sigmaI         ? 
_reflns.pdbx_netI_over_sigmaI            21.4 
_reflns.pdbx_res_netI_over_av_sigmaI_2   ? 
_reflns.pdbx_res_netI_over_sigmaI_2      ? 
_reflns.pdbx_chi_squared                 ? 
_reflns.pdbx_scaling_rejects             ? 
_reflns.pdbx_d_res_high_opt              ? 
_reflns.pdbx_d_res_low_opt               ? 
_reflns.pdbx_d_res_opt_method            ? 
_reflns.phase_calculation_details        ? 
_reflns.pdbx_Rrim_I_all                  ? 
_reflns.pdbx_Rpim_I_all                  ? 
_reflns.pdbx_d_opt                       ? 
_reflns.pdbx_number_measured_all         ? 
_reflns.pdbx_diffrn_id                   1 
_reflns.pdbx_ordinal                     1 
_reflns.pdbx_CC_half                     ? 
_reflns.pdbx_R_split                     ? 
# 
_reflns_shell.d_res_high                  2.2 
_reflns_shell.d_res_low                   2.27 
_reflns_shell.meanI_over_sigI_all         ? 
_reflns_shell.meanI_over_sigI_obs         ? 
_reflns_shell.number_measured_all         ? 
_reflns_shell.number_measured_obs         ? 
_reflns_shell.number_possible             ? 
_reflns_shell.number_unique_all           ? 
_reflns_shell.number_unique_obs           ? 
_reflns_shell.percent_possible_all        90.8 
_reflns_shell.percent_possible_obs        ? 
_reflns_shell.Rmerge_F_all                ? 
_reflns_shell.Rmerge_F_obs                ? 
_reflns_shell.Rmerge_I_all                ? 
_reflns_shell.Rmerge_I_obs                0.341 
_reflns_shell.meanI_over_sigI_gt          ? 
_reflns_shell.meanI_over_uI_all           ? 
_reflns_shell.meanI_over_uI_gt            ? 
_reflns_shell.number_measured_gt          ? 
_reflns_shell.number_unique_gt            ? 
_reflns_shell.percent_possible_gt         ? 
_reflns_shell.Rmerge_F_gt                 ? 
_reflns_shell.Rmerge_I_gt                 ? 
_reflns_shell.pdbx_redundancy             5.1 
_reflns_shell.pdbx_Rsym_value             ? 
_reflns_shell.pdbx_chi_squared            ? 
_reflns_shell.pdbx_netI_over_sigmaI_all   ? 
_reflns_shell.pdbx_netI_over_sigmaI_obs   ? 
_reflns_shell.pdbx_Rrim_I_all             ? 
_reflns_shell.pdbx_Rpim_I_all             ? 
_reflns_shell.pdbx_rejects                ? 
_reflns_shell.pdbx_ordinal                1 
_reflns_shell.pdbx_diffrn_id              1 
_reflns_shell.pdbx_CC_half                ? 
_reflns_shell.pdbx_R_split                ? 
# 
_refine.aniso_B[1][1]                            6.3899 
_refine.aniso_B[1][2]                            0.0000 
_refine.aniso_B[1][3]                            2.5328 
_refine.aniso_B[2][2]                            -1.7618 
_refine.aniso_B[2][3]                            0.0000 
_refine.aniso_B[3][3]                            -4.6281 
_refine.B_iso_max                                ? 
_refine.B_iso_mean                               29.43 
_refine.B_iso_min                                ? 
_refine.correlation_coeff_Fo_to_Fc               0.9328 
_refine.correlation_coeff_Fo_to_Fc_free          0.9031 
_refine.details                                  'SF FILE CONTAINS FRIEDEL PAIRS UNDER I/F_MINUS AND I/F_PLUS COLUMNS.' 
_refine.diff_density_max                         ? 
_refine.diff_density_max_esd                     ? 
_refine.diff_density_min                         ? 
_refine.diff_density_min_esd                     ? 
_refine.diff_density_rms                         ? 
_refine.diff_density_rms_esd                     ? 
_refine.entry_id                                 5C82 
_refine.pdbx_refine_id                           'X-RAY DIFFRACTION' 
_refine.ls_abs_structure_details                 ? 
_refine.ls_abs_structure_Flack                   ? 
_refine.ls_abs_structure_Flack_esd               ? 
_refine.ls_abs_structure_Rogers                  ? 
_refine.ls_abs_structure_Rogers_esd              ? 
_refine.ls_d_res_high                            2.20 
_refine.ls_d_res_low                             15.28 
_refine.ls_extinction_coef                       ? 
_refine.ls_extinction_coef_esd                   ? 
_refine.ls_extinction_expression                 ? 
_refine.ls_extinction_method                     ? 
_refine.ls_goodness_of_fit_all                   ? 
_refine.ls_goodness_of_fit_all_esd               ? 
_refine.ls_goodness_of_fit_obs                   ? 
_refine.ls_goodness_of_fit_obs_esd               ? 
_refine.ls_hydrogen_treatment                    ? 
_refine.ls_matrix_type                           ? 
_refine.ls_number_constraints                    ? 
_refine.ls_number_parameters                     ? 
_refine.ls_number_reflns_all                     ? 
_refine.ls_number_reflns_obs                     9046 
_refine.ls_number_reflns_R_free                  465 
_refine.ls_number_reflns_R_work                  ? 
_refine.ls_number_restraints                     ? 
_refine.ls_percent_reflns_obs                    98.69 
_refine.ls_percent_reflns_R_free                 5.14 
_refine.ls_R_factor_all                          ? 
_refine.ls_R_factor_obs                          0.1829 
_refine.ls_R_factor_R_free                       0.2239 
_refine.ls_R_factor_R_free_error                 ? 
_refine.ls_R_factor_R_free_error_details         ? 
_refine.ls_R_factor_R_work                       0.1807 
_refine.ls_R_Fsqd_factor_obs                     ? 
_refine.ls_R_I_factor_obs                        ? 
_refine.ls_redundancy_reflns_all                 ? 
_refine.ls_redundancy_reflns_obs                 ? 
_refine.ls_restrained_S_all                      ? 
_refine.ls_restrained_S_obs                      ? 
_refine.ls_shift_over_esd_max                    ? 
_refine.ls_shift_over_esd_mean                   ? 
_refine.ls_structure_factor_coef                 ? 
_refine.ls_weighting_details                     ? 
_refine.ls_weighting_scheme                      ? 
_refine.ls_wR_factor_all                         ? 
_refine.ls_wR_factor_obs                         ? 
_refine.ls_wR_factor_R_free                      ? 
_refine.ls_wR_factor_R_work                      ? 
_refine.occupancy_max                            ? 
_refine.occupancy_min                            ? 
_refine.solvent_model_details                    ? 
_refine.solvent_model_param_bsol                 ? 
_refine.solvent_model_param_ksol                 ? 
_refine.ls_R_factor_gt                           ? 
_refine.ls_goodness_of_fit_gt                    ? 
_refine.ls_goodness_of_fit_ref                   ? 
_refine.ls_shift_over_su_max                     ? 
_refine.ls_shift_over_su_max_lt                  ? 
_refine.ls_shift_over_su_mean                    ? 
_refine.ls_shift_over_su_mean_lt                 ? 
_refine.pdbx_ls_sigma_I                          ? 
_refine.pdbx_ls_sigma_F                          0.0 
_refine.pdbx_ls_sigma_Fsqd                       ? 
_refine.pdbx_data_cutoff_high_absF               ? 
_refine.pdbx_data_cutoff_high_rms_absF           ? 
_refine.pdbx_data_cutoff_low_absF                ? 
_refine.pdbx_isotropic_thermal_model             ? 
_refine.pdbx_ls_cross_valid_method               THROUGHOUT 
_refine.pdbx_method_to_determine_struct          SAD 
_refine.pdbx_starting_model                      ? 
_refine.pdbx_stereochemistry_target_values       ? 
_refine.pdbx_R_Free_selection_details            RANDOM 
_refine.pdbx_stereochem_target_val_spec_case     ? 
_refine.pdbx_overall_ESU_R                       ? 
_refine.pdbx_overall_ESU_R_Free                  ? 
_refine.pdbx_solvent_vdw_probe_radii             ? 
_refine.pdbx_solvent_ion_probe_radii             ? 
_refine.pdbx_solvent_shrinkage_radii             ? 
_refine.pdbx_real_space_R                        ? 
_refine.pdbx_density_correlation                 ? 
_refine.pdbx_pd_number_of_powder_patterns        ? 
_refine.pdbx_pd_number_of_points                 ? 
_refine.pdbx_pd_meas_number_of_points            ? 
_refine.pdbx_pd_proc_ls_prof_R_factor            ? 
_refine.pdbx_pd_proc_ls_prof_wR_factor           ? 
_refine.pdbx_pd_Marquardt_correlation_coeff      ? 
_refine.pdbx_pd_Fsqrd_R_factor                   ? 
_refine.pdbx_pd_ls_matrix_band_width             ? 
_refine.pdbx_overall_phase_error                 ? 
_refine.pdbx_overall_SU_R_free_Cruickshank_DPI   0.195 
_refine.pdbx_overall_SU_R_free_Blow_DPI          0.196 
_refine.pdbx_overall_SU_R_Blow_DPI               0.269 
_refine.pdbx_TLS_residual_ADP_flag               ? 
_refine.pdbx_diffrn_id                           1 
_refine.overall_SU_B                             ? 
_refine.overall_SU_ML                            ? 
_refine.overall_SU_R_Cruickshank_DPI             0.257 
_refine.overall_SU_R_free                        ? 
_refine.overall_FOM_free_R_set                   ? 
_refine.overall_FOM_work_R_set                   ? 
_refine.pdbx_average_fsc_overall                 ? 
_refine.pdbx_average_fsc_work                    ? 
_refine.pdbx_average_fsc_free                    ? 
# 
_refine_analyze.entry_id                        5C82 
_refine_analyze.pdbx_refine_id                  'X-RAY DIFFRACTION' 
_refine_analyze.Luzzati_coordinate_error_free   ? 
_refine_analyze.Luzzati_coordinate_error_obs    0.269 
_refine_analyze.Luzzati_d_res_low_free          ? 
_refine_analyze.Luzzati_d_res_low_obs           ? 
_refine_analyze.Luzzati_sigma_a_free            ? 
_refine_analyze.Luzzati_sigma_a_free_details    ? 
_refine_analyze.Luzzati_sigma_a_obs             ? 
_refine_analyze.Luzzati_sigma_a_obs_details     ? 
_refine_analyze.number_disordered_residues      ? 
_refine_analyze.occupancy_sum_hydrogen          ? 
_refine_analyze.occupancy_sum_non_hydrogen      ? 
_refine_analyze.RG_d_res_high                   ? 
_refine_analyze.RG_d_res_low                    ? 
_refine_analyze.RG_free                         ? 
_refine_analyze.RG_work                         ? 
_refine_analyze.RG_free_work_ratio              ? 
_refine_analyze.pdbx_Luzzati_d_res_high_obs     ? 
# 
_refine_hist.pdbx_refine_id                   'X-RAY DIFFRACTION' 
_refine_hist.cycle_id                         1 
_refine_hist.pdbx_number_atoms_protein        1306 
_refine_hist.pdbx_number_atoms_nucleic_acid   0 
_refine_hist.pdbx_number_atoms_ligand         10 
_refine_hist.number_atoms_solvent             97 
_refine_hist.number_atoms_total               1413 
_refine_hist.d_res_high                       2.20 
_refine_hist.d_res_low                        15.28 
# 
loop_
_refine_ls_restr.pdbx_refine_id 
_refine_ls_restr.criterion 
_refine_ls_restr.dev_ideal 
_refine_ls_restr.dev_ideal_target 
_refine_ls_restr.number 
_refine_ls_restr.rejects 
_refine_ls_restr.type 
_refine_ls_restr.weight 
_refine_ls_restr.pdbx_restraint_function 
'X-RAY DIFFRACTION' ? 0.010 ? 1347 ? t_bond_d                  2.00  HARMONIC     
'X-RAY DIFFRACTION' ? 1.00  ? 1837 ? t_angle_deg               2.00  HARMONIC     
'X-RAY DIFFRACTION' ? ?     ? 440  ? t_dihedral_angle_d        2.00  SINUSOIDAL   
'X-RAY DIFFRACTION' ? ?     ? ?    ? t_incorr_chiral_ct        ?     ?            
'X-RAY DIFFRACTION' ? ?     ? ?    ? t_pseud_angle             ?     ?            
'X-RAY DIFFRACTION' ? ?     ? 30   ? t_trig_c_planes           2.00  HARMONIC     
'X-RAY DIFFRACTION' ? ?     ? 208  ? t_gen_planes              5.00  HARMONIC     
'X-RAY DIFFRACTION' ? ?     ? 1347 ? t_it                      20.00 HARMONIC     
'X-RAY DIFFRACTION' ? ?     ? ?    ? t_nbd                     ?     ?            
'X-RAY DIFFRACTION' ? 2.98  ? ?    ? t_omega_torsion           ?     ?            
'X-RAY DIFFRACTION' ? 19.50 ? ?    ? t_other_torsion           ?     ?            
'X-RAY DIFFRACTION' ? ?     ? ?    ? t_improper_torsion        ?     ?            
'X-RAY DIFFRACTION' ? ?     ? 174  ? t_chiral_improper_torsion 5.00  SEMIHARMONIC 
'X-RAY DIFFRACTION' ? ?     ? ?    ? t_sum_occupancies         ?     ?            
'X-RAY DIFFRACTION' ? ?     ? ?    ? t_utility_distance        ?     ?            
'X-RAY DIFFRACTION' ? ?     ? ?    ? t_utility_angle           ?     ?            
'X-RAY DIFFRACTION' ? ?     ? ?    ? t_utility_torsion         ?     ?            
'X-RAY DIFFRACTION' ? ?     ? 1591 ? t_ideal_dist_contact      4.00  SEMIHARMONIC 
# 
_refine_ls_shell.pdbx_refine_id                   'X-RAY DIFFRACTION' 
_refine_ls_shell.d_res_high                       2.20 
_refine_ls_shell.d_res_low                        2.46 
_refine_ls_shell.number_reflns_all                2460 
_refine_ls_shell.number_reflns_obs                ? 
_refine_ls_shell.number_reflns_R_free             126 
_refine_ls_shell.number_reflns_R_work             2334 
_refine_ls_shell.percent_reflns_obs               95.34 
_refine_ls_shell.percent_reflns_R_free            5.12 
_refine_ls_shell.R_factor_all                     0.1886 
_refine_ls_shell.R_factor_obs                     ? 
_refine_ls_shell.R_factor_R_free                  0.2532 
_refine_ls_shell.R_factor_R_free_error            ? 
_refine_ls_shell.R_factor_R_work                  0.1852 
_refine_ls_shell.redundancy_reflns_all            ? 
_refine_ls_shell.redundancy_reflns_obs            ? 
_refine_ls_shell.wR_factor_all                    ? 
_refine_ls_shell.wR_factor_obs                    ? 
_refine_ls_shell.wR_factor_R_free                 ? 
_refine_ls_shell.wR_factor_R_work                 ? 
_refine_ls_shell.pdbx_total_number_of_bins_used   5 
_refine_ls_shell.pdbx_phase_error                 ? 
_refine_ls_shell.pdbx_fsc_work                    ? 
_refine_ls_shell.pdbx_fsc_free                    ? 
# 
_struct.entry_id                     5C82 
_struct.title                        'Crystal structure of Nourseothricin acetyltransferase' 
_struct.pdbx_model_details           ? 
_struct.pdbx_formula_weight          ? 
_struct.pdbx_formula_weight_method   ? 
_struct.pdbx_model_type_details      ? 
_struct.pdbx_CASP_flag               ? 
# 
_struct_keywords.entry_id        5C82 
_struct_keywords.text            'Acettyl transferase, antibiotic ressistance, Se-Met SAD, TRANSFERASE' 
_struct_keywords.pdbx_keywords   TRANSFERASE 
# 
loop_
_struct_asym.id 
_struct_asym.pdbx_blank_PDB_chainid_flag 
_struct_asym.pdbx_modified 
_struct_asym.entity_id 
_struct_asym.details 
A N N 1 ? 
B N N 2 ? 
C N N 3 ? 
# 
_struct_ref.id                         1 
_struct_ref.db_name                    UNP 
_struct_ref.db_code                    Q08414_STRNR 
_struct_ref.pdbx_db_accession          Q08414 
_struct_ref.pdbx_db_isoform            ? 
_struct_ref.entity_id                  1 
_struct_ref.pdbx_seq_one_letter_code   
;MTTLDDTAYRYRTSVPGDAEAIEALDGSFTTDTVFRVTATGDGFTLREVPVDPPLTKVFPDDESDDESDAGEDGDPDSRT
FVAYGDDGDLAGFVVVSYSGWNRRLTVEDIEVAPEHRGHGVGRALMGLATEFARERGAGHLWLEVTNVNAPAIHAYRRMG
FTLCGLDTALYDGTASDGEQALYMSMPCP
;
_struct_ref.pdbx_align_begin           1 
# 
_struct_ref_seq.align_id                      1 
_struct_ref_seq.ref_id                        1 
_struct_ref_seq.pdbx_PDB_id_code              5C82 
_struct_ref_seq.pdbx_strand_id                A 
_struct_ref_seq.seq_align_beg                 2 
_struct_ref_seq.pdbx_seq_align_beg_ins_code   ? 
_struct_ref_seq.seq_align_end                 190 
_struct_ref_seq.pdbx_seq_align_end_ins_code   ? 
_struct_ref_seq.pdbx_db_accession             Q08414 
_struct_ref_seq.db_align_beg                  1 
_struct_ref_seq.pdbx_db_align_beg_ins_code    ? 
_struct_ref_seq.db_align_end                  189 
_struct_ref_seq.pdbx_db_align_end_ins_code    ? 
_struct_ref_seq.pdbx_auth_seq_align_beg       2 
_struct_ref_seq.pdbx_auth_seq_align_end       190 
# 
loop_
_struct_ref_seq_dif.align_id 
_struct_ref_seq_dif.pdbx_pdb_id_code 
_struct_ref_seq_dif.mon_id 
_struct_ref_seq_dif.pdbx_pdb_strand_id 
_struct_ref_seq_dif.seq_num 
_struct_ref_seq_dif.pdbx_pdb_ins_code 
_struct_ref_seq_dif.pdbx_seq_db_name 
_struct_ref_seq_dif.pdbx_seq_db_accession_code 
_struct_ref_seq_dif.db_mon_id 
_struct_ref_seq_dif.pdbx_seq_db_seq_num 
_struct_ref_seq_dif.details 
_struct_ref_seq_dif.pdbx_auth_seq_num 
_struct_ref_seq_dif.pdbx_ordinal 
1 5C82 MSE A 1  ? UNP Q08414 ?   ?  'initiating methionine' 1  1 
1 5C82 GLY A 2  ? UNP Q08414 MET 1  insertion               2  2 
1 5C82 ASP A 71 ? UNP Q08414 ALA 70 'engineered mutation'   71 3 
# 
_pdbx_struct_assembly.id                   1 
_pdbx_struct_assembly.details              author_and_software_defined_assembly 
_pdbx_struct_assembly.method_details       PISA 
_pdbx_struct_assembly.oligomeric_details   dimeric 
_pdbx_struct_assembly.oligomeric_count     2 
# 
loop_
_pdbx_struct_assembly_prop.biol_id 
_pdbx_struct_assembly_prop.type 
_pdbx_struct_assembly_prop.value 
_pdbx_struct_assembly_prop.details 
1 'ABSA (A^2)' 2720  ? 
1 MORE         -8    ? 
1 'SSA (A^2)'  16740 ? 
# 
_pdbx_struct_assembly_gen.assembly_id       1 
_pdbx_struct_assembly_gen.oper_expression   1,2 
_pdbx_struct_assembly_gen.asym_id_list      A,B,C 
# 
loop_
_pdbx_struct_oper_list.id 
_pdbx_struct_oper_list.type 
_pdbx_struct_oper_list.name 
_pdbx_struct_oper_list.symmetry_operation 
_pdbx_struct_oper_list.matrix[1][1] 
_pdbx_struct_oper_list.matrix[1][2] 
_pdbx_struct_oper_list.matrix[1][3] 
_pdbx_struct_oper_list.vector[1] 
_pdbx_struct_oper_list.matrix[2][1] 
_pdbx_struct_oper_list.matrix[2][2] 
_pdbx_struct_oper_list.matrix[2][3] 
_pdbx_struct_oper_list.vector[2] 
_pdbx_struct_oper_list.matrix[3][1] 
_pdbx_struct_oper_list.matrix[3][2] 
_pdbx_struct_oper_list.matrix[3][3] 
_pdbx_struct_oper_list.vector[3] 
1 'identity operation'         1_555 x,y,z     1.0000000000  0.0000000000 0.0000000000 0.0000000000  0.0000000000 1.0000000000  0.0000000000 0.0000000000  0.0000000000 0.0000000000 1.0000000000 0.0000000000  
2 'crystal symmetry operation' 2_655 -x+1,y,-z -0.9675658951 0.0678350435 0.2433405957 -9.4945679249 0.0678350435 -0.8581248615 0.5089402017 27.0539250866 0.2433405957 0.5089402017 0.8256907566 -6.2762087366 
# 
loop_
_struct_conf.conf_type_id 
_struct_conf.id 
_struct_conf.pdbx_PDB_helix_id 
_struct_conf.beg_label_comp_id 
_struct_conf.beg_label_asym_id 
_struct_conf.beg_label_seq_id 
_struct_conf.pdbx_beg_PDB_ins_code 
_struct_conf.end_label_comp_id 
_struct_conf.end_label_asym_id 
_struct_conf.end_label_seq_id 
_struct_conf.pdbx_end_PDB_ins_code 
_struct_conf.beg_auth_comp_id 
_struct_conf.beg_auth_asym_id 
_struct_conf.beg_auth_seq_id 
_struct_conf.end_auth_comp_id 
_struct_conf.end_auth_asym_id 
_struct_conf.end_auth_seq_id 
_struct_conf.pdbx_PDB_helix_class 
_struct_conf.details 
_struct_conf.pdbx_PDB_helix_length 
HELX_P HELX_P1 AA1 VAL A 16  ? GLY A 18  ? VAL A 16  GLY A 18  5 ? 3  
HELX_P HELX_P2 AA2 ASP A 19  ? LEU A 26  ? ASP A 19  LEU A 26  1 ? 8  
HELX_P HELX_P3 AA3 PRO A 115 ? ARG A 118 ? PRO A 115 ARG A 118 5 ? 4  
HELX_P HELX_P4 AA4 GLY A 121 ? GLY A 138 ? GLY A 121 GLY A 138 1 ? 18 
HELX_P HELX_P5 AA5 ASN A 150 ? ARG A 159 ? ASN A 150 ARG A 159 1 ? 10 
# 
_struct_conf_type.id          HELX_P 
_struct_conf_type.criteria    ? 
_struct_conf_type.reference   ? 
# 
loop_
_struct_conn.id 
_struct_conn.conn_type_id 
_struct_conn.pdbx_leaving_atom_flag 
_struct_conn.pdbx_PDB_id 
_struct_conn.ptnr1_label_asym_id 
_struct_conn.ptnr1_label_comp_id 
_struct_conn.ptnr1_label_seq_id 
_struct_conn.ptnr1_label_atom_id 
_struct_conn.pdbx_ptnr1_label_alt_id 
_struct_conn.pdbx_ptnr1_PDB_ins_code 
_struct_conn.pdbx_ptnr1_standard_comp_id 
_struct_conn.ptnr1_symmetry 
_struct_conn.ptnr2_label_asym_id 
_struct_conn.ptnr2_label_comp_id 
_struct_conn.ptnr2_label_seq_id 
_struct_conn.ptnr2_label_atom_id 
_struct_conn.pdbx_ptnr2_label_alt_id 
_struct_conn.pdbx_ptnr2_PDB_ins_code 
_struct_conn.ptnr1_auth_asym_id 
_struct_conn.ptnr1_auth_comp_id 
_struct_conn.ptnr1_auth_seq_id 
_struct_conn.ptnr2_auth_asym_id 
_struct_conn.ptnr2_auth_comp_id 
_struct_conn.ptnr2_auth_seq_id 
_struct_conn.ptnr2_symmetry 
_struct_conn.pdbx_ptnr3_label_atom_id 
_struct_conn.pdbx_ptnr3_label_seq_id 
_struct_conn.pdbx_ptnr3_label_comp_id 
_struct_conn.pdbx_ptnr3_label_asym_id 
_struct_conn.pdbx_ptnr3_label_alt_id 
_struct_conn.pdbx_ptnr3_PDB_ins_code 
_struct_conn.details 
_struct_conn.pdbx_dist_value 
_struct_conn.pdbx_value_order 
_struct_conn.pdbx_role 
covale1 covale both ? A LEU 126 C ? ? ? 1_555 A MSE 127 N ? ? A LEU 126 A MSE 127 1_555 ? ? ? ? ? ? ? 1.354 ? ? 
covale2 covale both ? A MSE 127 C ? ? ? 1_555 A GLY 128 N ? ? A MSE 127 A GLY 128 1_555 ? ? ? ? ? ? ? 1.337 ? ? 
covale3 covale both ? A ARG 159 C ? ? ? 1_555 A MSE 160 N ? ? A ARG 159 A MSE 160 1_555 ? ? ? ? ? ? ? 1.333 ? ? 
covale4 covale both ? A MSE 160 C ? ? ? 1_555 A GLY 161 N ? ? A MSE 160 A GLY 161 1_555 ? ? ? ? ? ? ? 1.336 ? ? 
covale5 covale both ? A TYR 184 C ? ? ? 1_555 A MSE 185 N ? ? A TYR 184 A MSE 185 1_555 ? ? ? ? ? ? ? 1.353 ? ? 
covale6 covale both ? A MSE 185 C ? ? ? 1_555 A SER 186 N ? ? A MSE 185 A SER 186 1_555 ? ? ? ? ? ? ? 1.322 ? ? 
covale7 covale both ? A SER 186 C ? ? ? 1_555 A MSE 187 N ? ? A SER 186 A MSE 187 1_555 ? ? ? ? ? ? ? 1.334 ? ? 
covale8 covale both ? A MSE 187 C ? ? ? 1_555 A PRO 188 N ? ? A MSE 187 A PRO 188 1_555 ? ? ? ? ? ? ? 1.364 ? ? 
# 
_struct_conn_type.id          covale 
_struct_conn_type.criteria    ? 
_struct_conn_type.reference   ? 
# 
loop_
_pdbx_modification_feature.ordinal 
_pdbx_modification_feature.label_comp_id 
_pdbx_modification_feature.label_asym_id 
_pdbx_modification_feature.label_seq_id 
_pdbx_modification_feature.label_alt_id 
_pdbx_modification_feature.modified_residue_label_comp_id 
_pdbx_modification_feature.modified_residue_label_asym_id 
_pdbx_modification_feature.modified_residue_label_seq_id 
_pdbx_modification_feature.modified_residue_label_alt_id 
_pdbx_modification_feature.auth_comp_id 
_pdbx_modification_feature.auth_asym_id 
_pdbx_modification_feature.auth_seq_id 
_pdbx_modification_feature.PDB_ins_code 
_pdbx_modification_feature.symmetry 
_pdbx_modification_feature.modified_residue_auth_comp_id 
_pdbx_modification_feature.modified_residue_auth_asym_id 
_pdbx_modification_feature.modified_residue_auth_seq_id 
_pdbx_modification_feature.modified_residue_PDB_ins_code 
_pdbx_modification_feature.modified_residue_symmetry 
_pdbx_modification_feature.comp_id_linking_atom 
_pdbx_modification_feature.modified_residue_id_linking_atom 
_pdbx_modification_feature.modified_residue_id 
_pdbx_modification_feature.ref_pcm_id 
_pdbx_modification_feature.ref_comp_id 
_pdbx_modification_feature.type 
_pdbx_modification_feature.category 
1 MSE A 127 ? . . . . MSE A 127 ? 1_555 . . . . . . . MET 1 MSE Selenomethionine 'Named protein modification' 
2 MSE A 160 ? . . . . MSE A 160 ? 1_555 . . . . . . . MET 1 MSE Selenomethionine 'Named protein modification' 
3 MSE A 185 ? . . . . MSE A 185 ? 1_555 . . . . . . . MET 1 MSE Selenomethionine 'Named protein modification' 
4 MSE A 187 ? . . . . MSE A 187 ? 1_555 . . . . . . . MET 1 MSE Selenomethionine 'Named protein modification' 
# 
_struct_mon_prot_cis.pdbx_id                1 
_struct_mon_prot_cis.label_comp_id          ASP 
_struct_mon_prot_cis.label_seq_id           53 
_struct_mon_prot_cis.label_asym_id          A 
_struct_mon_prot_cis.label_alt_id           . 
_struct_mon_prot_cis.pdbx_PDB_ins_code      ? 
_struct_mon_prot_cis.auth_comp_id           ASP 
_struct_mon_prot_cis.auth_seq_id            53 
_struct_mon_prot_cis.auth_asym_id           A 
_struct_mon_prot_cis.pdbx_label_comp_id_2   PRO 
_struct_mon_prot_cis.pdbx_label_seq_id_2    54 
_struct_mon_prot_cis.pdbx_label_asym_id_2   A 
_struct_mon_prot_cis.pdbx_PDB_ins_code_2    ? 
_struct_mon_prot_cis.pdbx_auth_comp_id_2    PRO 
_struct_mon_prot_cis.pdbx_auth_seq_id_2     54 
_struct_mon_prot_cis.pdbx_auth_asym_id_2    A 
_struct_mon_prot_cis.pdbx_PDB_model_num     1 
_struct_mon_prot_cis.pdbx_omega_angle       0.91 
# 
loop_
_struct_sheet.id 
_struct_sheet.type 
_struct_sheet.number_strands 
_struct_sheet.details 
AA1 ? 7 ? 
AA2 ? 2 ? 
# 
loop_
_struct_sheet_order.sheet_id 
_struct_sheet_order.range_id_1 
_struct_sheet_order.range_id_2 
_struct_sheet_order.offset 
_struct_sheet_order.sense 
AA1 1 2 ? anti-parallel 
AA1 2 3 ? anti-parallel 
AA1 3 4 ? anti-parallel 
AA1 4 5 ? parallel      
AA1 5 6 ? anti-parallel 
AA1 6 7 ? anti-parallel 
AA2 1 2 ? anti-parallel 
# 
loop_
_struct_sheet_range.sheet_id 
_struct_sheet_range.id 
_struct_sheet_range.beg_label_comp_id 
_struct_sheet_range.beg_label_asym_id 
_struct_sheet_range.beg_label_seq_id 
_struct_sheet_range.pdbx_beg_PDB_ins_code 
_struct_sheet_range.end_label_comp_id 
_struct_sheet_range.end_label_asym_id 
_struct_sheet_range.end_label_seq_id 
_struct_sheet_range.pdbx_end_PDB_ins_code 
_struct_sheet_range.beg_auth_comp_id 
_struct_sheet_range.beg_auth_asym_id 
_struct_sheet_range.beg_auth_seq_id 
_struct_sheet_range.end_auth_comp_id 
_struct_sheet_range.end_auth_asym_id 
_struct_sheet_range.end_auth_seq_id 
AA1 1 ARG A 11  ? THR A 14  ? ARG A 11  THR A 14  
AA1 2 SER A 79  ? TYR A 85  ? SER A 79  TYR A 85  
AA1 3 LEU A 91  ? SER A 100 ? LEU A 91  SER A 100 
AA1 4 ARG A 105 ? VAL A 113 ? ARG A 105 VAL A 113 
AA1 5 HIS A 141 ? THR A 147 ? HIS A 141 THR A 147 
AA1 6 ALA A 182 ? PRO A 188 ? ALA A 182 PRO A 188 
AA1 7 THR A 163 ? ASP A 168 ? THR A 163 ASP A 168 
AA2 1 PHE A 30  ? ALA A 40  ? PHE A 30  ALA A 40  
AA2 2 PHE A 45  ? LYS A 58  ? PHE A 45  LYS A 58  
# 
loop_
_pdbx_struct_sheet_hbond.sheet_id 
_pdbx_struct_sheet_hbond.range_id_1 
_pdbx_struct_sheet_hbond.range_id_2 
_pdbx_struct_sheet_hbond.range_1_label_atom_id 
_pdbx_struct_sheet_hbond.range_1_label_comp_id 
_pdbx_struct_sheet_hbond.range_1_label_asym_id 
_pdbx_struct_sheet_hbond.range_1_label_seq_id 
_pdbx_struct_sheet_hbond.range_1_PDB_ins_code 
_pdbx_struct_sheet_hbond.range_1_auth_atom_id 
_pdbx_struct_sheet_hbond.range_1_auth_comp_id 
_pdbx_struct_sheet_hbond.range_1_auth_asym_id 
_pdbx_struct_sheet_hbond.range_1_auth_seq_id 
_pdbx_struct_sheet_hbond.range_2_label_atom_id 
_pdbx_struct_sheet_hbond.range_2_label_comp_id 
_pdbx_struct_sheet_hbond.range_2_label_asym_id 
_pdbx_struct_sheet_hbond.range_2_label_seq_id 
_pdbx_struct_sheet_hbond.range_2_PDB_ins_code 
_pdbx_struct_sheet_hbond.range_2_auth_atom_id 
_pdbx_struct_sheet_hbond.range_2_auth_comp_id 
_pdbx_struct_sheet_hbond.range_2_auth_asym_id 
_pdbx_struct_sheet_hbond.range_2_auth_seq_id 
AA1 1 2 N ARG A 13  ? N ARG A 13  O VAL A 83  ? O VAL A 83  
AA1 2 3 N ARG A 80  ? N ARG A 80  O VAL A 97  ? O VAL A 97  
AA1 3 4 N SER A 98  ? N SER A 98  O THR A 107 ? O THR A 107 
AA1 4 5 N VAL A 108 ? N VAL A 108 O TRP A 143 ? O TRP A 143 
AA1 5 6 N LEU A 142 ? N LEU A 142 O MSE A 187 ? O MSE A 187 
AA1 6 7 O TYR A 184 ? O TYR A 184 N CYS A 165 ? N CYS A 165 
AA2 1 2 N ARG A 37  ? N ARG A 37  O ARG A 48  ? O ARG A 48  
# 
_struct_site.id                   AC1 
_struct_site.pdbx_evidence_code   Software 
_struct_site.pdbx_auth_asym_id    A 
_struct_site.pdbx_auth_comp_id    TAR 
_struct_site.pdbx_auth_seq_id     201 
_struct_site.pdbx_auth_ins_code   ? 
_struct_site.pdbx_num_residues    10 
_struct_site.details              'binding site for residue TAR A 201' 
# 
loop_
_struct_site_gen.id 
_struct_site_gen.site_id 
_struct_site_gen.pdbx_num_res 
_struct_site_gen.label_comp_id 
_struct_site_gen.label_asym_id 
_struct_site_gen.label_seq_id 
_struct_site_gen.pdbx_auth_ins_code 
_struct_site_gen.auth_comp_id 
_struct_site_gen.auth_asym_id 
_struct_site_gen.auth_seq_id 
_struct_site_gen.label_atom_id 
_struct_site_gen.label_alt_id 
_struct_site_gen.symmetry 
_struct_site_gen.details 
1  AC1 10 ILE A 111 ? ILE A 111 . ? 1_555 ? 
2  AC1 10 VAL A 113 ? VAL A 113 . ? 1_555 ? 
3  AC1 10 GLY A 123 ? GLY A 123 . ? 1_555 ? 
4  AC1 10 ALA A 153 ? ALA A 153 . ? 1_555 ? 
5  AC1 10 ALA A 156 ? ALA A 156 . ? 1_555 ? 
6  AC1 10 TYR A 157 ? TYR A 157 . ? 1_555 ? 
7  AC1 10 HOH C .   ? HOH A 304 . ? 1_555 ? 
8  AC1 10 HOH C .   ? HOH A 316 . ? 1_555 ? 
9  AC1 10 HOH C .   ? HOH A 323 . ? 1_555 ? 
10 AC1 10 HOH C .   ? HOH A 355 . ? 1_555 ? 
# 
_pdbx_entry_details.entry_id                   5C82 
_pdbx_entry_details.compound_details           ? 
_pdbx_entry_details.source_details             ? 
_pdbx_entry_details.nonpolymer_details         ? 
_pdbx_entry_details.sequence_details           ? 
_pdbx_entry_details.has_ligand_of_interest     ? 
_pdbx_entry_details.has_protein_modification   Y 
# 
loop_
_pdbx_validate_torsion.id 
_pdbx_validate_torsion.PDB_model_num 
_pdbx_validate_torsion.auth_comp_id 
_pdbx_validate_torsion.auth_asym_id 
_pdbx_validate_torsion.auth_seq_id 
_pdbx_validate_torsion.PDB_ins_code 
_pdbx_validate_torsion.label_alt_id 
_pdbx_validate_torsion.phi 
_pdbx_validate_torsion.psi 
1 1 ALA A 9  ? ? 76.91  -1.01 
2 1 PRO A 61 ? ? -82.59 45.99 
# 
loop_
_pdbx_struct_mod_residue.id 
_pdbx_struct_mod_residue.label_asym_id 
_pdbx_struct_mod_residue.label_comp_id 
_pdbx_struct_mod_residue.label_seq_id 
_pdbx_struct_mod_residue.auth_asym_id 
_pdbx_struct_mod_residue.auth_comp_id 
_pdbx_struct_mod_residue.auth_seq_id 
_pdbx_struct_mod_residue.PDB_ins_code 
_pdbx_struct_mod_residue.parent_comp_id 
_pdbx_struct_mod_residue.details 
1 A MSE 127 A MSE 127 ? MET 'modified residue' 
2 A MSE 160 A MSE 160 ? MET 'modified residue' 
3 A MSE 185 A MSE 185 ? MET 'modified residue' 
4 A MSE 187 A MSE 187 ? MET 'modified residue' 
# 
_pdbx_distant_solvent_atoms.id                                1 
_pdbx_distant_solvent_atoms.PDB_model_num                     1 
_pdbx_distant_solvent_atoms.auth_atom_id                      O 
_pdbx_distant_solvent_atoms.label_alt_id                      ? 
_pdbx_distant_solvent_atoms.auth_asym_id                      A 
_pdbx_distant_solvent_atoms.auth_comp_id                      HOH 
_pdbx_distant_solvent_atoms.auth_seq_id                       397 
_pdbx_distant_solvent_atoms.PDB_ins_code                      ? 
_pdbx_distant_solvent_atoms.neighbor_macromolecule_distance   5.98 
_pdbx_distant_solvent_atoms.neighbor_ligand_distance          . 
# 
loop_
_pdbx_unobs_or_zero_occ_residues.id 
_pdbx_unobs_or_zero_occ_residues.PDB_model_num 
_pdbx_unobs_or_zero_occ_residues.polymer_flag 
_pdbx_unobs_or_zero_occ_residues.occupancy_flag 
_pdbx_unobs_or_zero_occ_residues.auth_asym_id 
_pdbx_unobs_or_zero_occ_residues.auth_comp_id 
_pdbx_unobs_or_zero_occ_residues.auth_seq_id 
_pdbx_unobs_or_zero_occ_residues.PDB_ins_code 
_pdbx_unobs_or_zero_occ_residues.label_asym_id 
_pdbx_unobs_or_zero_occ_residues.label_comp_id 
_pdbx_unobs_or_zero_occ_residues.label_seq_id 
1  1 Y 1 A MSE 1  ? A MSE 1  
2  1 Y 1 A GLY 2  ? A GLY 2  
3  1 Y 1 A THR 3  ? A THR 3  
4  1 Y 1 A THR 4  ? A THR 4  
5  1 Y 1 A LEU 5  ? A LEU 5  
6  1 Y 1 A ASP 6  ? A ASP 6  
7  1 Y 1 A ASP 7  ? A ASP 7  
8  1 Y 1 A ASP 63 ? A ASP 63 
9  1 Y 1 A GLU 64 ? A GLU 64 
10 1 Y 1 A SER 65 ? A SER 65 
11 1 Y 1 A ASP 66 ? A ASP 66 
12 1 Y 1 A ASP 67 ? A ASP 67 
13 1 Y 1 A GLU 68 ? A GLU 68 
14 1 Y 1 A SER 69 ? A SER 69 
15 1 Y 1 A ASP 70 ? A ASP 70 
16 1 Y 1 A ASP 71 ? A ASP 71 
17 1 Y 1 A GLY 72 ? A GLY 72 
18 1 Y 1 A GLU 73 ? A GLU 73 
19 1 Y 1 A ASP 74 ? A ASP 74 
20 1 Y 1 A GLY 75 ? A GLY 75 
# 
loop_
_chem_comp_atom.comp_id 
_chem_comp_atom.atom_id 
_chem_comp_atom.type_symbol 
_chem_comp_atom.pdbx_aromatic_flag 
_chem_comp_atom.pdbx_stereo_config 
_chem_comp_atom.pdbx_ordinal 
ALA N    N  N N 1   
ALA CA   C  N S 2   
ALA C    C  N N 3   
ALA O    O  N N 4   
ALA CB   C  N N 5   
ALA OXT  O  N N 6   
ALA H    H  N N 7   
ALA H2   H  N N 8   
ALA HA   H  N N 9   
ALA HB1  H  N N 10  
ALA HB2  H  N N 11  
ALA HB3  H  N N 12  
ALA HXT  H  N N 13  
ARG N    N  N N 14  
ARG CA   C  N S 15  
ARG C    C  N N 16  
ARG O    O  N N 17  
ARG CB   C  N N 18  
ARG CG   C  N N 19  
ARG CD   C  N N 20  
ARG NE   N  N N 21  
ARG CZ   C  N N 22  
ARG NH1  N  N N 23  
ARG NH2  N  N N 24  
ARG OXT  O  N N 25  
ARG H    H  N N 26  
ARG H2   H  N N 27  
ARG HA   H  N N 28  
ARG HB2  H  N N 29  
ARG HB3  H  N N 30  
ARG HG2  H  N N 31  
ARG HG3  H  N N 32  
ARG HD2  H  N N 33  
ARG HD3  H  N N 34  
ARG HE   H  N N 35  
ARG HH11 H  N N 36  
ARG HH12 H  N N 37  
ARG HH21 H  N N 38  
ARG HH22 H  N N 39  
ARG HXT  H  N N 40  
ASN N    N  N N 41  
ASN CA   C  N S 42  
ASN C    C  N N 43  
ASN O    O  N N 44  
ASN CB   C  N N 45  
ASN CG   C  N N 46  
ASN OD1  O  N N 47  
ASN ND2  N  N N 48  
ASN OXT  O  N N 49  
ASN H    H  N N 50  
ASN H2   H  N N 51  
ASN HA   H  N N 52  
ASN HB2  H  N N 53  
ASN HB3  H  N N 54  
ASN HD21 H  N N 55  
ASN HD22 H  N N 56  
ASN HXT  H  N N 57  
ASP N    N  N N 58  
ASP CA   C  N S 59  
ASP C    C  N N 60  
ASP O    O  N N 61  
ASP CB   C  N N 62  
ASP CG   C  N N 63  
ASP OD1  O  N N 64  
ASP OD2  O  N N 65  
ASP OXT  O  N N 66  
ASP H    H  N N 67  
ASP H2   H  N N 68  
ASP HA   H  N N 69  
ASP HB2  H  N N 70  
ASP HB3  H  N N 71  
ASP HD2  H  N N 72  
ASP HXT  H  N N 73  
CYS N    N  N N 74  
CYS CA   C  N R 75  
CYS C    C  N N 76  
CYS O    O  N N 77  
CYS CB   C  N N 78  
CYS SG   S  N N 79  
CYS OXT  O  N N 80  
CYS H    H  N N 81  
CYS H2   H  N N 82  
CYS HA   H  N N 83  
CYS HB2  H  N N 84  
CYS HB3  H  N N 85  
CYS HG   H  N N 86  
CYS HXT  H  N N 87  
GLN N    N  N N 88  
GLN CA   C  N S 89  
GLN C    C  N N 90  
GLN O    O  N N 91  
GLN CB   C  N N 92  
GLN CG   C  N N 93  
GLN CD   C  N N 94  
GLN OE1  O  N N 95  
GLN NE2  N  N N 96  
GLN OXT  O  N N 97  
GLN H    H  N N 98  
GLN H2   H  N N 99  
GLN HA   H  N N 100 
GLN HB2  H  N N 101 
GLN HB3  H  N N 102 
GLN HG2  H  N N 103 
GLN HG3  H  N N 104 
GLN HE21 H  N N 105 
GLN HE22 H  N N 106 
GLN HXT  H  N N 107 
GLU N    N  N N 108 
GLU CA   C  N S 109 
GLU C    C  N N 110 
GLU O    O  N N 111 
GLU CB   C  N N 112 
GLU CG   C  N N 113 
GLU CD   C  N N 114 
GLU OE1  O  N N 115 
GLU OE2  O  N N 116 
GLU OXT  O  N N 117 
GLU H    H  N N 118 
GLU H2   H  N N 119 
GLU HA   H  N N 120 
GLU HB2  H  N N 121 
GLU HB3  H  N N 122 
GLU HG2  H  N N 123 
GLU HG3  H  N N 124 
GLU HE2  H  N N 125 
GLU HXT  H  N N 126 
GLY N    N  N N 127 
GLY CA   C  N N 128 
GLY C    C  N N 129 
GLY O    O  N N 130 
GLY OXT  O  N N 131 
GLY H    H  N N 132 
GLY H2   H  N N 133 
GLY HA2  H  N N 134 
GLY HA3  H  N N 135 
GLY HXT  H  N N 136 
HIS N    N  N N 137 
HIS CA   C  N S 138 
HIS C    C  N N 139 
HIS O    O  N N 140 
HIS CB   C  N N 141 
HIS CG   C  Y N 142 
HIS ND1  N  Y N 143 
HIS CD2  C  Y N 144 
HIS CE1  C  Y N 145 
HIS NE2  N  Y N 146 
HIS OXT  O  N N 147 
HIS H    H  N N 148 
HIS H2   H  N N 149 
HIS HA   H  N N 150 
HIS HB2  H  N N 151 
HIS HB3  H  N N 152 
HIS HD1  H  N N 153 
HIS HD2  H  N N 154 
HIS HE1  H  N N 155 
HIS HE2  H  N N 156 
HIS HXT  H  N N 157 
HOH O    O  N N 158 
HOH H1   H  N N 159 
HOH H2   H  N N 160 
ILE N    N  N N 161 
ILE CA   C  N S 162 
ILE C    C  N N 163 
ILE O    O  N N 164 
ILE CB   C  N S 165 
ILE CG1  C  N N 166 
ILE CG2  C  N N 167 
ILE CD1  C  N N 168 
ILE OXT  O  N N 169 
ILE H    H  N N 170 
ILE H2   H  N N 171 
ILE HA   H  N N 172 
ILE HB   H  N N 173 
ILE HG12 H  N N 174 
ILE HG13 H  N N 175 
ILE HG21 H  N N 176 
ILE HG22 H  N N 177 
ILE HG23 H  N N 178 
ILE HD11 H  N N 179 
ILE HD12 H  N N 180 
ILE HD13 H  N N 181 
ILE HXT  H  N N 182 
LEU N    N  N N 183 
LEU CA   C  N S 184 
LEU C    C  N N 185 
LEU O    O  N N 186 
LEU CB   C  N N 187 
LEU CG   C  N N 188 
LEU CD1  C  N N 189 
LEU CD2  C  N N 190 
LEU OXT  O  N N 191 
LEU H    H  N N 192 
LEU H2   H  N N 193 
LEU HA   H  N N 194 
LEU HB2  H  N N 195 
LEU HB3  H  N N 196 
LEU HG   H  N N 197 
LEU HD11 H  N N 198 
LEU HD12 H  N N 199 
LEU HD13 H  N N 200 
LEU HD21 H  N N 201 
LEU HD22 H  N N 202 
LEU HD23 H  N N 203 
LEU HXT  H  N N 204 
LYS N    N  N N 205 
LYS CA   C  N S 206 
LYS C    C  N N 207 
LYS O    O  N N 208 
LYS CB   C  N N 209 
LYS CG   C  N N 210 
LYS CD   C  N N 211 
LYS CE   C  N N 212 
LYS NZ   N  N N 213 
LYS OXT  O  N N 214 
LYS H    H  N N 215 
LYS H2   H  N N 216 
LYS HA   H  N N 217 
LYS HB2  H  N N 218 
LYS HB3  H  N N 219 
LYS HG2  H  N N 220 
LYS HG3  H  N N 221 
LYS HD2  H  N N 222 
LYS HD3  H  N N 223 
LYS HE2  H  N N 224 
LYS HE3  H  N N 225 
LYS HZ1  H  N N 226 
LYS HZ2  H  N N 227 
LYS HZ3  H  N N 228 
LYS HXT  H  N N 229 
MET N    N  N N 230 
MET CA   C  N S 231 
MET C    C  N N 232 
MET O    O  N N 233 
MET CB   C  N N 234 
MET CG   C  N N 235 
MET SD   S  N N 236 
MET CE   C  N N 237 
MET OXT  O  N N 238 
MET H    H  N N 239 
MET H2   H  N N 240 
MET HA   H  N N 241 
MET HB2  H  N N 242 
MET HB3  H  N N 243 
MET HG2  H  N N 244 
MET HG3  H  N N 245 
MET HE1  H  N N 246 
MET HE2  H  N N 247 
MET HE3  H  N N 248 
MET HXT  H  N N 249 
MSE N    N  N N 250 
MSE CA   C  N S 251 
MSE C    C  N N 252 
MSE O    O  N N 253 
MSE OXT  O  N N 254 
MSE CB   C  N N 255 
MSE CG   C  N N 256 
MSE SE   SE N N 257 
MSE CE   C  N N 258 
MSE H    H  N N 259 
MSE H2   H  N N 260 
MSE HA   H  N N 261 
MSE HXT  H  N N 262 
MSE HB2  H  N N 263 
MSE HB3  H  N N 264 
MSE HG2  H  N N 265 
MSE HG3  H  N N 266 
MSE HE1  H  N N 267 
MSE HE2  H  N N 268 
MSE HE3  H  N N 269 
PHE N    N  N N 270 
PHE CA   C  N S 271 
PHE C    C  N N 272 
PHE O    O  N N 273 
PHE CB   C  N N 274 
PHE CG   C  Y N 275 
PHE CD1  C  Y N 276 
PHE CD2  C  Y N 277 
PHE CE1  C  Y N 278 
PHE CE2  C  Y N 279 
PHE CZ   C  Y N 280 
PHE OXT  O  N N 281 
PHE H    H  N N 282 
PHE H2   H  N N 283 
PHE HA   H  N N 284 
PHE HB2  H  N N 285 
PHE HB3  H  N N 286 
PHE HD1  H  N N 287 
PHE HD2  H  N N 288 
PHE HE1  H  N N 289 
PHE HE2  H  N N 290 
PHE HZ   H  N N 291 
PHE HXT  H  N N 292 
PRO N    N  N N 293 
PRO CA   C  N S 294 
PRO C    C  N N 295 
PRO O    O  N N 296 
PRO CB   C  N N 297 
PRO CG   C  N N 298 
PRO CD   C  N N 299 
PRO OXT  O  N N 300 
PRO H    H  N N 301 
PRO HA   H  N N 302 
PRO HB2  H  N N 303 
PRO HB3  H  N N 304 
PRO HG2  H  N N 305 
PRO HG3  H  N N 306 
PRO HD2  H  N N 307 
PRO HD3  H  N N 308 
PRO HXT  H  N N 309 
SER N    N  N N 310 
SER CA   C  N S 311 
SER C    C  N N 312 
SER O    O  N N 313 
SER CB   C  N N 314 
SER OG   O  N N 315 
SER OXT  O  N N 316 
SER H    H  N N 317 
SER H2   H  N N 318 
SER HA   H  N N 319 
SER HB2  H  N N 320 
SER HB3  H  N N 321 
SER HG   H  N N 322 
SER HXT  H  N N 323 
TAR O1   O  N N 324 
TAR O11  O  N N 325 
TAR C1   C  N N 326 
TAR C2   C  N S 327 
TAR O2   O  N N 328 
TAR C3   C  N S 329 
TAR O3   O  N N 330 
TAR C4   C  N N 331 
TAR O4   O  N N 332 
TAR O41  O  N N 333 
TAR HO1  H  N N 334 
TAR H2   H  N N 335 
TAR HO2  H  N N 336 
TAR H3   H  N N 337 
TAR HO3  H  N N 338 
TAR HO4  H  N N 339 
THR N    N  N N 340 
THR CA   C  N S 341 
THR C    C  N N 342 
THR O    O  N N 343 
THR CB   C  N R 344 
THR OG1  O  N N 345 
THR CG2  C  N N 346 
THR OXT  O  N N 347 
THR H    H  N N 348 
THR H2   H  N N 349 
THR HA   H  N N 350 
THR HB   H  N N 351 
THR HG1  H  N N 352 
THR HG21 H  N N 353 
THR HG22 H  N N 354 
THR HG23 H  N N 355 
THR HXT  H  N N 356 
TRP N    N  N N 357 
TRP CA   C  N S 358 
TRP C    C  N N 359 
TRP O    O  N N 360 
TRP CB   C  N N 361 
TRP CG   C  Y N 362 
TRP CD1  C  Y N 363 
TRP CD2  C  Y N 364 
TRP NE1  N  Y N 365 
TRP CE2  C  Y N 366 
TRP CE3  C  Y N 367 
TRP CZ2  C  Y N 368 
TRP CZ3  C  Y N 369 
TRP CH2  C  Y N 370 
TRP OXT  O  N N 371 
TRP H    H  N N 372 
TRP H2   H  N N 373 
TRP HA   H  N N 374 
TRP HB2  H  N N 375 
TRP HB3  H  N N 376 
TRP HD1  H  N N 377 
TRP HE1  H  N N 378 
TRP HE3  H  N N 379 
TRP HZ2  H  N N 380 
TRP HZ3  H  N N 381 
TRP HH2  H  N N 382 
TRP HXT  H  N N 383 
TYR N    N  N N 384 
TYR CA   C  N S 385 
TYR C    C  N N 386 
TYR O    O  N N 387 
TYR CB   C  N N 388 
TYR CG   C  Y N 389 
TYR CD1  C  Y N 390 
TYR CD2  C  Y N 391 
TYR CE1  C  Y N 392 
TYR CE2  C  Y N 393 
TYR CZ   C  Y N 394 
TYR OH   O  N N 395 
TYR OXT  O  N N 396 
TYR H    H  N N 397 
TYR H2   H  N N 398 
TYR HA   H  N N 399 
TYR HB2  H  N N 400 
TYR HB3  H  N N 401 
TYR HD1  H  N N 402 
TYR HD2  H  N N 403 
TYR HE1  H  N N 404 
TYR HE2  H  N N 405 
TYR HH   H  N N 406 
TYR HXT  H  N N 407 
VAL N    N  N N 408 
VAL CA   C  N S 409 
VAL C    C  N N 410 
VAL O    O  N N 411 
VAL CB   C  N N 412 
VAL CG1  C  N N 413 
VAL CG2  C  N N 414 
VAL OXT  O  N N 415 
VAL H    H  N N 416 
VAL H2   H  N N 417 
VAL HA   H  N N 418 
VAL HB   H  N N 419 
VAL HG11 H  N N 420 
VAL HG12 H  N N 421 
VAL HG13 H  N N 422 
VAL HG21 H  N N 423 
VAL HG22 H  N N 424 
VAL HG23 H  N N 425 
VAL HXT  H  N N 426 
# 
loop_
_chem_comp_bond.comp_id 
_chem_comp_bond.atom_id_1 
_chem_comp_bond.atom_id_2 
_chem_comp_bond.value_order 
_chem_comp_bond.pdbx_aromatic_flag 
_chem_comp_bond.pdbx_stereo_config 
_chem_comp_bond.pdbx_ordinal 
ALA N   CA   sing N N 1   
ALA N   H    sing N N 2   
ALA N   H2   sing N N 3   
ALA CA  C    sing N N 4   
ALA CA  CB   sing N N 5   
ALA CA  HA   sing N N 6   
ALA C   O    doub N N 7   
ALA C   OXT  sing N N 8   
ALA CB  HB1  sing N N 9   
ALA CB  HB2  sing N N 10  
ALA CB  HB3  sing N N 11  
ALA OXT HXT  sing N N 12  
ARG N   CA   sing N N 13  
ARG N   H    sing N N 14  
ARG N   H2   sing N N 15  
ARG CA  C    sing N N 16  
ARG CA  CB   sing N N 17  
ARG CA  HA   sing N N 18  
ARG C   O    doub N N 19  
ARG C   OXT  sing N N 20  
ARG CB  CG   sing N N 21  
ARG CB  HB2  sing N N 22  
ARG CB  HB3  sing N N 23  
ARG CG  CD   sing N N 24  
ARG CG  HG2  sing N N 25  
ARG CG  HG3  sing N N 26  
ARG CD  NE   sing N N 27  
ARG CD  HD2  sing N N 28  
ARG CD  HD3  sing N N 29  
ARG NE  CZ   sing N N 30  
ARG NE  HE   sing N N 31  
ARG CZ  NH1  sing N N 32  
ARG CZ  NH2  doub N N 33  
ARG NH1 HH11 sing N N 34  
ARG NH1 HH12 sing N N 35  
ARG NH2 HH21 sing N N 36  
ARG NH2 HH22 sing N N 37  
ARG OXT HXT  sing N N 38  
ASN N   CA   sing N N 39  
ASN N   H    sing N N 40  
ASN N   H2   sing N N 41  
ASN CA  C    sing N N 42  
ASN CA  CB   sing N N 43  
ASN CA  HA   sing N N 44  
ASN C   O    doub N N 45  
ASN C   OXT  sing N N 46  
ASN CB  CG   sing N N 47  
ASN CB  HB2  sing N N 48  
ASN CB  HB3  sing N N 49  
ASN CG  OD1  doub N N 50  
ASN CG  ND2  sing N N 51  
ASN ND2 HD21 sing N N 52  
ASN ND2 HD22 sing N N 53  
ASN OXT HXT  sing N N 54  
ASP N   CA   sing N N 55  
ASP N   H    sing N N 56  
ASP N   H2   sing N N 57  
ASP CA  C    sing N N 58  
ASP CA  CB   sing N N 59  
ASP CA  HA   sing N N 60  
ASP C   O    doub N N 61  
ASP C   OXT  sing N N 62  
ASP CB  CG   sing N N 63  
ASP CB  HB2  sing N N 64  
ASP CB  HB3  sing N N 65  
ASP CG  OD1  doub N N 66  
ASP CG  OD2  sing N N 67  
ASP OD2 HD2  sing N N 68  
ASP OXT HXT  sing N N 69  
CYS N   CA   sing N N 70  
CYS N   H    sing N N 71  
CYS N   H2   sing N N 72  
CYS CA  C    sing N N 73  
CYS CA  CB   sing N N 74  
CYS CA  HA   sing N N 75  
CYS C   O    doub N N 76  
CYS C   OXT  sing N N 77  
CYS CB  SG   sing N N 78  
CYS CB  HB2  sing N N 79  
CYS CB  HB3  sing N N 80  
CYS SG  HG   sing N N 81  
CYS OXT HXT  sing N N 82  
GLN N   CA   sing N N 83  
GLN N   H    sing N N 84  
GLN N   H2   sing N N 85  
GLN CA  C    sing N N 86  
GLN CA  CB   sing N N 87  
GLN CA  HA   sing N N 88  
GLN C   O    doub N N 89  
GLN C   OXT  sing N N 90  
GLN CB  CG   sing N N 91  
GLN CB  HB2  sing N N 92  
GLN CB  HB3  sing N N 93  
GLN CG  CD   sing N N 94  
GLN CG  HG2  sing N N 95  
GLN CG  HG3  sing N N 96  
GLN CD  OE1  doub N N 97  
GLN CD  NE2  sing N N 98  
GLN NE2 HE21 sing N N 99  
GLN NE2 HE22 sing N N 100 
GLN OXT HXT  sing N N 101 
GLU N   CA   sing N N 102 
GLU N   H    sing N N 103 
GLU N   H2   sing N N 104 
GLU CA  C    sing N N 105 
GLU CA  CB   sing N N 106 
GLU CA  HA   sing N N 107 
GLU C   O    doub N N 108 
GLU C   OXT  sing N N 109 
GLU CB  CG   sing N N 110 
GLU CB  HB2  sing N N 111 
GLU CB  HB3  sing N N 112 
GLU CG  CD   sing N N 113 
GLU CG  HG2  sing N N 114 
GLU CG  HG3  sing N N 115 
GLU CD  OE1  doub N N 116 
GLU CD  OE2  sing N N 117 
GLU OE2 HE2  sing N N 118 
GLU OXT HXT  sing N N 119 
GLY N   CA   sing N N 120 
GLY N   H    sing N N 121 
GLY N   H2   sing N N 122 
GLY CA  C    sing N N 123 
GLY CA  HA2  sing N N 124 
GLY CA  HA3  sing N N 125 
GLY C   O    doub N N 126 
GLY C   OXT  sing N N 127 
GLY OXT HXT  sing N N 128 
HIS N   CA   sing N N 129 
HIS N   H    sing N N 130 
HIS N   H2   sing N N 131 
HIS CA  C    sing N N 132 
HIS CA  CB   sing N N 133 
HIS CA  HA   sing N N 134 
HIS C   O    doub N N 135 
HIS C   OXT  sing N N 136 
HIS CB  CG   sing N N 137 
HIS CB  HB2  sing N N 138 
HIS CB  HB3  sing N N 139 
HIS CG  ND1  sing Y N 140 
HIS CG  CD2  doub Y N 141 
HIS ND1 CE1  doub Y N 142 
HIS ND1 HD1  sing N N 143 
HIS CD2 NE2  sing Y N 144 
HIS CD2 HD2  sing N N 145 
HIS CE1 NE2  sing Y N 146 
HIS CE1 HE1  sing N N 147 
HIS NE2 HE2  sing N N 148 
HIS OXT HXT  sing N N 149 
HOH O   H1   sing N N 150 
HOH O   H2   sing N N 151 
ILE N   CA   sing N N 152 
ILE N   H    sing N N 153 
ILE N   H2   sing N N 154 
ILE CA  C    sing N N 155 
ILE CA  CB   sing N N 156 
ILE CA  HA   sing N N 157 
ILE C   O    doub N N 158 
ILE C   OXT  sing N N 159 
ILE CB  CG1  sing N N 160 
ILE CB  CG2  sing N N 161 
ILE CB  HB   sing N N 162 
ILE CG1 CD1  sing N N 163 
ILE CG1 HG12 sing N N 164 
ILE CG1 HG13 sing N N 165 
ILE CG2 HG21 sing N N 166 
ILE CG2 HG22 sing N N 167 
ILE CG2 HG23 sing N N 168 
ILE CD1 HD11 sing N N 169 
ILE CD1 HD12 sing N N 170 
ILE CD1 HD13 sing N N 171 
ILE OXT HXT  sing N N 172 
LEU N   CA   sing N N 173 
LEU N   H    sing N N 174 
LEU N   H2   sing N N 175 
LEU CA  C    sing N N 176 
LEU CA  CB   sing N N 177 
LEU CA  HA   sing N N 178 
LEU C   O    doub N N 179 
LEU C   OXT  sing N N 180 
LEU CB  CG   sing N N 181 
LEU CB  HB2  sing N N 182 
LEU CB  HB3  sing N N 183 
LEU CG  CD1  sing N N 184 
LEU CG  CD2  sing N N 185 
LEU CG  HG   sing N N 186 
LEU CD1 HD11 sing N N 187 
LEU CD1 HD12 sing N N 188 
LEU CD1 HD13 sing N N 189 
LEU CD2 HD21 sing N N 190 
LEU CD2 HD22 sing N N 191 
LEU CD2 HD23 sing N N 192 
LEU OXT HXT  sing N N 193 
LYS N   CA   sing N N 194 
LYS N   H    sing N N 195 
LYS N   H2   sing N N 196 
LYS CA  C    sing N N 197 
LYS CA  CB   sing N N 198 
LYS CA  HA   sing N N 199 
LYS C   O    doub N N 200 
LYS C   OXT  sing N N 201 
LYS CB  CG   sing N N 202 
LYS CB  HB2  sing N N 203 
LYS CB  HB3  sing N N 204 
LYS CG  CD   sing N N 205 
LYS CG  HG2  sing N N 206 
LYS CG  HG3  sing N N 207 
LYS CD  CE   sing N N 208 
LYS CD  HD2  sing N N 209 
LYS CD  HD3  sing N N 210 
LYS CE  NZ   sing N N 211 
LYS CE  HE2  sing N N 212 
LYS CE  HE3  sing N N 213 
LYS NZ  HZ1  sing N N 214 
LYS NZ  HZ2  sing N N 215 
LYS NZ  HZ3  sing N N 216 
LYS OXT HXT  sing N N 217 
MET N   CA   sing N N 218 
MET N   H    sing N N 219 
MET N   H2   sing N N 220 
MET CA  C    sing N N 221 
MET CA  CB   sing N N 222 
MET CA  HA   sing N N 223 
MET C   O    doub N N 224 
MET C   OXT  sing N N 225 
MET CB  CG   sing N N 226 
MET CB  HB2  sing N N 227 
MET CB  HB3  sing N N 228 
MET CG  SD   sing N N 229 
MET CG  HG2  sing N N 230 
MET CG  HG3  sing N N 231 
MET SD  CE   sing N N 232 
MET CE  HE1  sing N N 233 
MET CE  HE2  sing N N 234 
MET CE  HE3  sing N N 235 
MET OXT HXT  sing N N 236 
MSE N   CA   sing N N 237 
MSE N   H    sing N N 238 
MSE N   H2   sing N N 239 
MSE CA  C    sing N N 240 
MSE CA  CB   sing N N 241 
MSE CA  HA   sing N N 242 
MSE C   O    doub N N 243 
MSE C   OXT  sing N N 244 
MSE OXT HXT  sing N N 245 
MSE CB  CG   sing N N 246 
MSE CB  HB2  sing N N 247 
MSE CB  HB3  sing N N 248 
MSE CG  SE   sing N N 249 
MSE CG  HG2  sing N N 250 
MSE CG  HG3  sing N N 251 
MSE SE  CE   sing N N 252 
MSE CE  HE1  sing N N 253 
MSE CE  HE2  sing N N 254 
MSE CE  HE3  sing N N 255 
PHE N   CA   sing N N 256 
PHE N   H    sing N N 257 
PHE N   H2   sing N N 258 
PHE CA  C    sing N N 259 
PHE CA  CB   sing N N 260 
PHE CA  HA   sing N N 261 
PHE C   O    doub N N 262 
PHE C   OXT  sing N N 263 
PHE CB  CG   sing N N 264 
PHE CB  HB2  sing N N 265 
PHE CB  HB3  sing N N 266 
PHE CG  CD1  doub Y N 267 
PHE CG  CD2  sing Y N 268 
PHE CD1 CE1  sing Y N 269 
PHE CD1 HD1  sing N N 270 
PHE CD2 CE2  doub Y N 271 
PHE CD2 HD2  sing N N 272 
PHE CE1 CZ   doub Y N 273 
PHE CE1 HE1  sing N N 274 
PHE CE2 CZ   sing Y N 275 
PHE CE2 HE2  sing N N 276 
PHE CZ  HZ   sing N N 277 
PHE OXT HXT  sing N N 278 
PRO N   CA   sing N N 279 
PRO N   CD   sing N N 280 
PRO N   H    sing N N 281 
PRO CA  C    sing N N 282 
PRO CA  CB   sing N N 283 
PRO CA  HA   sing N N 284 
PRO C   O    doub N N 285 
PRO C   OXT  sing N N 286 
PRO CB  CG   sing N N 287 
PRO CB  HB2  sing N N 288 
PRO CB  HB3  sing N N 289 
PRO CG  CD   sing N N 290 
PRO CG  HG2  sing N N 291 
PRO CG  HG3  sing N N 292 
PRO CD  HD2  sing N N 293 
PRO CD  HD3  sing N N 294 
PRO OXT HXT  sing N N 295 
SER N   CA   sing N N 296 
SER N   H    sing N N 297 
SER N   H2   sing N N 298 
SER CA  C    sing N N 299 
SER CA  CB   sing N N 300 
SER CA  HA   sing N N 301 
SER C   O    doub N N 302 
SER C   OXT  sing N N 303 
SER CB  OG   sing N N 304 
SER CB  HB2  sing N N 305 
SER CB  HB3  sing N N 306 
SER OG  HG   sing N N 307 
SER OXT HXT  sing N N 308 
TAR O1  C1   doub N N 309 
TAR O11 C1   sing N N 310 
TAR O11 HO1  sing N N 311 
TAR C1  C2   sing N N 312 
TAR C2  O2   sing N N 313 
TAR C2  C3   sing N N 314 
TAR C2  H2   sing N N 315 
TAR O2  HO2  sing N N 316 
TAR C3  O3   sing N N 317 
TAR C3  C4   sing N N 318 
TAR C3  H3   sing N N 319 
TAR O3  HO3  sing N N 320 
TAR C4  O4   doub N N 321 
TAR C4  O41  sing N N 322 
TAR O41 HO4  sing N N 323 
THR N   CA   sing N N 324 
THR N   H    sing N N 325 
THR N   H2   sing N N 326 
THR CA  C    sing N N 327 
THR CA  CB   sing N N 328 
THR CA  HA   sing N N 329 
THR C   O    doub N N 330 
THR C   OXT  sing N N 331 
THR CB  OG1  sing N N 332 
THR CB  CG2  sing N N 333 
THR CB  HB   sing N N 334 
THR OG1 HG1  sing N N 335 
THR CG2 HG21 sing N N 336 
THR CG2 HG22 sing N N 337 
THR CG2 HG23 sing N N 338 
THR OXT HXT  sing N N 339 
TRP N   CA   sing N N 340 
TRP N   H    sing N N 341 
TRP N   H2   sing N N 342 
TRP CA  C    sing N N 343 
TRP CA  CB   sing N N 344 
TRP CA  HA   sing N N 345 
TRP C   O    doub N N 346 
TRP C   OXT  sing N N 347 
TRP CB  CG   sing N N 348 
TRP CB  HB2  sing N N 349 
TRP CB  HB3  sing N N 350 
TRP CG  CD1  doub Y N 351 
TRP CG  CD2  sing Y N 352 
TRP CD1 NE1  sing Y N 353 
TRP CD1 HD1  sing N N 354 
TRP CD2 CE2  doub Y N 355 
TRP CD2 CE3  sing Y N 356 
TRP NE1 CE2  sing Y N 357 
TRP NE1 HE1  sing N N 358 
TRP CE2 CZ2  sing Y N 359 
TRP CE3 CZ3  doub Y N 360 
TRP CE3 HE3  sing N N 361 
TRP CZ2 CH2  doub Y N 362 
TRP CZ2 HZ2  sing N N 363 
TRP CZ3 CH2  sing Y N 364 
TRP CZ3 HZ3  sing N N 365 
TRP CH2 HH2  sing N N 366 
TRP OXT HXT  sing N N 367 
TYR N   CA   sing N N 368 
TYR N   H    sing N N 369 
TYR N   H2   sing N N 370 
TYR CA  C    sing N N 371 
TYR CA  CB   sing N N 372 
TYR CA  HA   sing N N 373 
TYR C   O    doub N N 374 
TYR C   OXT  sing N N 375 
TYR CB  CG   sing N N 376 
TYR CB  HB2  sing N N 377 
TYR CB  HB3  sing N N 378 
TYR CG  CD1  doub Y N 379 
TYR CG  CD2  sing Y N 380 
TYR CD1 CE1  sing Y N 381 
TYR CD1 HD1  sing N N 382 
TYR CD2 CE2  doub Y N 383 
TYR CD2 HD2  sing N N 384 
TYR CE1 CZ   doub Y N 385 
TYR CE1 HE1  sing N N 386 
TYR CE2 CZ   sing Y N 387 
TYR CE2 HE2  sing N N 388 
TYR CZ  OH   sing N N 389 
TYR OH  HH   sing N N 390 
TYR OXT HXT  sing N N 391 
VAL N   CA   sing N N 392 
VAL N   H    sing N N 393 
VAL N   H2   sing N N 394 
VAL CA  C    sing N N 395 
VAL CA  CB   sing N N 396 
VAL CA  HA   sing N N 397 
VAL C   O    doub N N 398 
VAL C   OXT  sing N N 399 
VAL CB  CG1  sing N N 400 
VAL CB  CG2  sing N N 401 
VAL CB  HB   sing N N 402 
VAL CG1 HG11 sing N N 403 
VAL CG1 HG12 sing N N 404 
VAL CG1 HG13 sing N N 405 
VAL CG2 HG21 sing N N 406 
VAL CG2 HG22 sing N N 407 
VAL CG2 HG23 sing N N 408 
VAL OXT HXT  sing N N 409 
# 
_pdbx_audit_support.funding_organization   CSIR-IGIB 
_pdbx_audit_support.country                India 
_pdbx_audit_support.grant_number           ? 
_pdbx_audit_support.ordinal                1 
# 
_atom_sites.entry_id                    5C82 
_atom_sites.fract_transf_matrix[1][1]   0.00236142 
_atom_sites.fract_transf_matrix[1][2]   0.00972253 
_atom_sites.fract_transf_matrix[1][3]   -0.00302506 
_atom_sites.fract_transf_matrix[2][1]   0.00285268 
_atom_sites.fract_transf_matrix[2][2]   0.00596631 
_atom_sites.fract_transf_matrix[2][3]   0.02140257 
_atom_sites.fract_transf_matrix[3][1]   0.02358260 
_atom_sites.fract_transf_matrix[3][2]   -0.00301690 
_atom_sites.fract_transf_matrix[3][3]   -0.00230224 
_atom_sites.fract_transf_vector[1]      0.370209 
_atom_sites.fract_transf_vector[2]      0.307825 
_atom_sites.fract_transf_vector[3]      0.145538 
# 
loop_
_atom_type.symbol 
C  
N  
O  
S  
SE 
# 
loop_
_atom_site.group_PDB 
_atom_site.id 
_atom_site.type_symbol 
_atom_site.label_atom_id 
_atom_site.label_alt_id 
_atom_site.label_comp_id 
_atom_site.label_asym_id 
_atom_site.label_entity_id 
_atom_site.label_seq_id 
_atom_site.pdbx_PDB_ins_code 
_atom_site.Cartn_x 
_atom_site.Cartn_y 
_atom_site.Cartn_z 
_atom_site.occupancy 
_atom_site.B_iso_or_equiv 
_atom_site.pdbx_formal_charge 
_atom_site.auth_seq_id 
_atom_site.auth_comp_id 
_atom_site.auth_asym_id 
_atom_site.auth_atom_id 
_atom_site.pdbx_PDB_model_num 
ATOM   1    N  N   . THR A 1 8   ? -3.104  -18.310 9.675   1.00 52.63  ? 8   THR A N   1 
ATOM   2    C  CA  . THR A 1 8   ? -2.279  -18.850 8.603   1.00 51.63  ? 8   THR A CA  1 
ATOM   3    C  C   . THR A 1 8   ? -0.810  -18.459 8.857   1.00 52.79  ? 8   THR A C   1 
ATOM   4    O  O   . THR A 1 8   ? -0.220  -17.715 8.073   1.00 54.35  ? 8   THR A O   1 
ATOM   5    C  CB  . THR A 1 8   ? -2.861  -18.477 7.201   1.00 63.41  ? 8   THR A CB  1 
ATOM   6    O  OG1 . THR A 1 8   ? -4.281  -18.642 7.206   1.00 65.63  ? 8   THR A OG1 1 
ATOM   7    C  CG2 . THR A 1 8   ? -2.282  -19.330 6.069   1.00 64.23  ? 8   THR A CG2 1 
ATOM   8    N  N   . ALA A 1 9   ? -0.238  -18.964 9.986   1.00 45.43  ? 9   ALA A N   1 
ATOM   9    C  CA  . ALA A 1 9   ? 1.154   -18.824 10.480  1.00 42.34  ? 9   ALA A CA  1 
ATOM   10   C  C   . ALA A 1 9   ? 1.503   -17.459 11.135  1.00 40.67  ? 9   ALA A C   1 
ATOM   11   O  O   . ALA A 1 9   ? 2.632   -17.292 11.631  1.00 40.21  ? 9   ALA A O   1 
ATOM   12   C  CB  . ALA A 1 9   ? 2.164   -19.155 9.382   1.00 42.47  ? 9   ALA A CB  1 
ATOM   13   N  N   . TYR A 1 10  ? 0.545   -16.514 11.187  1.00 30.90  ? 10  TYR A N   1 
ATOM   14   C  CA  . TYR A 1 10  ? 0.838   -15.200 11.755  1.00 28.12  ? 10  TYR A CA  1 
ATOM   15   C  C   . TYR A 1 10  ? -0.063  -14.804 12.926  1.00 28.37  ? 10  TYR A C   1 
ATOM   16   O  O   . TYR A 1 10  ? -1.137  -15.392 13.122  1.00 28.58  ? 10  TYR A O   1 
ATOM   17   C  CB  . TYR A 1 10  ? 0.824   -14.116 10.658  1.00 28.42  ? 10  TYR A CB  1 
ATOM   18   C  CG  . TYR A 1 10  ? 1.782   -14.399 9.519   1.00 29.39  ? 10  TYR A CG  1 
ATOM   19   C  CD1 . TYR A 1 10  ? 3.137   -14.111 9.634   1.00 30.15  ? 10  TYR A CD1 1 
ATOM   20   C  CD2 . TYR A 1 10  ? 1.338   -14.992 8.338   1.00 30.84  ? 10  TYR A CD2 1 
ATOM   21   C  CE1 . TYR A 1 10  ? 4.033   -14.422 8.613   1.00 28.33  ? 10  TYR A CE1 1 
ATOM   22   C  CE2 . TYR A 1 10  ? 2.228   -15.323 7.316   1.00 31.74  ? 10  TYR A CE2 1 
ATOM   23   C  CZ  . TYR A 1 10  ? 3.570   -15.004 7.445   1.00 36.62  ? 10  TYR A CZ  1 
ATOM   24   O  OH  . TYR A 1 10  ? 4.436   -15.268 6.418   1.00 36.92  ? 10  TYR A OH  1 
ATOM   25   N  N   . ARG A 1 11  ? 0.397   -13.811 13.711  1.00 20.19  ? 11  ARG A N   1 
ATOM   26   C  CA  . ARG A 1 11  ? -0.359  -13.237 14.833  1.00 19.06  ? 11  ARG A CA  1 
ATOM   27   C  C   . ARG A 1 11  ? -0.601  -11.810 14.461  1.00 22.47  ? 11  ARG A C   1 
ATOM   28   O  O   . ARG A 1 11  ? 0.258   -11.195 13.838  1.00 22.27  ? 11  ARG A O   1 
ATOM   29   C  CB  . ARG A 1 11  ? 0.402   -13.338 16.163  1.00 15.90  ? 11  ARG A CB  1 
ATOM   30   C  CG  . ARG A 1 11  ? 0.657   -14.791 16.580  1.00 14.56  ? 11  ARG A CG  1 
ATOM   31   C  CD  . ARG A 1 11  ? 1.600   -14.881 17.771  1.00 17.38  ? 11  ARG A CD  1 
ATOM   32   N  NE  . ARG A 1 11  ? 1.791   -16.275 18.192  1.00 25.34  ? 11  ARG A NE  1 
ATOM   33   C  CZ  . ARG A 1 11  ? 0.952   -16.941 18.978  1.00 32.45  ? 11  ARG A CZ  1 
ATOM   34   N  NH1 . ARG A 1 11  ? -0.136  -16.341 19.465  1.00 13.91  ? 11  ARG A NH1 1 
ATOM   35   N  NH2 . ARG A 1 11  ? 1.200   -18.199 19.306  1.00 18.27  ? 11  ARG A NH2 1 
ATOM   36   N  N   . TYR A 1 12  ? -1.774  -11.285 14.800  1.00 18.52  ? 12  TYR A N   1 
ATOM   37   C  CA  . TYR A 1 12  ? -2.147  -9.932  14.408  1.00 17.79  ? 12  TYR A CA  1 
ATOM   38   C  C   . TYR A 1 12  ? -2.656  -9.173  15.592  1.00 20.94  ? 12  TYR A C   1 
ATOM   39   O  O   . TYR A 1 12  ? -3.368  -9.734  16.407  1.00 19.16  ? 12  TYR A O   1 
ATOM   40   C  CB  . TYR A 1 12  ? -3.248  -9.970  13.336  1.00 18.55  ? 12  TYR A CB  1 
ATOM   41   C  CG  . TYR A 1 12  ? -2.867  -10.723 12.087  1.00 19.72  ? 12  TYR A CG  1 
ATOM   42   C  CD1 . TYR A 1 12  ? -3.110  -12.091 11.970  1.00 20.73  ? 12  TYR A CD1 1 
ATOM   43   C  CD2 . TYR A 1 12  ? -2.317  -10.059 10.991  1.00 20.99  ? 12  TYR A CD2 1 
ATOM   44   C  CE1 . TYR A 1 12  ? -2.763  -12.789 10.816  1.00 21.32  ? 12  TYR A CE1 1 
ATOM   45   C  CE2 . TYR A 1 12  ? -1.945  -10.753 9.840   1.00 21.39  ? 12  TYR A CE2 1 
ATOM   46   C  CZ  . TYR A 1 12  ? -2.156  -12.118 9.765   1.00 25.52  ? 12  TYR A CZ  1 
ATOM   47   O  OH  . TYR A 1 12  ? -1.794  -12.777 8.623   1.00 24.36  ? 12  TYR A OH  1 
ATOM   48   N  N   . ARG A 1 13  ? -2.310  -7.886  15.672  1.00 18.44  ? 13  ARG A N   1 
ATOM   49   C  CA  . ARG A 1 13  ? -2.761  -6.998  16.737  1.00 18.09  ? 13  ARG A CA  1 
ATOM   50   C  C   . ARG A 1 13  ? -2.596  -5.524  16.365  1.00 20.39  ? 13  ARG A C   1 
ATOM   51   O  O   . ARG A 1 13  ? -1.986  -5.178  15.351  1.00 18.86  ? 13  ARG A O   1 
ATOM   52   C  CB  . ARG A 1 13  ? -2.022  -7.287  18.075  1.00 18.23  ? 13  ARG A CB  1 
ATOM   53   C  CG  . ARG A 1 13  ? -0.498  -7.254  18.026  1.00 17.63  ? 13  ARG A CG  1 
ATOM   54   C  CD  . ARG A 1 13  ? 0.074   -7.221  19.444  1.00 18.34  ? 13  ARG A CD  1 
ATOM   55   N  NE  . ARG A 1 13  ? 1.536   -7.330  19.476  1.00 17.38  ? 13  ARG A NE  1 
ATOM   56   C  CZ  . ARG A 1 13  ? 2.373   -6.326  19.223  1.00 29.55  ? 13  ARG A CZ  1 
ATOM   57   N  NH1 . ARG A 1 13  ? 1.905   -5.120  18.932  1.00 16.67  ? 13  ARG A NH1 1 
ATOM   58   N  NH2 . ARG A 1 13  ? 3.682   -6.517  19.274  1.00 21.25  ? 13  ARG A NH2 1 
ATOM   59   N  N   . THR A 1 14  ? -3.103  -4.659  17.229  1.00 16.40  ? 14  THR A N   1 
ATOM   60   C  CA  . THR A 1 14  ? -2.896  -3.236  17.097  1.00 17.18  ? 14  THR A CA  1 
ATOM   61   C  C   . THR A 1 14  ? -1.438  -3.002  17.560  1.00 21.29  ? 14  THR A C   1 
ATOM   62   O  O   . THR A 1 14  ? -0.925  -3.754  18.410  1.00 20.93  ? 14  THR A O   1 
ATOM   63   C  CB  . THR A 1 14  ? -3.992  -2.481  17.846  1.00 20.42  ? 14  THR A CB  1 
ATOM   64   O  OG1 . THR A 1 14  ? -5.208  -2.662  17.120  1.00 17.47  ? 14  THR A OG1 1 
ATOM   65   C  CG2 . THR A 1 14  ? -3.712  -1.002  17.955  1.00 19.38  ? 14  THR A CG2 1 
ATOM   66   N  N   . SER A 1 15  ? -0.746  -2.065  16.908  1.00 17.11  ? 15  SER A N   1 
ATOM   67   C  CA  . SER A 1 15  ? 0.639   -1.750  17.247  1.00 17.49  ? 15  SER A CA  1 
ATOM   68   C  C   . SER A 1 15  ? 0.713   -1.131  18.665  1.00 23.27  ? 15  SER A C   1 
ATOM   69   O  O   . SER A 1 15  ? -0.269  -0.576  19.166  1.00 19.85  ? 15  SER A O   1 
ATOM   70   C  CB  . SER A 1 15  ? 1.214   -0.741  16.261  1.00 19.31  ? 15  SER A CB  1 
ATOM   71   O  OG  . SER A 1 15  ? 0.648   0.534   16.529  1.00 26.41  ? 15  SER A OG  1 
ATOM   72   N  N   . VAL A 1 16  ? 1.907   -1.200  19.268  1.00 23.27  ? 16  VAL A N   1 
ATOM   73   C  CA  . VAL A 1 16  ? 2.230   -0.623  20.573  1.00 23.81  ? 16  VAL A CA  1 
ATOM   74   C  C   . VAL A 1 16  ? 3.493   0.222   20.347  1.00 29.86  ? 16  VAL A C   1 
ATOM   75   O  O   . VAL A 1 16  ? 4.182   -0.039  19.351  1.00 27.54  ? 16  VAL A O   1 
ATOM   76   C  CB  . VAL A 1 16  ? 2.401   -1.691  21.701  1.00 26.29  ? 16  VAL A CB  1 
ATOM   77   C  CG1 . VAL A 1 16  ? 1.067   -2.383  22.013  1.00 26.70  ? 16  VAL A CG1 1 
ATOM   78   C  CG2 . VAL A 1 16  ? 3.496   -2.713  21.386  1.00 25.04  ? 16  VAL A CG2 1 
ATOM   79   N  N   . PRO A 1 17  ? 3.828   1.221   21.218  1.00 28.77  ? 17  PRO A N   1 
ATOM   80   C  CA  . PRO A 1 17  ? 5.049   2.027   20.970  1.00 29.66  ? 17  PRO A CA  1 
ATOM   81   C  C   . PRO A 1 17  ? 6.314   1.203   20.712  1.00 33.85  ? 17  PRO A C   1 
ATOM   82   O  O   . PRO A 1 17  ? 7.082   1.559   19.830  1.00 34.56  ? 17  PRO A O   1 
ATOM   83   C  CB  . PRO A 1 17  ? 5.181   2.893   22.231  1.00 31.33  ? 17  PRO A CB  1 
ATOM   84   C  CG  . PRO A 1 17  ? 3.801   2.981   22.764  1.00 35.70  ? 17  PRO A CG  1 
ATOM   85   C  CD  . PRO A 1 17  ? 3.121   1.677   22.432  1.00 30.50  ? 17  PRO A CD  1 
ATOM   86   N  N   . GLY A 1 18  ? 6.458   0.079   21.413  1.00 29.53  ? 18  GLY A N   1 
ATOM   87   C  CA  . GLY A 1 18  ? 7.587   -0.836  21.295  1.00 29.19  ? 18  GLY A CA  1 
ATOM   88   C  C   . GLY A 1 18  ? 7.788   -1.508  19.947  1.00 32.11  ? 18  GLY A C   1 
ATOM   89   O  O   . GLY A 1 18  ? 8.811   -2.171  19.751  1.00 31.13  ? 18  GLY A O   1 
ATOM   90   N  N   . ASP A 1 19  ? 6.807   -1.368  19.019  1.00 28.33  ? 19  ASP A N   1 
ATOM   91   C  CA  . ASP A 1 19  ? 6.862   -1.918  17.652  1.00 26.83  ? 19  ASP A CA  1 
ATOM   92   C  C   . ASP A 1 19  ? 7.554   -0.944  16.696  1.00 29.23  ? 19  ASP A C   1 
ATOM   93   O  O   . ASP A 1 19  ? 7.881   -1.350  15.583  1.00 27.85  ? 19  ASP A O   1 
ATOM   94   C  CB  . ASP A 1 19  ? 5.445   -2.199  17.099  1.00 27.71  ? 19  ASP A CB  1 
ATOM   95   C  CG  . ASP A 1 19  ? 4.665   -3.313  17.764  1.00 30.43  ? 19  ASP A CG  1 
ATOM   96   O  OD1 . ASP A 1 19  ? 5.263   -4.384  18.038  1.00 31.16  ? 19  ASP A OD1 1 
ATOM   97   O  OD2 . ASP A 1 19  ? 3.442   -3.151  17.936  1.00 27.09  ? 19  ASP A OD2 1 
ATOM   98   N  N   . ALA A 1 20  ? 7.750   0.335   17.111  1.00 25.74  ? 20  ALA A N   1 
ATOM   99   C  CA  . ALA A 1 20  ? 8.325   1.405   16.290  1.00 27.01  ? 20  ALA A CA  1 
ATOM   100  C  C   . ALA A 1 20  ? 9.611   1.031   15.553  1.00 32.80  ? 20  ALA A C   1 
ATOM   101  O  O   . ALA A 1 20  ? 9.711   1.286   14.355  1.00 32.62  ? 20  ALA A O   1 
ATOM   102  C  CB  . ALA A 1 20  ? 8.537   2.665   17.122  1.00 28.28  ? 20  ALA A CB  1 
ATOM   103  N  N   . GLU A 1 21  ? 10.565  0.397   16.244  1.00 31.65  ? 21  GLU A N   1 
ATOM   104  C  CA  . GLU A 1 21  ? 11.836  -0.017  15.646  1.00 32.39  ? 21  GLU A CA  1 
ATOM   105  C  C   . GLU A 1 21  ? 11.653  -1.060  14.549  1.00 35.43  ? 21  GLU A C   1 
ATOM   106  O  O   . GLU A 1 21  ? 12.256  -0.919  13.483  1.00 35.95  ? 21  GLU A O   1 
ATOM   107  C  CB  . GLU A 1 21  ? 12.812  -0.547  16.705  1.00 33.99  ? 21  GLU A CB  1 
ATOM   108  C  CG  . GLU A 1 21  ? 13.497  0.562   17.484  1.00 50.21  ? 21  GLU A CG  1 
ATOM   109  C  CD  . GLU A 1 21  ? 14.799  0.172   18.154  1.00 74.45  ? 21  GLU A CD  1 
ATOM   110  O  OE1 . GLU A 1 21  ? 14.829  -0.867  18.854  1.00 70.97  ? 21  GLU A OE1 1 
ATOM   111  O  OE2 . GLU A 1 21  ? 15.788  0.924   17.998  1.00 71.13  ? 21  GLU A OE2 1 
ATOM   112  N  N   . ALA A 1 22  ? 10.861  -2.119  14.825  1.00 29.22  ? 22  ALA A N   1 
ATOM   113  C  CA  . ALA A 1 22  ? 10.610  -3.200  13.877  1.00 27.78  ? 22  ALA A CA  1 
ATOM   114  C  C   . ALA A 1 22  ? 9.876   -2.670  12.635  1.00 30.38  ? 22  ALA A C   1 
ATOM   115  O  O   . ALA A 1 22  ? 10.218  -3.057  11.522  1.00 29.68  ? 22  ALA A O   1 
ATOM   116  C  CB  . ALA A 1 22  ? 9.825   -4.323  14.543  1.00 28.20  ? 22  ALA A CB  1 
ATOM   117  N  N   . ILE A 1 23  ? 8.939   -1.736  12.826  1.00 26.77  ? 23  ILE A N   1 
ATOM   118  C  CA  . ILE A 1 23  ? 8.169   -1.094  11.746  1.00 26.95  ? 23  ILE A CA  1 
ATOM   119  C  C   . ILE A 1 23  ? 9.119   -0.346  10.790  1.00 35.46  ? 23  ILE A C   1 
ATOM   120  O  O   . ILE A 1 23  ? 9.085   -0.592  9.575   1.00 35.13  ? 23  ILE A O   1 
ATOM   121  C  CB  . ILE A 1 23  ? 7.010   -0.222  12.317  1.00 27.97  ? 23  ILE A CB  1 
ATOM   122  C  CG1 . ILE A 1 23  ? 5.912   -1.143  12.933  1.00 26.94  ? 23  ILE A CG1 1 
ATOM   123  C  CG2 . ILE A 1 23  ? 6.415   0.706   11.237  1.00 27.86  ? 23  ILE A CG2 1 
ATOM   124  C  CD1 . ILE A 1 23  ? 4.875   -0.467  13.822  1.00 25.03  ? 23  ILE A CD1 1 
ATOM   125  N  N   . GLU A 1 24  ? 9.999   0.509   11.372  1.00 34.14  ? 24  GLU A N   1 
ATOM   126  C  CA  . GLU A 1 24  ? 11.048  1.296   10.710  1.00 34.50  ? 24  GLU A CA  1 
ATOM   127  C  C   . GLU A 1 24  ? 12.004  0.389   9.920   1.00 37.79  ? 24  GLU A C   1 
ATOM   128  O  O   . GLU A 1 24  ? 12.218  0.625   8.734   1.00 38.82  ? 24  GLU A O   1 
ATOM   129  C  CB  . GLU A 1 24  ? 11.852  2.092   11.763  1.00 35.94  ? 24  GLU A CB  1 
ATOM   130  C  CG  . GLU A 1 24  ? 11.502  3.570   11.851  1.00 50.21  ? 24  GLU A CG  1 
ATOM   131  C  CD  . GLU A 1 24  ? 11.998  4.287   13.099  1.00 77.17  ? 24  GLU A CD  1 
ATOM   132  O  OE1 . GLU A 1 24  ? 13.181  4.105   13.472  1.00 69.02  ? 24  GLU A OE1 1 
ATOM   133  O  OE2 . GLU A 1 24  ? 11.207  5.058   13.691  1.00 72.07  ? 24  GLU A OE2 1 
ATOM   134  N  N   . ALA A 1 25  ? 12.539  -0.660  10.579  1.00 32.50  ? 25  ALA A N   1 
ATOM   135  C  CA  . ALA A 1 25  ? 13.496  -1.626  10.032  1.00 31.94  ? 25  ALA A CA  1 
ATOM   136  C  C   . ALA A 1 25  ? 12.962  -2.528  8.938   1.00 34.37  ? 25  ALA A C   1 
ATOM   137  O  O   . ALA A 1 25  ? 13.766  -3.094  8.191   1.00 34.27  ? 25  ALA A O   1 
ATOM   138  C  CB  . ALA A 1 25  ? 14.060  -2.490  11.150  1.00 32.72  ? 25  ALA A CB  1 
ATOM   139  N  N   . LEU A 1 26  ? 11.633  -2.745  8.886   1.00 29.30  ? 26  LEU A N   1 
ATOM   140  C  CA  . LEU A 1 26  ? 11.036  -3.640  7.901   1.00 28.05  ? 26  LEU A CA  1 
ATOM   141  C  C   . LEU A 1 26  ? 11.361  -3.161  6.489   1.00 31.11  ? 26  LEU A C   1 
ATOM   142  O  O   . LEU A 1 26  ? 11.258  -1.972  6.174   1.00 30.86  ? 26  LEU A O   1 
ATOM   143  C  CB  . LEU A 1 26  ? 9.522   -3.817  8.128   1.00 27.98  ? 26  LEU A CB  1 
ATOM   144  C  CG  . LEU A 1 26  ? 8.789   -4.848  7.242   1.00 31.92  ? 26  LEU A CG  1 
ATOM   145  C  CD1 . LEU A 1 26  ? 7.734   -5.592  8.039   1.00 31.57  ? 26  LEU A CD1 1 
ATOM   146  C  CD2 . LEU A 1 26  ? 8.160   -4.175  6.035   1.00 32.64  ? 26  LEU A CD2 1 
ATOM   147  N  N   . ASP A 1 27  ? 11.778  -4.109  5.666   1.00 27.89  ? 27  ASP A N   1 
ATOM   148  C  CA  . ASP A 1 27  ? 12.199  -3.909  4.293   1.00 27.22  ? 27  ASP A CA  1 
ATOM   149  C  C   . ASP A 1 27  ? 11.021  -3.779  3.314   1.00 29.23  ? 27  ASP A C   1 
ATOM   150  O  O   . ASP A 1 27  ? 10.495  -4.782  2.838   1.00 29.72  ? 27  ASP A O   1 
ATOM   151  C  CB  . ASP A 1 27  ? 13.138  -5.066  3.891   1.00 28.76  ? 27  ASP A CB  1 
ATOM   152  C  CG  . ASP A 1 27  ? 13.833  -4.907  2.553   1.00 36.23  ? 27  ASP A CG  1 
ATOM   153  O  OD1 . ASP A 1 27  ? 14.003  -3.750  2.106   1.00 36.13  ? 27  ASP A OD1 1 
ATOM   154  O  OD2 . ASP A 1 27  ? 14.282  -5.930  1.997   1.00 41.32  ? 27  ASP A OD2 1 
ATOM   155  N  N   . GLY A 1 28  ? 10.679  -2.545  2.970   1.00 24.11  ? 28  GLY A N   1 
ATOM   156  C  CA  . GLY A 1 28  ? 9.627   -2.262  2.003   1.00 24.31  ? 28  GLY A CA  1 
ATOM   157  C  C   . GLY A 1 28  ? 10.110  -2.196  0.564   1.00 28.49  ? 28  GLY A C   1 
ATOM   158  O  O   . GLY A 1 28  ? 9.371   -1.750  -0.320  1.00 28.49  ? 28  GLY A O   1 
ATOM   159  N  N   . SER A 1 29  ? 11.355  -2.641  0.306   1.00 22.36  ? 29  SER A N   1 
ATOM   160  C  CA  . SER A 1 29  ? 11.918  -2.578  -1.040  1.00 21.41  ? 29  SER A CA  1 
ATOM   161  C  C   . SER A 1 29  ? 11.369  -3.692  -1.890  1.00 21.77  ? 29  SER A C   1 
ATOM   162  O  O   . SER A 1 29  ? 10.852  -4.670  -1.357  1.00 20.68  ? 29  SER A O   1 
ATOM   163  C  CB  . SER A 1 29  ? 13.448  -2.628  -1.000  1.00 24.88  ? 29  SER A CB  1 
ATOM   164  O  OG  . SER A 1 29  ? 13.869  -3.907  -0.559  1.00 35.48  ? 29  SER A OG  1 
ATOM   165  N  N   . PHE A 1 30  ? 11.452  -3.532  -3.216  1.00 17.08  ? 30  PHE A N   1 
ATOM   166  C  CA  . PHE A 1 30  ? 10.968  -4.528  -4.184  1.00 15.55  ? 30  PHE A CA  1 
ATOM   167  C  C   . PHE A 1 30  ? 11.732  -4.391  -5.502  1.00 17.61  ? 30  PHE A C   1 
ATOM   168  O  O   . PHE A 1 30  ? 12.250  -3.318  -5.819  1.00 16.56  ? 30  PHE A O   1 
ATOM   169  C  CB  . PHE A 1 30  ? 9.448   -4.353  -4.436  1.00 16.60  ? 30  PHE A CB  1 
ATOM   170  C  CG  . PHE A 1 30  ? 9.055   -3.025  -5.043  1.00 17.04  ? 30  PHE A CG  1 
ATOM   171  C  CD1 . PHE A 1 30  ? 8.701   -1.951  -4.234  1.00 19.30  ? 30  PHE A CD1 1 
ATOM   172  C  CD2 . PHE A 1 30  ? 8.976   -2.869  -6.425  1.00 18.31  ? 30  PHE A CD2 1 
ATOM   173  C  CE1 . PHE A 1 30  ? 8.322   -0.728  -4.795  1.00 19.60  ? 30  PHE A CE1 1 
ATOM   174  C  CE2 . PHE A 1 30  ? 8.568   -1.650  -6.985  1.00 20.78  ? 30  PHE A CE2 1 
ATOM   175  C  CZ  . PHE A 1 30  ? 8.288   -0.582  -6.164  1.00 18.52  ? 30  PHE A CZ  1 
ATOM   176  N  N   . THR A 1 31  ? 11.744  -5.470  -6.276  1.00 13.87  ? 31  THR A N   1 
ATOM   177  C  CA  . THR A 1 31  ? 12.334  -5.566  -7.603  1.00 14.18  ? 31  THR A CA  1 
ATOM   178  C  C   . THR A 1 31  ? 11.176  -5.927  -8.552  1.00 18.83  ? 31  THR A C   1 
ATOM   179  O  O   . THR A 1 31  ? 10.322  -6.753  -8.215  1.00 17.81  ? 31  THR A O   1 
ATOM   180  C  CB  . THR A 1 31  ? 13.504  -6.557  -7.604  1.00 20.36  ? 31  THR A CB  1 
ATOM   181  O  OG1 . THR A 1 31  ? 14.489  -6.102  -6.666  1.00 21.97  ? 31  THR A OG1 1 
ATOM   182  C  CG2 . THR A 1 31  ? 14.151  -6.700  -8.966  1.00 14.94  ? 31  THR A CG2 1 
ATOM   183  N  N   . THR A 1 32  ? 11.113  -5.258  -9.702  1.00 15.29  ? 32  THR A N   1 
ATOM   184  C  CA  . THR A 1 32  ? 10.044  -5.503  -10.659 1.00 15.48  ? 32  THR A CA  1 
ATOM   185  C  C   . THR A 1 32  ? 10.562  -5.522  -12.097 1.00 22.14  ? 32  THR A C   1 
ATOM   186  O  O   . THR A 1 32  ? 11.438  -4.736  -12.444 1.00 20.37  ? 32  THR A O   1 
ATOM   187  C  CB  . THR A 1 32  ? 8.873   -4.507  -10.424 1.00 19.50  ? 32  THR A CB  1 
ATOM   188  O  OG1 . THR A 1 32  ? 7.809   -4.777  -11.344 1.00 22.87  ? 32  THR A OG1 1 
ATOM   189  C  CG2 . THR A 1 32  ? 9.301   -3.032  -10.493 1.00 16.23  ? 32  THR A CG2 1 
ATOM   190  N  N   A ASP A 1 33  ? 9.995   -6.424  -12.924 0.50 21.50  ? 33  ASP A N   1 
ATOM   191  N  N   B ASP A 1 33  ? 10.014  -6.409  -12.940 0.50 20.92  ? 33  ASP A N   1 
ATOM   192  C  CA  A ASP A 1 33  ? 10.330  -6.592  -14.345 0.50 21.75  ? 33  ASP A CA  1 
ATOM   193  C  CA  B ASP A 1 33  ? 10.418  -6.473  -14.349 0.50 20.86  ? 33  ASP A CA  1 
ATOM   194  C  C   A ASP A 1 33  ? 9.425   -5.704  -15.214 0.50 25.32  ? 33  ASP A C   1 
ATOM   195  C  C   B ASP A 1 33  ? 9.450   -5.661  -15.223 0.50 24.93  ? 33  ASP A C   1 
ATOM   196  O  O   A ASP A 1 33  ? 9.628   -5.631  -16.426 0.50 24.74  ? 33  ASP A O   1 
ATOM   197  O  O   B ASP A 1 33  ? 9.630   -5.600  -16.438 0.50 24.35  ? 33  ASP A O   1 
ATOM   198  C  CB  A ASP A 1 33  ? 10.156  -8.075  -14.760 0.50 23.91  ? 33  ASP A CB  1 
ATOM   199  C  CB  B ASP A 1 33  ? 10.561  -7.932  -14.829 0.50 22.72  ? 33  ASP A CB  1 
ATOM   200  C  CG  A ASP A 1 33  ? 11.023  -9.073  -14.014 0.50 36.21  ? 33  ASP A CG  1 
ATOM   201  C  CG  B ASP A 1 33  ? 9.338   -8.815  -14.651 0.50 31.83  ? 33  ASP A CG  1 
ATOM   202  O  OD1 A ASP A 1 33  ? 12.265  -8.921  -14.039 0.50 37.66  ? 33  ASP A OD1 1 
ATOM   203  O  OD1 B ASP A 1 33  ? 8.239   -8.273  -14.392 0.50 31.84  ? 33  ASP A OD1 1 
ATOM   204  O  OD2 A ASP A 1 33  ? 10.465  -10.037 -13.450 0.50 44.22  ? 33  ASP A OD2 1 
ATOM   205  O  OD2 B ASP A 1 33  ? 9.476   -10.051 -14.781 0.50 39.88  ? 33  ASP A OD2 1 
ATOM   206  N  N   . THR A 1 34  ? 8.407   -5.052  -14.602 1.00 21.25  ? 34  THR A N   1 
ATOM   207  C  CA  . THR A 1 34  ? 7.438   -4.190  -15.320 1.00 20.23  ? 34  THR A CA  1 
ATOM   208  C  C   . THR A 1 34  ? 7.100   -2.963  -14.477 1.00 22.05  ? 34  THR A C   1 
ATOM   209  O  O   . THR A 1 34  ? 7.353   -2.971  -13.278 1.00 21.55  ? 34  THR A O   1 
ATOM   210  C  CB  . THR A 1 34  ? 6.113   -4.925  -15.695 1.00 21.49  ? 34  THR A CB  1 
ATOM   211  O  OG1 . THR A 1 34  ? 5.377   -5.207  -14.519 1.00 21.35  ? 34  THR A OG1 1 
ATOM   212  C  CG2 . THR A 1 34  ? 6.309   -6.208  -16.484 1.00 14.37  ? 34  THR A CG2 1 
ATOM   213  N  N   . VAL A 1 35  ? 6.534   -1.911  -15.110 1.00 16.71  ? 35  VAL A N   1 
ATOM   214  C  CA  . VAL A 1 35  ? 6.074   -0.671  -14.467 1.00 16.15  ? 35  VAL A CA  1 
ATOM   215  C  C   . VAL A 1 35  ? 4.835   -0.229  -15.226 1.00 20.25  ? 35  VAL A C   1 
ATOM   216  O  O   . VAL A 1 35  ? 4.640   -0.634  -16.376 1.00 20.01  ? 35  VAL A O   1 
ATOM   217  C  CB  . VAL A 1 35  ? 7.129   0.505   -14.382 1.00 18.70  ? 35  VAL A CB  1 
ATOM   218  C  CG1 . VAL A 1 35  ? 8.374   0.118   -13.573 1.00 17.24  ? 35  VAL A CG1 1 
ATOM   219  C  CG2 . VAL A 1 35  ? 7.511   1.048   -15.771 1.00 18.33  ? 35  VAL A CG2 1 
ATOM   220  N  N   . PHE A 1 36  ? 3.997   0.590   -14.600 1.00 16.57  ? 36  PHE A N   1 
ATOM   221  C  CA  . PHE A 1 36  ? 2.847   1.153   -15.300 1.00 16.15  ? 36  PHE A CA  1 
ATOM   222  C  C   . PHE A 1 36  ? 3.298   2.532   -15.720 1.00 20.11  ? 36  PHE A C   1 
ATOM   223  O  O   . PHE A 1 36  ? 3.651   3.361   -14.865 1.00 18.92  ? 36  PHE A O   1 
ATOM   224  C  CB  . PHE A 1 36  ? 1.585   1.182   -14.436 1.00 17.42  ? 36  PHE A CB  1 
ATOM   225  C  CG  . PHE A 1 36  ? 0.887   -0.161  -14.337 1.00 18.27  ? 36  PHE A CG  1 
ATOM   226  C  CD1 . PHE A 1 36  ? 1.301   -1.114  -13.409 1.00 18.82  ? 36  PHE A CD1 1 
ATOM   227  C  CD2 . PHE A 1 36  ? -0.214  -0.457  -15.147 1.00 19.15  ? 36  PHE A CD2 1 
ATOM   228  C  CE1 . PHE A 1 36  ? 0.642   -2.346  -13.303 1.00 19.73  ? 36  PHE A CE1 1 
ATOM   229  C  CE2 . PHE A 1 36  ? -0.877  -1.683  -15.038 1.00 20.71  ? 36  PHE A CE2 1 
ATOM   230  C  CZ  . PHE A 1 36  ? -0.454  -2.618  -14.106 1.00 19.19  ? 36  PHE A CZ  1 
ATOM   231  N  N   . ARG A 1 37  ? 3.456   2.705   -17.039 1.00 16.20  ? 37  ARG A N   1 
ATOM   232  C  CA  . ARG A 1 37  ? 3.866   3.964   -17.649 1.00 16.19  ? 37  ARG A CA  1 
ATOM   233  C  C   . ARG A 1 37  ? 2.619   4.810   -17.720 1.00 18.16  ? 37  ARG A C   1 
ATOM   234  O  O   . ARG A 1 37  ? 1.559   4.335   -18.160 1.00 15.24  ? 37  ARG A O   1 
ATOM   235  C  CB  . ARG A 1 37  ? 4.442   3.736   -19.070 1.00 19.28  ? 37  ARG A CB  1 
ATOM   236  C  CG  . ARG A 1 37  ? 4.958   5.024   -19.738 1.00 25.95  ? 37  ARG A CG  1 
ATOM   237  C  CD  . ARG A 1 37  ? 5.602   4.737   -21.076 1.00 41.75  ? 37  ARG A CD  1 
ATOM   238  N  NE  . ARG A 1 37  ? 6.919   4.112   -20.921 1.00 56.41  ? 37  ARG A NE  1 
ATOM   239  C  CZ  . ARG A 1 37  ? 7.555   3.447   -21.882 1.00 69.32  ? 37  ARG A CZ  1 
ATOM   240  N  NH1 . ARG A 1 37  ? 6.998   3.298   -23.080 1.00 49.10  ? 37  ARG A NH1 1 
ATOM   241  N  NH2 . ARG A 1 37  ? 8.745   2.910   -21.647 1.00 59.31  ? 37  ARG A NH2 1 
ATOM   242  N  N   . VAL A 1 38  ? 2.741   6.046   -17.228 1.00 15.97  ? 38  VAL A N   1 
ATOM   243  C  CA  . VAL A 1 38  ? 1.659   7.016   -17.192 1.00 16.68  ? 38  VAL A CA  1 
ATOM   244  C  C   . VAL A 1 38  ? 1.898   8.023   -18.325 1.00 25.53  ? 38  VAL A C   1 
ATOM   245  O  O   . VAL A 1 38  ? 2.972   8.621   -18.408 1.00 26.55  ? 38  VAL A O   1 
ATOM   246  C  CB  . VAL A 1 38  ? 1.526   7.703   -15.797 1.00 19.25  ? 38  VAL A CB  1 
ATOM   247  C  CG1 . VAL A 1 38  ? 0.478   8.801   -15.827 1.00 18.94  ? 38  VAL A CG1 1 
ATOM   248  C  CG2 . VAL A 1 38  ? 1.211   6.687   -14.700 1.00 18.27  ? 38  VAL A CG2 1 
ATOM   249  N  N   . THR A 1 39  ? 0.907   8.182   -19.197 1.00 24.05  ? 39  THR A N   1 
ATOM   250  C  CA  . THR A 1 39  ? 0.981   9.113   -20.320 1.00 25.47  ? 39  THR A CA  1 
ATOM   251  C  C   . THR A 1 39  ? -0.119  10.181  -20.185 1.00 29.55  ? 39  THR A C   1 
ATOM   252  O  O   . THR A 1 39  ? -1.309  9.850   -20.116 1.00 25.08  ? 39  THR A O   1 
ATOM   253  C  CB  . THR A 1 39  ? 0.896   8.333   -21.653 1.00 35.27  ? 39  THR A CB  1 
ATOM   254  O  OG1 . THR A 1 39  ? 2.042   7.498   -21.780 1.00 40.27  ? 39  THR A OG1 1 
ATOM   255  C  CG2 . THR A 1 39  ? 0.762   9.238   -22.874 1.00 34.16  ? 39  THR A CG2 1 
ATOM   256  N  N   . ALA A 1 40  ? 0.298   11.454  -20.140 1.00 29.30  ? 40  ALA A N   1 
ATOM   257  C  CA  . ALA A 1 40  ? -0.623  12.581  -20.112 1.00 30.75  ? 40  ALA A CA  1 
ATOM   258  C  C   . ALA A 1 40  ? -0.993  12.841  -21.581 1.00 36.88  ? 40  ALA A C   1 
ATOM   259  O  O   . ALA A 1 40  ? -0.120  13.118  -22.401 1.00 35.27  ? 40  ALA A O   1 
ATOM   260  C  CB  . ALA A 1 40  ? 0.048   13.801  -19.505 1.00 31.70  ? 40  ALA A CB  1 
ATOM   261  N  N   . THR A 1 41  ? -2.274  12.650  -21.924 1.00 36.69  ? 41  THR A N   1 
ATOM   262  C  CA  . THR A 1 41  ? -2.777  12.807  -23.298 1.00 37.91  ? 41  THR A CA  1 
ATOM   263  C  C   . THR A 1 41  ? -3.301  14.231  -23.575 1.00 44.80  ? 41  THR A C   1 
ATOM   264  O  O   . THR A 1 41  ? -3.678  14.536  -24.709 1.00 44.87  ? 41  THR A O   1 
ATOM   265  C  CB  . THR A 1 41  ? -3.846  11.743  -23.599 1.00 40.17  ? 41  THR A CB  1 
ATOM   266  O  OG1 . THR A 1 41  ? -4.946  11.957  -22.720 1.00 44.47  ? 41  THR A OG1 1 
ATOM   267  C  CG2 . THR A 1 41  ? -3.336  10.335  -23.399 1.00 38.16  ? 41  THR A CG2 1 
ATOM   268  N  N   . GLY A 1 42  ? -3.306  15.075  -22.547 1.00 43.05  ? 42  GLY A N   1 
ATOM   269  C  CA  . GLY A 1 42  ? -3.823  16.434  -22.645 1.00 44.28  ? 42  GLY A CA  1 
ATOM   270  C  C   . GLY A 1 42  ? -5.258  16.488  -22.154 1.00 49.25  ? 42  GLY A C   1 
ATOM   271  O  O   . GLY A 1 42  ? -5.583  17.295  -21.274 1.00 49.03  ? 42  GLY A O   1 
ATOM   272  N  N   . ASP A 1 43  ? -6.118  15.593  -22.715 1.00 45.29  ? 43  ASP A N   1 
ATOM   273  C  CA  . ASP A 1 43  ? -7.526  15.434  -22.330 1.00 44.43  ? 43  ASP A CA  1 
ATOM   274  C  C   . ASP A 1 43  ? -7.668  14.510  -21.098 1.00 44.42  ? 43  ASP A C   1 
ATOM   275  O  O   . ASP A 1 43  ? -8.692  14.535  -20.431 1.00 44.29  ? 43  ASP A O   1 
ATOM   276  C  CB  . ASP A 1 43  ? -8.396  14.965  -23.526 1.00 46.28  ? 43  ASP A CB  1 
ATOM   277  C  CG  . ASP A 1 43  ? -8.244  13.514  -23.964 1.00 56.45  ? 43  ASP A CG  1 
ATOM   278  O  OD1 . ASP A 1 43  ? -7.146  12.956  -23.802 1.00 58.09  ? 43  ASP A OD1 1 
ATOM   279  O  OD2 . ASP A 1 43  ? -9.214  12.957  -24.520 1.00 58.86  ? 43  ASP A OD2 1 
ATOM   280  N  N   . GLY A 1 44  ? -6.629  13.735  -20.806 1.00 36.82  ? 44  GLY A N   1 
ATOM   281  C  CA  . GLY A 1 44  ? -6.601  12.839  -19.661 1.00 34.14  ? 44  GLY A CA  1 
ATOM   282  C  C   . GLY A 1 44  ? -5.300  12.084  -19.485 1.00 31.82  ? 44  GLY A C   1 
ATOM   283  O  O   . GLY A 1 44  ? -4.217  12.570  -19.834 1.00 29.88  ? 44  GLY A O   1 
ATOM   284  N  N   . PHE A 1 45  ? -5.402  10.886  -18.921 1.00 24.65  ? 45  PHE A N   1 
ATOM   285  C  CA  . PHE A 1 45  ? -4.224  10.067  -18.663 1.00 22.93  ? 45  PHE A CA  1 
ATOM   286  C  C   . PHE A 1 45  ? -4.465  8.652   -19.037 1.00 25.03  ? 45  PHE A C   1 
ATOM   287  O  O   . PHE A 1 45  ? -5.561  8.148   -18.837 1.00 23.64  ? 45  PHE A O   1 
ATOM   288  C  CB  . PHE A 1 45  ? -3.810  10.121  -17.172 1.00 23.05  ? 45  PHE A CB  1 
ATOM   289  C  CG  . PHE A 1 45  ? -3.592  11.513  -16.657 1.00 23.45  ? 45  PHE A CG  1 
ATOM   290  C  CD1 . PHE A 1 45  ? -2.363  12.144  -16.812 1.00 25.64  ? 45  PHE A CD1 1 
ATOM   291  C  CD2 . PHE A 1 45  ? -4.624  12.211  -16.029 1.00 24.96  ? 45  PHE A CD2 1 
ATOM   292  C  CE1 . PHE A 1 45  ? -2.177  13.465  -16.378 1.00 26.25  ? 45  PHE A CE1 1 
ATOM   293  C  CE2 . PHE A 1 45  ? -4.425  13.515  -15.569 1.00 26.90  ? 45  PHE A CE2 1 
ATOM   294  C  CZ  . PHE A 1 45  ? -3.205  14.132  -15.747 1.00 24.87  ? 45  PHE A CZ  1 
ATOM   295  N  N   . THR A 1 46  ? -3.420  7.988   -19.498 1.00 22.46  ? 46  THR A N   1 
ATOM   296  C  CA  . THR A 1 46  ? -3.455  6.570   -19.809 1.00 22.83  ? 46  THR A CA  1 
ATOM   297  C  C   . THR A 1 46  ? -2.312  5.854   -19.086 1.00 25.81  ? 46  THR A C   1 
ATOM   298  O  O   . THR A 1 46  ? -1.229  6.405   -18.922 1.00 23.68  ? 46  THR A O   1 
ATOM   299  C  CB  . THR A 1 46  ? -3.545  6.306   -21.325 1.00 34.59  ? 46  THR A CB  1 
ATOM   300  O  OG1 . THR A 1 46  ? -3.762  4.912   -21.511 1.00 45.36  ? 46  THR A OG1 1 
ATOM   301  C  CG2 . THR A 1 46  ? -2.301  6.709   -22.074 1.00 29.11  ? 46  THR A CG2 1 
ATOM   302  N  N   . LEU A 1 47  ? -2.580  4.625   -18.647 1.00 24.47  ? 47  LEU A N   1 
ATOM   303  C  CA  . LEU A 1 47  ? -1.642  3.766   -17.944 1.00 24.60  ? 47  LEU A CA  1 
ATOM   304  C  C   . LEU A 1 47  ? -1.445  2.532   -18.777 1.00 26.91  ? 47  LEU A C   1 
ATOM   305  O  O   . LEU A 1 47  ? -2.410  1.953   -19.247 1.00 26.03  ? 47  LEU A O   1 
ATOM   306  C  CB  . LEU A 1 47  ? -2.183  3.337   -16.562 1.00 24.96  ? 47  LEU A CB  1 
ATOM   307  C  CG  . LEU A 1 47  ? -1.943  4.264   -15.373 1.00 29.57  ? 47  LEU A CG  1 
ATOM   308  C  CD1 . LEU A 1 47  ? -2.778  5.563   -15.480 1.00 28.94  ? 47  LEU A CD1 1 
ATOM   309  C  CD2 . LEU A 1 47  ? -2.309  3.552   -14.103 1.00 31.35  ? 47  LEU A CD2 1 
ATOM   310  N  N   . ARG A 1 48  ? -0.198  2.124   -18.952 1.00 23.61  ? 48  ARG A N   1 
ATOM   311  C  CA  . ARG A 1 48  ? 0.132   0.922   -19.693 1.00 23.38  ? 48  ARG A CA  1 
ATOM   312  C  C   . ARG A 1 48  ? 1.270   0.245   -18.988 1.00 24.60  ? 48  ARG A C   1 
ATOM   313  O  O   . ARG A 1 48  ? 2.293   0.880   -18.750 1.00 25.65  ? 48  ARG A O   1 
ATOM   314  C  CB  . ARG A 1 48  ? 0.529   1.271   -21.137 1.00 23.32  ? 48  ARG A CB  1 
ATOM   315  C  CG  . ARG A 1 48  ? 0.661   0.056   -22.064 1.00 36.76  ? 48  ARG A CG  1 
ATOM   316  C  CD  . ARG A 1 48  ? 0.814   0.447   -23.534 1.00 49.59  ? 48  ARG A CD  1 
ATOM   317  N  NE  . ARG A 1 48  ? 1.945   1.351   -23.765 1.00 67.31  ? 48  ARG A NE  1 
ATOM   318  C  CZ  . ARG A 1 48  ? 3.095   1.000   -24.337 1.00 88.70  ? 48  ARG A CZ  1 
ATOM   319  N  NH1 . ARG A 1 48  ? 3.283   -0.246  -24.761 1.00 73.78  ? 48  ARG A NH1 1 
ATOM   320  N  NH2 . ARG A 1 48  ? 4.064   1.894   -24.496 1.00 78.71  ? 48  ARG A NH2 1 
ATOM   321  N  N   . GLU A 1 49  ? 1.103   -1.035  -18.663 1.00 19.83  ? 49  GLU A N   1 
ATOM   322  C  CA  . GLU A 1 49  ? 2.157   -1.851  -18.063 1.00 19.42  ? 49  GLU A CA  1 
ATOM   323  C  C   . GLU A 1 49  ? 3.192   -2.185  -19.149 1.00 23.07  ? 49  GLU A C   1 
ATOM   324  O  O   . GLU A 1 49  ? 2.845   -2.706  -20.206 1.00 20.93  ? 49  GLU A O   1 
ATOM   325  C  CB  . GLU A 1 49  ? 1.588   -3.124  -17.454 1.00 20.30  ? 49  GLU A CB  1 
ATOM   326  C  CG  . GLU A 1 49  ? 2.582   -3.785  -16.507 1.00 23.47  ? 49  GLU A CG  1 
ATOM   327  C  CD  . GLU A 1 49  ? 2.042   -4.992  -15.777 1.00 24.06  ? 49  GLU A CD  1 
ATOM   328  O  OE1 . GLU A 1 49  ? 0.869   -5.356  -16.016 1.00 27.12  ? 49  GLU A OE1 1 
ATOM   329  O  OE2 . GLU A 1 49  ? 2.776   -5.555  -14.934 1.00 18.88  ? 49  GLU A OE2 1 
ATOM   330  N  N   . VAL A 1 50  ? 4.439   -1.781  -18.907 1.00 20.38  ? 50  VAL A N   1 
ATOM   331  C  CA  . VAL A 1 50  ? 5.551   -1.952  -19.823 1.00 20.09  ? 50  VAL A CA  1 
ATOM   332  C  C   . VAL A 1 50  ? 6.695   -2.738  -19.180 1.00 25.00  ? 50  VAL A C   1 
ATOM   333  O  O   . VAL A 1 50  ? 6.975   -2.536  -17.991 1.00 22.33  ? 50  VAL A O   1 
ATOM   334  C  CB  . VAL A 1 50  ? 6.058   -0.596  -20.409 1.00 23.91  ? 50  VAL A CB  1 
ATOM   335  C  CG1 . VAL A 1 50  ? 5.071   -0.001  -21.427 1.00 23.83  ? 50  VAL A CG1 1 
ATOM   336  C  CG2 . VAL A 1 50  ? 6.395   0.412   -19.313 1.00 23.01  ? 50  VAL A CG2 1 
ATOM   337  N  N   . PRO A 1 51  ? 7.400   -3.611  -19.943 1.00 25.77  ? 51  PRO A N   1 
ATOM   338  C  CA  . PRO A 1 51  ? 8.569   -4.290  -19.357 1.00 26.61  ? 51  PRO A CA  1 
ATOM   339  C  C   . PRO A 1 51  ? 9.713   -3.301  -19.110 1.00 31.76  ? 51  PRO A C   1 
ATOM   340  O  O   . PRO A 1 51  ? 9.807   -2.288  -19.802 1.00 31.77  ? 51  PRO A O   1 
ATOM   341  C  CB  . PRO A 1 51  ? 8.959   -5.326  -20.420 1.00 28.67  ? 51  PRO A CB  1 
ATOM   342  C  CG  . PRO A 1 51  ? 8.436   -4.773  -21.714 1.00 32.60  ? 51  PRO A CG  1 
ATOM   343  C  CD  . PRO A 1 51  ? 7.215   -3.964  -21.373 1.00 27.59  ? 51  PRO A CD  1 
ATOM   344  N  N   . VAL A 1 52  ? 10.555  -3.572  -18.099 1.00 29.00  ? 52  VAL A N   1 
ATOM   345  C  CA  . VAL A 1 52  ? 11.738  -2.765  -17.800 1.00 28.92  ? 52  VAL A CA  1 
ATOM   346  C  C   . VAL A 1 52  ? 12.941  -3.691  -17.732 1.00 33.97  ? 52  VAL A C   1 
ATOM   347  O  O   . VAL A 1 52  ? 12.877  -4.723  -17.059 1.00 33.80  ? 52  VAL A O   1 
ATOM   348  C  CB  . VAL A 1 52  ? 11.649  -1.827  -16.550 1.00 32.31  ? 52  VAL A CB  1 
ATOM   349  C  CG1 . VAL A 1 52  ? 10.769  -0.613  -16.818 1.00 32.19  ? 52  VAL A CG1 1 
ATOM   350  C  CG2 . VAL A 1 52  ? 11.200  -2.570  -15.290 1.00 31.81  ? 52  VAL A CG2 1 
ATOM   351  N  N   . ASP A 1 53  ? 14.020  -3.348  -18.447 1.00 30.91  ? 53  ASP A N   1 
ATOM   352  C  CA  . ASP A 1 53  ? 15.253  -4.129  -18.395 1.00 30.70  ? 53  ASP A CA  1 
ATOM   353  C  C   . ASP A 1 53  ? 16.503  -3.222  -18.297 1.00 31.65  ? 53  ASP A C   1 
ATOM   354  O  O   . ASP A 1 53  ? 16.674  -2.337  -19.133 1.00 30.30  ? 53  ASP A O   1 
ATOM   355  C  CB  . ASP A 1 53  ? 15.370  -5.161  -19.511 1.00 33.30  ? 53  ASP A CB  1 
ATOM   356  C  CG  . ASP A 1 53  ? 16.520  -6.111  -19.247 1.00 47.51  ? 53  ASP A CG  1 
ATOM   357  O  OD1 . ASP A 1 53  ? 16.353  -7.029  -18.411 1.00 50.39  ? 53  ASP A OD1 1 
ATOM   358  O  OD2 . ASP A 1 53  ? 17.619  -5.864  -19.774 1.00 53.70  ? 53  ASP A OD2 1 
ATOM   359  N  N   . PRO A 1 54  ? 17.377  -3.398  -17.279 1.00 26.08  ? 54  PRO A N   1 
ATOM   360  C  CA  . PRO A 1 54  ? 17.336  -4.392  -16.185 1.00 25.31  ? 54  PRO A CA  1 
ATOM   361  C  C   . PRO A 1 54  ? 16.134  -4.207  -15.242 1.00 27.11  ? 54  PRO A C   1 
ATOM   362  O  O   . PRO A 1 54  ? 15.525  -3.132  -15.257 1.00 24.36  ? 54  PRO A O   1 
ATOM   363  C  CB  . PRO A 1 54  ? 18.680  -4.169  -15.473 1.00 27.19  ? 54  PRO A CB  1 
ATOM   364  C  CG  . PRO A 1 54  ? 19.016  -2.720  -15.758 1.00 32.24  ? 54  PRO A CG  1 
ATOM   365  C  CD  . PRO A 1 54  ? 18.566  -2.526  -17.167 1.00 28.43  ? 54  PRO A CD  1 
ATOM   366  N  N   . PRO A 1 55  ? 15.760  -5.209  -14.405 1.00 24.45  ? 55  PRO A N   1 
ATOM   367  C  CA  . PRO A 1 55  ? 14.632  -4.981  -13.478 1.00 24.35  ? 55  PRO A CA  1 
ATOM   368  C  C   . PRO A 1 55  ? 14.866  -3.765  -12.576 1.00 26.51  ? 55  PRO A C   1 
ATOM   369  O  O   . PRO A 1 55  ? 16.006  -3.418  -12.281 1.00 26.37  ? 55  PRO A O   1 
ATOM   370  C  CB  . PRO A 1 55  ? 14.549  -6.284  -12.668 1.00 26.58  ? 55  PRO A CB  1 
ATOM   371  C  CG  . PRO A 1 55  ? 15.273  -7.309  -13.505 1.00 31.08  ? 55  PRO A CG  1 
ATOM   372  C  CD  . PRO A 1 55  ? 16.363  -6.543  -14.200 1.00 26.31  ? 55  PRO A CD  1 
ATOM   373  N  N   . LEU A 1 56  ? 13.798  -3.075  -12.224 1.00 22.20  ? 56  LEU A N   1 
ATOM   374  C  CA  . LEU A 1 56  ? 13.884  -1.900  -11.367 1.00 22.88  ? 56  LEU A CA  1 
ATOM   375  C  C   . LEU A 1 56  ? 13.824  -2.356  -9.907  1.00 23.82  ? 56  LEU A C   1 
ATOM   376  O  O   . LEU A 1 56  ? 12.953  -3.145  -9.558  1.00 22.21  ? 56  LEU A O   1 
ATOM   377  C  CB  . LEU A 1 56  ? 12.708  -0.938  -11.684 1.00 23.56  ? 56  LEU A CB  1 
ATOM   378  C  CG  . LEU A 1 56  ? 12.693  0.425   -10.979 1.00 29.25  ? 56  LEU A CG  1 
ATOM   379  C  CD1 . LEU A 1 56  ? 12.382  1.533   -11.968 1.00 30.70  ? 56  LEU A CD1 1 
ATOM   380  C  CD2 . LEU A 1 56  ? 11.643  0.463   -9.916  1.00 32.30  ? 56  LEU A CD2 1 
ATOM   381  N  N   . THR A 1 57  ? 14.769  -1.891  -9.080  1.00 19.24  ? 57  THR A N   1 
ATOM   382  C  CA  . THR A 1 57  ? 14.740  -2.137  -7.653  1.00 17.94  ? 57  THR A CA  1 
ATOM   383  C  C   . THR A 1 57  ? 14.451  -0.814  -7.003  1.00 22.28  ? 57  THR A C   1 
ATOM   384  O  O   . THR A 1 57  ? 15.208  0.131   -7.179  1.00 20.76  ? 57  THR A O   1 
ATOM   385  C  CB  . THR A 1 57  ? 15.989  -2.814  -7.078  1.00 23.51  ? 57  THR A CB  1 
ATOM   386  O  OG1 . THR A 1 57  ? 16.152  -4.101  -7.677  1.00 21.65  ? 57  THR A OG1 1 
ATOM   387  C  CG2 . THR A 1 57  ? 15.903  -2.962  -5.528  1.00 20.05  ? 57  THR A CG2 1 
ATOM   388  N  N   . LYS A 1 58  ? 13.343  -0.755  -6.246  1.00 21.33  ? 58  LYS A N   1 
ATOM   389  C  CA  . LYS A 1 58  ? 12.926  0.451   -5.573  1.00 21.07  ? 58  LYS A CA  1 
ATOM   390  C  C   . LYS A 1 58  ? 13.156  0.328   -4.082  1.00 27.20  ? 58  LYS A C   1 
ATOM   391  O  O   . LYS A 1 58  ? 12.609  -0.554  -3.432  1.00 27.31  ? 58  LYS A O   1 
ATOM   392  C  CB  . LYS A 1 58  ? 11.471  0.825   -5.948  1.00 20.99  ? 58  LYS A CB  1 
ATOM   393  C  CG  . LYS A 1 58  ? 10.918  2.043   -5.227  1.00 20.33  ? 58  LYS A CG  1 
ATOM   394  C  CD  . LYS A 1 58  ? 11.260  3.353   -5.906  1.00 32.96  ? 58  LYS A CD  1 
ATOM   395  C  CE  . LYS A 1 58  ? 10.860  4.564   -5.094  1.00 47.08  ? 58  LYS A CE  1 
ATOM   396  N  NZ  . LYS A 1 58  ? 11.616  4.690   -3.818  1.00 63.81  ? 58  LYS A NZ  1 
ATOM   397  N  N   . VAL A 1 59  ? 13.971  1.242   -3.560  1.00 24.39  ? 59  VAL A N   1 
ATOM   398  C  CA  . VAL A 1 59  ? 14.349  1.374   -2.164  1.00 24.59  ? 59  VAL A CA  1 
ATOM   399  C  C   . VAL A 1 59  ? 13.777  2.719   -1.678  1.00 32.96  ? 59  VAL A C   1 
ATOM   400  O  O   . VAL A 1 59  ? 13.935  3.736   -2.365  1.00 31.80  ? 59  VAL A O   1 
ATOM   401  C  CB  . VAL A 1 59  ? 15.900  1.288   -2.037  1.00 26.80  ? 59  VAL A CB  1 
ATOM   402  C  CG1 . VAL A 1 59  ? 16.365  1.635   -0.632  1.00 25.50  ? 59  VAL A CG1 1 
ATOM   403  C  CG2 . VAL A 1 59  ? 16.410  -0.093  -2.456  1.00 25.80  ? 59  VAL A CG2 1 
ATOM   404  N  N   . PHE A 1 60  ? 13.079  2.711   -0.534  1.00 34.35  ? 60  PHE A N   1 
ATOM   405  C  CA  . PHE A 1 60  ? 12.448  3.914   0.026   1.00 36.58  ? 60  PHE A CA  1 
ATOM   406  C  C   . PHE A 1 60  ? 13.218  4.396   1.273   1.00 48.80  ? 60  PHE A C   1 
ATOM   407  O  O   . PHE A 1 60  ? 13.440  3.592   2.185   1.00 48.45  ? 60  PHE A O   1 
ATOM   408  C  CB  . PHE A 1 60  ? 10.967  3.657   0.395   1.00 37.86  ? 60  PHE A CB  1 
ATOM   409  C  CG  . PHE A 1 60  ? 10.056  3.125   -0.685  1.00 39.40  ? 60  PHE A CG  1 
ATOM   410  C  CD1 . PHE A 1 60  ? 9.903   1.755   -0.876  1.00 41.78  ? 60  PHE A CD1 1 
ATOM   411  C  CD2 . PHE A 1 60  ? 9.293   3.989   -1.466  1.00 41.87  ? 60  PHE A CD2 1 
ATOM   412  C  CE1 . PHE A 1 60  ? 9.035   1.260   -1.858  1.00 42.63  ? 60  PHE A CE1 1 
ATOM   413  C  CE2 . PHE A 1 60  ? 8.415   3.493   -2.439  1.00 43.86  ? 60  PHE A CE2 1 
ATOM   414  C  CZ  . PHE A 1 60  ? 8.292   2.130   -2.627  1.00 41.64  ? 60  PHE A CZ  1 
ATOM   415  N  N   . PRO A 1 61  ? 13.576  5.706   1.381   1.00 52.06  ? 61  PRO A N   1 
ATOM   416  C  CA  . PRO A 1 61  ? 14.319  6.165   2.573   1.00 54.25  ? 61  PRO A CA  1 
ATOM   417  C  C   . PRO A 1 61  ? 13.424  6.466   3.786   1.00 63.19  ? 61  PRO A C   1 
ATOM   418  O  O   . PRO A 1 61  ? 13.605  7.490   4.463   1.00 63.74  ? 61  PRO A O   1 
ATOM   419  C  CB  . PRO A 1 61  ? 15.107  7.389   2.059   1.00 55.79  ? 61  PRO A CB  1 
ATOM   420  C  CG  . PRO A 1 61  ? 14.686  7.576   0.587   1.00 59.33  ? 61  PRO A CG  1 
ATOM   421  C  CD  . PRO A 1 61  ? 13.414  6.807   0.412   1.00 54.34  ? 61  PRO A CD  1 
ATOM   422  N  N   . ASP A 1 62  ? 12.473  5.536   4.077   1.00 61.42  ? 62  ASP A N   1 
ATOM   423  C  CA  . ASP A 1 62  ? 11.514  5.602   5.186   1.00 98.84  ? 62  ASP A CA  1 
ATOM   424  C  C   . ASP A 1 62  ? 12.189  5.287   6.525   1.00 128.08 ? 62  ASP A C   1 
ATOM   425  O  O   . ASP A 1 62  ? 12.541  6.197   7.276   1.00 85.56  ? 62  ASP A O   1 
ATOM   426  C  CB  . ASP A 1 62  ? 10.337  4.629   4.940   1.00 100.59 ? 62  ASP A CB  1 
ATOM   427  C  CG  . ASP A 1 62  ? 9.313   5.092   3.915   1.00 108.60 ? 62  ASP A CG  1 
ATOM   428  O  OD1 . ASP A 1 62  ? 9.724   5.621   2.855   1.00 108.87 ? 62  ASP A OD1 1 
ATOM   429  O  OD2 . ASP A 1 62  ? 8.102   4.884   4.152   1.00 113.11 ? 62  ASP A OD2 1 
ATOM   430  N  N   . ASP A 1 76  ? -6.389  10.630  19.118  1.00 78.91  ? 76  ASP A N   1 
ATOM   431  C  CA  . ASP A 1 76  ? -5.983  9.790   17.993  1.00 78.63  ? 76  ASP A CA  1 
ATOM   432  C  C   . ASP A 1 76  ? -6.985  8.606   17.776  1.00 80.60  ? 76  ASP A C   1 
ATOM   433  O  O   . ASP A 1 76  ? -6.568  7.442   17.816  1.00 80.86  ? 76  ASP A O   1 
ATOM   434  C  CB  . ASP A 1 76  ? -4.528  9.307   18.214  1.00 80.94  ? 76  ASP A CB  1 
ATOM   435  C  CG  . ASP A 1 76  ? -3.855  8.688   17.000  1.00 95.13  ? 76  ASP A CG  1 
ATOM   436  O  OD1 . ASP A 1 76  ? -3.556  9.436   16.036  1.00 95.63  ? 76  ASP A OD1 1 
ATOM   437  O  OD2 . ASP A 1 76  ? -3.585  7.463   17.033  1.00 101.65 ? 76  ASP A OD2 1 
ATOM   438  N  N   . PRO A 1 77  ? -8.309  8.862   17.546  1.00 74.50  ? 77  PRO A N   1 
ATOM   439  C  CA  . PRO A 1 77  ? -9.252  7.735   17.386  1.00 72.74  ? 77  PRO A CA  1 
ATOM   440  C  C   . PRO A 1 77  ? -9.467  7.239   15.953  1.00 71.28  ? 77  PRO A C   1 
ATOM   441  O  O   . PRO A 1 77  ? -9.861  6.085   15.760  1.00 70.52  ? 77  PRO A O   1 
ATOM   442  C  CB  . PRO A 1 77  ? -10.554 8.283   17.981  1.00 74.71  ? 77  PRO A CB  1 
ATOM   443  C  CG  . PRO A 1 77  ? -10.455 9.786   17.826  1.00 79.73  ? 77  PRO A CG  1 
ATOM   444  C  CD  . PRO A 1 77  ? -9.025  10.158  17.487  1.00 75.69  ? 77  PRO A CD  1 
ATOM   445  N  N   . ASP A 1 78  ? -9.266  8.125   14.959  1.00 63.32  ? 78  ASP A N   1 
ATOM   446  C  CA  . ASP A 1 78  ? -9.456  7.829   13.542  1.00 60.74  ? 78  ASP A CA  1 
ATOM   447  C  C   . ASP A 1 78  ? -8.229  7.202   12.882  1.00 58.27  ? 78  ASP A C   1 
ATOM   448  O  O   . ASP A 1 78  ? -8.353  6.630   11.800  1.00 57.93  ? 78  ASP A O   1 
ATOM   449  C  CB  . ASP A 1 78  ? -9.926  9.082   12.790  1.00 62.65  ? 78  ASP A CB  1 
ATOM   450  C  CG  . ASP A 1 78  ? -11.311 9.568   13.184  1.00 67.84  ? 78  ASP A CG  1 
ATOM   451  O  OD1 . ASP A 1 78  ? -12.197 8.711   13.443  1.00 65.93  ? 78  ASP A OD1 1 
ATOM   452  O  OD2 . ASP A 1 78  ? -11.526 10.801  13.193  1.00 72.23  ? 78  ASP A OD2 1 
ATOM   453  N  N   . SER A 1 79  ? -7.056  7.289   13.542  1.00 50.01  ? 79  SER A N   1 
ATOM   454  C  CA  . SER A 1 79  ? -5.802  6.692   13.086  1.00 47.45  ? 79  SER A CA  1 
ATOM   455  C  C   . SER A 1 79  ? -5.555  5.349   13.812  1.00 45.02  ? 79  SER A C   1 
ATOM   456  O  O   . SER A 1 79  ? -5.933  5.214   14.982  1.00 46.05  ? 79  SER A O   1 
ATOM   457  C  CB  . SER A 1 79  ? -4.639  7.652   13.325  1.00 51.34  ? 79  SER A CB  1 
ATOM   458  O  OG  . SER A 1 79  ? -3.390  7.079   12.967  1.00 63.31  ? 79  SER A OG  1 
ATOM   459  N  N   . ARG A 1 80  ? -4.952  4.357   13.111  1.00 33.62  ? 80  ARG A N   1 
ATOM   460  C  CA  . ARG A 1 80  ? -4.605  3.042   13.668  1.00 29.80  ? 80  ARG A CA  1 
ATOM   461  C  C   . ARG A 1 80  ? -3.551  2.316   12.831  1.00 27.09  ? 80  ARG A C   1 
ATOM   462  O  O   . ARG A 1 80  ? -3.538  2.452   11.609  1.00 24.30  ? 80  ARG A O   1 
ATOM   463  C  CB  . ARG A 1 80  ? -5.841  2.149   13.819  1.00 27.80  ? 80  ARG A CB  1 
ATOM   464  C  CG  . ARG A 1 80  ? -5.665  1.017   14.839  1.00 35.33  ? 80  ARG A CG  1 
ATOM   465  C  CD  . ARG A 1 80  ? -7.019  0.522   15.247  1.00 46.44  ? 80  ARG A CD  1 
ATOM   466  N  NE  . ARG A 1 80  ? -7.000  -0.334  16.424  1.00 64.25  ? 80  ARG A NE  1 
ATOM   467  C  CZ  . ARG A 1 80  ? -7.914  -0.279  17.383  1.00 76.41  ? 80  ARG A CZ  1 
ATOM   468  N  NH1 . ARG A 1 80  ? -8.901  0.610   17.319  1.00 54.63  ? 80  ARG A NH1 1 
ATOM   469  N  NH2 . ARG A 1 80  ? -7.843  -1.101  18.421  1.00 67.08  ? 80  ARG A NH2 1 
ATOM   470  N  N   . THR A 1 81  ? -2.683  1.542   13.502  1.00 20.28  ? 81  THR A N   1 
ATOM   471  C  CA  . THR A 1 81  ? -1.662  0.696   12.888  1.00 19.14  ? 81  THR A CA  1 
ATOM   472  C  C   . THR A 1 81  ? -1.886  -0.746  13.340  1.00 21.16  ? 81  THR A C   1 
ATOM   473  O  O   . THR A 1 81  ? -1.960  -1.012  14.537  1.00 20.07  ? 81  THR A O   1 
ATOM   474  C  CB  . THR A 1 81  ? -0.222  1.165   13.233  1.00 23.93  ? 81  THR A CB  1 
ATOM   475  O  OG1 . THR A 1 81  ? -0.031  2.502   12.786  1.00 28.79  ? 81  THR A OG1 1 
ATOM   476  C  CG2 . THR A 1 81  ? 0.870   0.259   12.627  1.00 16.19  ? 81  THR A CG2 1 
ATOM   477  N  N   . PHE A 1 82  ? -1.959  -1.673  12.376  1.00 17.64  ? 82  PHE A N   1 
ATOM   478  C  CA  . PHE A 1 82  ? -2.062  -3.102  12.634  1.00 16.90  ? 82  PHE A CA  1 
ATOM   479  C  C   . PHE A 1 82  ? -0.763  -3.771  12.223  1.00 19.39  ? 82  PHE A C   1 
ATOM   480  O  O   . PHE A 1 82  ? -0.218  -3.467  11.162  1.00 16.39  ? 82  PHE A O   1 
ATOM   481  C  CB  . PHE A 1 82  ? -3.251  -3.732  11.899  1.00 18.53  ? 82  PHE A CB  1 
ATOM   482  C  CG  . PHE A 1 82  ? -4.577  -3.141  12.284  1.00 20.30  ? 82  PHE A CG  1 
ATOM   483  C  CD1 . PHE A 1 82  ? -5.207  -3.522  13.466  1.00 23.90  ? 82  PHE A CD1 1 
ATOM   484  C  CD2 . PHE A 1 82  ? -5.241  -2.272  11.428  1.00 23.05  ? 82  PHE A CD2 1 
ATOM   485  C  CE1 . PHE A 1 82  ? -6.444  -2.983  13.817  1.00 26.48  ? 82  PHE A CE1 1 
ATOM   486  C  CE2 . PHE A 1 82  ? -6.478  -1.731  11.777  1.00 27.28  ? 82  PHE A CE2 1 
ATOM   487  C  CZ  . PHE A 1 82  ? -7.083  -2.102  12.960  1.00 26.92  ? 82  PHE A CZ  1 
ATOM   488  N  N   . VAL A 1 83  ? -0.252  -4.664  13.079  1.00 17.90  ? 83  VAL A N   1 
ATOM   489  C  CA  . VAL A 1 83  ? 1.003   -5.387  12.830  1.00 16.67  ? 83  VAL A CA  1 
ATOM   490  C  C   . VAL A 1 83  ? 0.716   -6.863  12.700  1.00 20.77  ? 83  VAL A C   1 
ATOM   491  O  O   . VAL A 1 83  ? -0.219  -7.359  13.323  1.00 21.22  ? 83  VAL A O   1 
ATOM   492  C  CB  . VAL A 1 83  ? 2.079   -5.118  13.932  1.00 18.90  ? 83  VAL A CB  1 
ATOM   493  C  CG1 . VAL A 1 83  ? 2.651   -3.700  13.835  1.00 17.24  ? 83  VAL A CG1 1 
ATOM   494  C  CG2 . VAL A 1 83  ? 1.544   -5.418  15.344  1.00 18.68  ? 83  VAL A CG2 1 
ATOM   495  N  N   . ALA A 1 84  ? 1.547   -7.562  11.944  1.00 17.39  ? 84  ALA A N   1 
ATOM   496  C  CA  . ALA A 1 84  ? 1.506   -9.018  11.754  1.00 17.66  ? 84  ALA A CA  1 
ATOM   497  C  C   . ALA A 1 84  ? 2.873   -9.576  12.123  1.00 21.06  ? 84  ALA A C   1 
ATOM   498  O  O   . ALA A 1 84  ? 3.883   -9.125  11.576  1.00 21.10  ? 84  ALA A O   1 
ATOM   499  C  CB  . ALA A 1 84  ? 1.186   -9.368  10.304  1.00 18.02  ? 84  ALA A CB  1 
ATOM   500  N  N   . TYR A 1 85  ? 2.918   -10.499 13.087  1.00 17.73  ? 85  TYR A N   1 
ATOM   501  C  CA  . TYR A 1 85  ? 4.174   -11.127 13.529  1.00 17.70  ? 85  TYR A CA  1 
ATOM   502  C  C   . TYR A 1 85  ? 4.197   -12.606 13.168  1.00 23.45  ? 85  TYR A C   1 
ATOM   503  O  O   . TYR A 1 85  ? 3.204   -13.305 13.329  1.00 21.40  ? 85  TYR A O   1 
ATOM   504  C  CB  . TYR A 1 85  ? 4.392   -10.940 15.041  1.00 17.55  ? 85  TYR A CB  1 
ATOM   505  C  CG  . TYR A 1 85  ? 4.997   -9.599  15.402  1.00 19.37  ? 85  TYR A CG  1 
ATOM   506  C  CD1 . TYR A 1 85  ? 4.191   -8.492  15.650  1.00 20.53  ? 85  TYR A CD1 1 
ATOM   507  C  CD2 . TYR A 1 85  ? 6.375   -9.442  15.519  1.00 20.50  ? 85  TYR A CD2 1 
ATOM   508  C  CE1 . TYR A 1 85  ? 4.742   -7.252  15.958  1.00 21.06  ? 85  TYR A CE1 1 
ATOM   509  C  CE2 . TYR A 1 85  ? 6.940   -8.205  15.839  1.00 21.00  ? 85  TYR A CE2 1 
ATOM   510  C  CZ  . TYR A 1 85  ? 6.119   -7.114  16.055  1.00 28.45  ? 85  TYR A CZ  1 
ATOM   511  O  OH  . TYR A 1 85  ? 6.668   -5.896  16.369  1.00 29.03  ? 85  TYR A OH  1 
ATOM   512  N  N   . GLY A 1 86  ? 5.341   -13.069 12.699  1.00 25.00  ? 86  GLY A N   1 
ATOM   513  C  CA  . GLY A 1 86  ? 5.547   -14.474 12.374  1.00 27.17  ? 86  GLY A CA  1 
ATOM   514  C  C   . GLY A 1 86  ? 5.877   -15.295 13.604  1.00 36.66  ? 86  GLY A C   1 
ATOM   515  O  O   . GLY A 1 86  ? 5.999   -14.736 14.698  1.00 35.68  ? 86  GLY A O   1 
ATOM   516  N  N   . ASP A 1 87  ? 6.040   -16.632 13.426  1.00 38.85  ? 87  ASP A N   1 
ATOM   517  C  CA  . ASP A 1 87  ? 6.384   -17.596 14.487  1.00 40.93  ? 87  ASP A CA  1 
ATOM   518  C  C   . ASP A 1 87  ? 7.712   -17.264 15.174  1.00 45.95  ? 87  ASP A C   1 
ATOM   519  O  O   . ASP A 1 87  ? 7.846   -17.434 16.384  1.00 46.78  ? 87  ASP A O   1 
ATOM   520  C  CB  . ASP A 1 87  ? 6.436   -19.034 13.933  1.00 43.68  ? 87  ASP A CB  1 
ATOM   521  C  CG  . ASP A 1 87  ? 5.098   -19.752 13.895  1.00 63.77  ? 87  ASP A CG  1 
ATOM   522  O  OD1 . ASP A 1 87  ? 4.527   -20.009 14.984  1.00 65.79  ? 87  ASP A OD1 1 
ATOM   523  O  OD2 . ASP A 1 87  ? 4.653   -20.123 12.779  1.00 72.81  ? 87  ASP A OD2 1 
ATOM   524  N  N   . ASP A 1 88  ? 8.662   -16.755 14.395  1.00 42.57  ? 88  ASP A N   1 
ATOM   525  C  CA  . ASP A 1 88  ? 10.013  -16.365 14.785  1.00 42.41  ? 88  ASP A CA  1 
ATOM   526  C  C   . ASP A 1 88  ? 10.115  -15.109 15.687  1.00 44.21  ? 88  ASP A C   1 
ATOM   527  O  O   . ASP A 1 88  ? 11.195  -14.837 16.212  1.00 43.75  ? 88  ASP A O   1 
ATOM   528  C  CB  . ASP A 1 88  ? 10.857  -16.182 13.507  1.00 45.28  ? 88  ASP A CB  1 
ATOM   529  C  CG  . ASP A 1 88  ? 10.280  -15.245 12.435  1.00 63.15  ? 88  ASP A CG  1 
ATOM   530  O  OD1 . ASP A 1 88  ? 9.337   -14.470 12.752  1.00 63.71  ? 88  ASP A OD1 1 
ATOM   531  O  OD2 . ASP A 1 88  ? 10.789  -15.268 11.293  1.00 72.20  ? 88  ASP A OD2 1 
ATOM   532  N  N   . GLY A 1 89  ? 9.018   -14.354 15.831  1.00 38.22  ? 89  GLY A N   1 
ATOM   533  C  CA  . GLY A 1 89  ? 8.982   -13.103 16.592  1.00 35.89  ? 89  GLY A CA  1 
ATOM   534  C  C   . GLY A 1 89  ? 9.325   -11.876 15.755  1.00 36.07  ? 89  GLY A C   1 
ATOM   535  O  O   . GLY A 1 89  ? 9.362   -10.754 16.266  1.00 34.99  ? 89  GLY A O   1 
ATOM   536  N  N   . ASP A 1 90  ? 9.564   -12.075 14.454  1.00 31.02  ? 90  ASP A N   1 
ATOM   537  C  CA  . ASP A 1 90  ? 9.892   -10.991 13.530  1.00 30.13  ? 90  ASP A CA  1 
ATOM   538  C  C   . ASP A 1 90  ? 8.638   -10.398 12.921  1.00 30.13  ? 90  ASP A C   1 
ATOM   539  O  O   . ASP A 1 90  ? 7.643   -11.104 12.686  1.00 29.20  ? 90  ASP A O   1 
ATOM   540  C  CB  . ASP A 1 90  ? 10.858  -11.475 12.429  1.00 32.72  ? 90  ASP A CB  1 
ATOM   541  C  CG  . ASP A 1 90  ? 12.258  -11.835 12.939  1.00 52.38  ? 90  ASP A CG  1 
ATOM   542  O  OD1 . ASP A 1 90  ? 12.851  -11.020 13.697  1.00 54.42  ? 90  ASP A OD1 1 
ATOM   543  O  OD2 . ASP A 1 90  ? 12.768  -12.918 12.566  1.00 58.62  ? 90  ASP A OD2 1 
ATOM   544  N  N   . LEU A 1 91  ? 8.691   -9.091  12.656  1.00 23.46  ? 91  LEU A N   1 
ATOM   545  C  CA  . LEU A 1 91  ? 7.598   -8.382  12.030  1.00 19.63  ? 91  LEU A CA  1 
ATOM   546  C  C   . LEU A 1 91  ? 7.479   -8.811  10.575  1.00 23.58  ? 91  LEU A C   1 
ATOM   547  O  O   . LEU A 1 91  ? 8.442   -8.726  9.822   1.00 24.88  ? 91  LEU A O   1 
ATOM   548  C  CB  . LEU A 1 91  ? 7.784   -6.882  12.172  1.00 17.70  ? 91  LEU A CB  1 
ATOM   549  C  CG  . LEU A 1 91  ? 6.602   -6.023  11.717  1.00 18.44  ? 91  LEU A CG  1 
ATOM   550  C  CD1 . LEU A 1 91  ? 5.365   -6.265  12.566  1.00 16.45  ? 91  LEU A CD1 1 
ATOM   551  C  CD2 . LEU A 1 91  ? 6.974   -4.599  11.739  1.00 18.83  ? 91  LEU A CD2 1 
ATOM   552  N  N   . ALA A 1 92  ? 6.323   -9.353  10.210  1.00 19.62  ? 92  ALA A N   1 
ATOM   553  C  CA  . ALA A 1 92  ? 6.067   -9.838  8.859   1.00 18.92  ? 92  ALA A CA  1 
ATOM   554  C  C   . ALA A 1 92  ? 5.475   -8.710  8.039   1.00 23.73  ? 92  ALA A C   1 
ATOM   555  O  O   . ALA A 1 92  ? 5.636   -8.687  6.807   1.00 23.24  ? 92  ALA A O   1 
ATOM   556  C  CB  . ALA A 1 92  ? 5.107   -11.018 8.892   1.00 19.38  ? 92  ALA A CB  1 
ATOM   557  N  N   . GLY A 1 93  ? 4.797   -7.784  8.723   1.00 19.58  ? 93  GLY A N   1 
ATOM   558  C  CA  . GLY A 1 93  ? 4.153   -6.682  8.039   1.00 19.42  ? 93  GLY A CA  1 
ATOM   559  C  C   . GLY A 1 93  ? 3.324   -5.783  8.915   1.00 24.26  ? 93  GLY A C   1 
ATOM   560  O  O   . GLY A 1 93  ? 3.056   -6.111  10.073  1.00 24.19  ? 93  GLY A O   1 
ATOM   561  N  N   . PHE A 1 94  ? 2.942   -4.617  8.356   1.00 19.55  ? 94  PHE A N   1 
ATOM   562  C  CA  . PHE A 1 94  ? 2.106   -3.634  9.046   1.00 18.98  ? 94  PHE A CA  1 
ATOM   563  C  C   . PHE A 1 94  ? 1.230   -2.871  8.072   1.00 22.77  ? 94  PHE A C   1 
ATOM   564  O  O   . PHE A 1 94  ? 1.519   -2.818  6.875   1.00 24.32  ? 94  PHE A O   1 
ATOM   565  C  CB  . PHE A 1 94  ? 2.964   -2.657  9.908   1.00 20.37  ? 94  PHE A CB  1 
ATOM   566  C  CG  . PHE A 1 94  ? 3.850   -1.727  9.111   1.00 20.85  ? 94  PHE A CG  1 
ATOM   567  C  CD1 . PHE A 1 94  ? 5.135   -2.110  8.743   1.00 22.08  ? 94  PHE A CD1 1 
ATOM   568  C  CD2 . PHE A 1 94  ? 3.395   -0.467  8.722   1.00 22.80  ? 94  PHE A CD2 1 
ATOM   569  C  CE1 . PHE A 1 94  ? 5.944   -1.264  7.983   1.00 24.00  ? 94  PHE A CE1 1 
ATOM   570  C  CE2 . PHE A 1 94  ? 4.201   0.379   7.949   1.00 25.47  ? 94  PHE A CE2 1 
ATOM   571  C  CZ  . PHE A 1 94  ? 5.473   -0.023  7.586   1.00 23.24  ? 94  PHE A CZ  1 
ATOM   572  N  N   . VAL A 1 95  ? 0.197   -2.238  8.588   1.00 18.82  ? 95  VAL A N   1 
ATOM   573  C  CA  . VAL A 1 95  ? -0.702  -1.369  7.805   1.00 18.28  ? 95  VAL A CA  1 
ATOM   574  C  C   . VAL A 1 95  ? -1.066  -0.181  8.704   1.00 21.13  ? 95  VAL A C   1 
ATOM   575  O  O   . VAL A 1 95  ? -1.395  -0.361  9.885   1.00 19.56  ? 95  VAL A O   1 
ATOM   576  C  CB  . VAL A 1 95  ? -1.952  -2.099  7.196   1.00 21.51  ? 95  VAL A CB  1 
ATOM   577  C  CG1 . VAL A 1 95  ? -2.914  -2.610  8.268   1.00 20.43  ? 95  VAL A CG1 1 
ATOM   578  C  CG2 . VAL A 1 95  ? -2.690  -1.207  6.199   1.00 21.38  ? 95  VAL A CG2 1 
ATOM   579  N  N   . VAL A 1 96  ? -0.946  1.020   8.162   1.00 18.40  ? 96  VAL A N   1 
ATOM   580  C  CA  . VAL A 1 96  ? -1.288  2.242   8.874   1.00 17.52  ? 96  VAL A CA  1 
ATOM   581  C  C   . VAL A 1 96  ? -2.521  2.752   8.157   1.00 21.85  ? 96  VAL A C   1 
ATOM   582  O  O   . VAL A 1 96  ? -2.525  2.857   6.923   1.00 20.77  ? 96  VAL A O   1 
ATOM   583  C  CB  . VAL A 1 96  ? -0.133  3.298   8.899   1.00 19.93  ? 96  VAL A CB  1 
ATOM   584  C  CG1 . VAL A 1 96  ? -0.517  4.526   9.734   1.00 18.98  ? 96  VAL A CG1 1 
ATOM   585  C  CG2 . VAL A 1 96  ? 1.177   2.689   9.399   1.00 19.34  ? 96  VAL A CG2 1 
ATOM   586  N  N   . VAL A 1 97  ? -3.569  3.037   8.929   1.00 18.44  ? 97  VAL A N   1 
ATOM   587  C  CA  . VAL A 1 97  ? -4.839  3.543   8.430   1.00 18.04  ? 97  VAL A CA  1 
ATOM   588  C  C   . VAL A 1 97  ? -5.208  4.836   9.124   1.00 27.06  ? 97  VAL A C   1 
ATOM   589  O  O   . VAL A 1 97  ? -4.829  5.067   10.281  1.00 27.61  ? 97  VAL A O   1 
ATOM   590  C  CB  . VAL A 1 97  ? -5.997  2.496   8.437   1.00 21.20  ? 97  VAL A CB  1 
ATOM   591  C  CG1 . VAL A 1 97  ? -5.612  1.232   7.667   1.00 20.18  ? 97  VAL A CG1 1 
ATOM   592  C  CG2 . VAL A 1 97  ? -6.487  2.153   9.853   1.00 20.92  ? 97  VAL A CG2 1 
ATOM   593  N  N   . SER A 1 98  ? -5.936  5.688   8.402   1.00 25.19  ? 98  SER A N   1 
ATOM   594  C  CA  . SER A 1 98  ? -6.430  6.965   8.889   1.00 25.26  ? 98  SER A CA  1 
ATOM   595  C  C   . SER A 1 98  ? -7.859  7.122   8.352   1.00 29.58  ? 98  SER A C   1 
ATOM   596  O  O   . SER A 1 98  ? -8.110  6.810   7.190   1.00 28.90  ? 98  SER A O   1 
ATOM   597  C  CB  . SER A 1 98  ? -5.533  8.092   8.390   1.00 28.54  ? 98  SER A CB  1 
ATOM   598  O  OG  . SER A 1 98  ? -6.173  9.347   8.514   1.00 41.92  ? 98  SER A OG  1 
ATOM   599  N  N   . TYR A 1 99  ? -8.788  7.596   9.189   1.00 26.02  ? 99  TYR A N   1 
ATOM   600  C  CA  . TYR A 1 99  ? -10.178 7.772   8.783   1.00 25.35  ? 99  TYR A CA  1 
ATOM   601  C  C   . TYR A 1 99  ? -10.564 9.247   8.673   1.00 32.54  ? 99  TYR A C   1 
ATOM   602  O  O   . TYR A 1 99  ? -10.242 10.039  9.565   1.00 32.78  ? 99  TYR A O   1 
ATOM   603  C  CB  . TYR A 1 99  ? -11.124 7.060   9.754   1.00 24.34  ? 99  TYR A CB  1 
ATOM   604  C  CG  . TYR A 1 99  ? -12.575 7.168   9.334   1.00 24.23  ? 99  TYR A CG  1 
ATOM   605  C  CD1 . TYR A 1 99  ? -13.037 6.526   8.186   1.00 24.45  ? 99  TYR A CD1 1 
ATOM   606  C  CD2 . TYR A 1 99  ? -13.482 7.929   10.069  1.00 24.46  ? 99  TYR A CD2 1 
ATOM   607  C  CE1 . TYR A 1 99  ? -14.362 6.642   7.781   1.00 22.89  ? 99  TYR A CE1 1 
ATOM   608  C  CE2 . TYR A 1 99  ? -14.813 8.042   9.678   1.00 24.61  ? 99  TYR A CE2 1 
ATOM   609  C  CZ  . TYR A 1 99  ? -15.250 7.381   8.540   1.00 27.31  ? 99  TYR A CZ  1 
ATOM   610  O  OH  . TYR A 1 99  ? -16.548 7.498   8.122   1.00 25.10  ? 99  TYR A OH  1 
ATOM   611  N  N   . SER A 1 100 ? -11.299 9.596   7.608   1.00 28.88  ? 100 SER A N   1 
ATOM   612  C  CA  . SER A 1 100 ? -11.816 10.947  7.386   1.00 28.31  ? 100 SER A CA  1 
ATOM   613  C  C   . SER A 1 100 ? -13.332 10.845  7.210   1.00 31.21  ? 100 SER A C   1 
ATOM   614  O  O   . SER A 1 100 ? -13.813 10.219  6.251   1.00 32.10  ? 100 SER A O   1 
ATOM   615  C  CB  . SER A 1 100 ? -11.146 11.581  6.166   1.00 33.34  ? 100 SER A CB  1 
ATOM   616  O  OG  . SER A 1 100 ? -11.874 12.701  5.689   1.00 45.89  ? 100 SER A OG  1 
ATOM   617  N  N   . GLY A 1 101 ? -14.060 11.406  8.165   1.00 26.56  ? 101 GLY A N   1 
ATOM   618  C  CA  . GLY A 1 101 ? -15.522 11.399  8.202   1.00 26.30  ? 101 GLY A CA  1 
ATOM   619  C  C   . GLY A 1 101 ? -16.227 12.229  7.136   1.00 30.77  ? 101 GLY A C   1 
ATOM   620  O  O   . GLY A 1 101 ? -17.339 11.874  6.736   1.00 31.49  ? 101 GLY A O   1 
ATOM   621  N  N   . TRP A 1 102 ? -15.619 13.346  6.669   1.00 26.76  ? 102 TRP A N   1 
ATOM   622  C  CA  . TRP A 1 102 ? -16.232 14.193  5.631   1.00 28.05  ? 102 TRP A CA  1 
ATOM   623  C  C   . TRP A 1 102 ? -16.643 13.383  4.362   1.00 27.35  ? 102 TRP A C   1 
ATOM   624  O  O   . TRP A 1 102 ? -17.742 13.558  3.833   1.00 23.80  ? 102 TRP A O   1 
ATOM   625  C  CB  . TRP A 1 102 ? -15.333 15.409  5.294   1.00 28.70  ? 102 TRP A CB  1 
ATOM   626  C  CG  . TRP A 1 102 ? -15.491 15.881  3.879   1.00 31.03  ? 102 TRP A CG  1 
ATOM   627  C  CD1 . TRP A 1 102 ? -16.582 16.502  3.336   1.00 34.32  ? 102 TRP A CD1 1 
ATOM   628  C  CD2 . TRP A 1 102 ? -14.589 15.634  2.799   1.00 30.80  ? 102 TRP A CD2 1 
ATOM   629  N  NE1 . TRP A 1 102 ? -16.408 16.661  1.983   1.00 34.08  ? 102 TRP A NE1 1 
ATOM   630  C  CE2 . TRP A 1 102 ? -15.190 16.143  1.625   1.00 34.83  ? 102 TRP A CE2 1 
ATOM   631  C  CE3 . TRP A 1 102 ? -13.292 15.101  2.720   1.00 31.78  ? 102 TRP A CE3 1 
ATOM   632  C  CZ2 . TRP A 1 102 ? -14.555 16.116  0.385   1.00 33.64  ? 102 TRP A CZ2 1 
ATOM   633  C  CZ3 . TRP A 1 102 ? -12.666 15.073  1.487   1.00 33.34  ? 102 TRP A CZ3 1 
ATOM   634  C  CH2 . TRP A 1 102 ? -13.299 15.571  0.337   1.00 33.93  ? 102 TRP A CH2 1 
ATOM   635  N  N   . ASN A 1 103 ? -15.757 12.496  3.889   1.00 23.73  ? 103 ASN A N   1 
ATOM   636  C  CA  . ASN A 1 103 ? -16.051 11.671  2.723   1.00 22.02  ? 103 ASN A CA  1 
ATOM   637  C  C   . ASN A 1 103 ? -16.080 10.200  3.080   1.00 24.77  ? 103 ASN A C   1 
ATOM   638  O  O   . ASN A 1 103 ? -16.115 9.352   2.180   1.00 23.74  ? 103 ASN A O   1 
ATOM   639  C  CB  . ASN A 1 103 ? -15.107 11.976  1.558   1.00 18.37  ? 103 ASN A CB  1 
ATOM   640  C  CG  . ASN A 1 103 ? -13.658 11.702  1.830   1.00 30.68  ? 103 ASN A CG  1 
ATOM   641  O  OD1 . ASN A 1 103 ? -13.241 11.506  2.975   1.00 22.38  ? 103 ASN A OD1 1 
ATOM   642  N  ND2 . ASN A 1 103 ? -12.845 11.756  0.780   1.00 19.98  ? 103 ASN A ND2 1 
ATOM   643  N  N   . ARG A 1 104 ? -16.112 9.897   4.410   1.00 21.31  ? 104 ARG A N   1 
ATOM   644  C  CA  . ARG A 1 104 ? -16.191 8.543   4.976   1.00 20.69  ? 104 ARG A CA  1 
ATOM   645  C  C   . ARG A 1 104 ? -15.139 7.644   4.314   1.00 22.70  ? 104 ARG A C   1 
ATOM   646  O  O   . ARG A 1 104 ? -15.421 6.538   3.846   1.00 20.16  ? 104 ARG A O   1 
ATOM   647  C  CB  . ARG A 1 104 ? -17.612 7.966   4.826   1.00 22.10  ? 104 ARG A CB  1 
ATOM   648  C  CG  . ARG A 1 104 ? -18.723 8.838   5.413   1.00 30.87  ? 104 ARG A CG  1 
ATOM   649  C  CD  . ARG A 1 104 ? -20.078 8.443   4.844   1.00 37.56  ? 104 ARG A CD  1 
ATOM   650  N  NE  . ARG A 1 104 ? -20.488 7.085   5.226   1.00 49.28  ? 104 ARG A NE  1 
ATOM   651  C  CZ  . ARG A 1 104 ? -20.962 6.170   4.380   1.00 66.07  ? 104 ARG A CZ  1 
ATOM   652  N  NH1 . ARG A 1 104 ? -21.076 6.447   3.084   1.00 56.77  ? 104 ARG A NH1 1 
ATOM   653  N  NH2 . ARG A 1 104 ? -21.312 4.968   4.821   1.00 46.22  ? 104 ARG A NH2 1 
ATOM   654  N  N   . ARG A 1 105 ? -13.925 8.167   4.239   1.00 20.03  ? 105 ARG A N   1 
ATOM   655  C  CA  . ARG A 1 105 ? -12.842 7.468   3.586   1.00 19.34  ? 105 ARG A CA  1 
ATOM   656  C  C   . ARG A 1 105 ? -11.854 6.945   4.598   1.00 21.94  ? 105 ARG A C   1 
ATOM   657  O  O   . ARG A 1 105 ? -11.335 7.699   5.412   1.00 20.66  ? 105 ARG A O   1 
ATOM   658  C  CB  . ARG A 1 105 ? -12.145 8.406   2.560   1.00 15.87  ? 105 ARG A CB  1 
ATOM   659  C  CG  . ARG A 1 105 ? -10.792 7.898   2.044   1.00 12.65  ? 105 ARG A CG  1 
ATOM   660  C  CD  . ARG A 1 105 ? -10.124 8.900   1.123   1.00 15.87  ? 105 ARG A CD  1 
ATOM   661  N  NE  . ARG A 1 105 ? -10.762 8.912   -0.203  1.00 17.36  ? 105 ARG A NE  1 
ATOM   662  C  CZ  . ARG A 1 105 ? -10.282 9.561   -1.260  1.00 26.98  ? 105 ARG A CZ  1 
ATOM   663  N  NH1 . ARG A 1 105 ? -9.134  10.231  -1.176  1.00 19.22  ? 105 ARG A NH1 1 
ATOM   664  N  NH2 . ARG A 1 105 ? -10.902 9.489   -2.423  1.00 17.06  ? 105 ARG A NH2 1 
ATOM   665  N  N   . LEU A 1 106 ? -11.540 5.667   4.487   1.00 20.10  ? 106 LEU A N   1 
ATOM   666  C  CA  . LEU A 1 106 ? -10.475 5.086   5.270   1.00 19.44  ? 106 LEU A CA  1 
ATOM   667  C  C   . LEU A 1 106 ? -9.267  5.058   4.318   1.00 19.50  ? 106 LEU A C   1 
ATOM   668  O  O   . LEU A 1 106 ? -9.281  4.383   3.291   1.00 17.53  ? 106 LEU A O   1 
ATOM   669  C  CB  . LEU A 1 106 ? -10.870 3.686   5.759   1.00 19.97  ? 106 LEU A CB  1 
ATOM   670  C  CG  . LEU A 1 106 ? -10.074 3.021   6.900   1.00 24.54  ? 106 LEU A CG  1 
ATOM   671  C  CD1 . LEU A 1 106 ? -8.991  2.132   6.397   1.00 23.99  ? 106 LEU A CD1 1 
ATOM   672  C  CD2 . LEU A 1 106 ? -9.706  3.971   8.026   1.00 26.89  ? 106 LEU A CD2 1 
ATOM   673  N  N   . THR A 1 107 ? -8.267  5.851   4.624   1.00 16.62  ? 107 THR A N   1 
ATOM   674  C  CA  . THR A 1 107 ? -7.027  5.936   3.860   1.00 17.36  ? 107 THR A CA  1 
ATOM   675  C  C   . THR A 1 107 ? -6.042  4.907   4.381   1.00 22.48  ? 107 THR A C   1 
ATOM   676  O  O   . THR A 1 107 ? -5.788  4.827   5.583   1.00 23.06  ? 107 THR A O   1 
ATOM   677  C  CB  . THR A 1 107 ? -6.485  7.393   3.902   1.00 23.49  ? 107 THR A CB  1 
ATOM   678  O  OG1 . THR A 1 107 ? -7.353  8.199   3.111   1.00 20.06  ? 107 THR A OG1 1 
ATOM   679  C  CG2 . THR A 1 107 ? -5.036  7.529   3.378   1.00 21.04  ? 107 THR A CG2 1 
ATOM   680  N  N   . VAL A 1 108 ? -5.488  4.121   3.482   1.00 20.05  ? 108 VAL A N   1 
ATOM   681  C  CA  . VAL A 1 108 ? -4.443  3.161   3.834   1.00 20.63  ? 108 VAL A CA  1 
ATOM   682  C  C   . VAL A 1 108 ? -3.178  3.985   3.607   1.00 27.25  ? 108 VAL A C   1 
ATOM   683  O  O   . VAL A 1 108 ? -2.775  4.180   2.455   1.00 30.52  ? 108 VAL A O   1 
ATOM   684  C  CB  . VAL A 1 108 ? -4.500  1.864   2.964   1.00 23.85  ? 108 VAL A CB  1 
ATOM   685  C  CG1 . VAL A 1 108 ? -3.379  0.903   3.345   1.00 23.38  ? 108 VAL A CG1 1 
ATOM   686  C  CG2 . VAL A 1 108 ? -5.867  1.175   3.068   1.00 23.41  ? 108 VAL A CG2 1 
ATOM   687  N  N   . GLU A 1 109 ? -2.644  4.588   4.676   1.00 23.49  ? 109 GLU A N   1 
ATOM   688  C  CA  . GLU A 1 109 ? -1.472  5.483   4.585   1.00 23.01  ? 109 GLU A CA  1 
ATOM   689  C  C   . GLU A 1 109 ? -0.229  4.749   4.132   1.00 28.15  ? 109 GLU A C   1 
ATOM   690  O  O   . GLU A 1 109 ? 0.532   5.247   3.303   1.00 28.30  ? 109 GLU A O   1 
ATOM   691  C  CB  . GLU A 1 109 ? -1.184  6.166   5.928   1.00 23.89  ? 109 GLU A CB  1 
ATOM   692  C  CG  . GLU A 1 109 ? -2.363  6.892   6.539   1.00 31.89  ? 109 GLU A CG  1 
ATOM   693  C  CD  . GLU A 1 109 ? -2.464  8.370   6.221   1.00 59.16  ? 109 GLU A CD  1 
ATOM   694  O  OE1 . GLU A 1 109 ? -2.168  8.762   5.069   1.00 67.82  ? 109 GLU A OE1 1 
ATOM   695  O  OE2 . GLU A 1 109 ? -2.895  9.129   7.118   1.00 49.06  ? 109 GLU A OE2 1 
ATOM   696  N  N   . ASP A 1 110 ? -0.035  3.547   4.662   1.00 25.42  ? 110 ASP A N   1 
ATOM   697  C  CA  . ASP A 1 110 ? 1.132   2.741   4.388   1.00 24.65  ? 110 ASP A CA  1 
ATOM   698  C  C   . ASP A 1 110 ? 0.768   1.308   4.623   1.00 25.87  ? 110 ASP A C   1 
ATOM   699  O  O   . ASP A 1 110 ? 0.009   1.030   5.534   1.00 25.01  ? 110 ASP A O   1 
ATOM   700  C  CB  . ASP A 1 110 ? 2.254   3.172   5.370   1.00 27.50  ? 110 ASP A CB  1 
ATOM   701  C  CG  . ASP A 1 110 ? 3.689   2.891   4.934   1.00 44.28  ? 110 ASP A CG  1 
ATOM   702  O  OD1 . ASP A 1 110 ? 3.903   2.586   3.736   1.00 47.69  ? 110 ASP A OD1 1 
ATOM   703  O  OD2 . ASP A 1 110 ? 4.593   2.979   5.788   1.00 49.89  ? 110 ASP A OD2 1 
ATOM   704  N  N   . ILE A 1 111 ? 1.289   0.398   3.805   1.00 22.97  ? 111 ILE A N   1 
ATOM   705  C  CA  . ILE A 1 111 ? 1.149   -1.057  3.970   1.00 22.57  ? 111 ILE A CA  1 
ATOM   706  C  C   . ILE A 1 111 ? 2.442   -1.679  3.454   1.00 29.02  ? 111 ILE A C   1 
ATOM   707  O  O   . ILE A 1 111 ? 2.874   -1.346  2.351   1.00 30.78  ? 111 ILE A O   1 
ATOM   708  C  CB  . ILE A 1 111 ? -0.155  -1.685  3.383   1.00 25.19  ? 111 ILE A CB  1 
ATOM   709  C  CG1 . ILE A 1 111 ? -0.206  -3.225  3.653   1.00 24.80  ? 111 ILE A CG1 1 
ATOM   710  C  CG2 . ILE A 1 111 ? -0.368  -1.316  1.884   1.00 25.78  ? 111 ILE A CG2 1 
ATOM   711  C  CD1 . ILE A 1 111 ? -1.529  -3.947  3.315   1.00 28.35  ? 111 ILE A CD1 1 
ATOM   712  N  N   . GLU A 1 112 ? 3.102   -2.494  4.275   1.00 25.53  ? 112 GLU A N   1 
ATOM   713  C  CA  . GLU A 1 112 ? 4.355   -3.139  3.897   1.00 26.00  ? 112 GLU A CA  1 
ATOM   714  C  C   . GLU A 1 112 ? 4.494   -4.520  4.478   1.00 27.49  ? 112 GLU A C   1 
ATOM   715  O  O   . GLU A 1 112 ? 4.114   -4.750  5.622   1.00 28.61  ? 112 GLU A O   1 
ATOM   716  C  CB  . GLU A 1 112 ? 5.570   -2.256  4.224   1.00 28.52  ? 112 GLU A CB  1 
ATOM   717  C  CG  . GLU A 1 112 ? 6.074   -1.484  3.010   1.00 41.82  ? 112 GLU A CG  1 
ATOM   718  C  CD  . GLU A 1 112 ? 6.487   -0.052  3.278   1.00 76.44  ? 112 GLU A CD  1 
ATOM   719  O  OE1 . GLU A 1 112 ? 7.331   0.175   4.178   1.00 74.14  ? 112 GLU A OE1 1 
ATOM   720  O  OE2 . GLU A 1 112 ? 6.006   0.841   2.544   1.00 80.09  ? 112 GLU A OE2 1 
ATOM   721  N  N   . VAL A 1 113 ? 4.971   -5.455  3.655   1.00 21.00  ? 113 VAL A N   1 
ATOM   722  C  CA  . VAL A 1 113 ? 5.179   -6.845  4.013   1.00 19.84  ? 113 VAL A CA  1 
ATOM   723  C  C   . VAL A 1 113 ? 6.669   -7.159  3.759   1.00 26.23  ? 113 VAL A C   1 
ATOM   724  O  O   . VAL A 1 113 ? 7.196   -6.746  2.728   1.00 26.19  ? 113 VAL A O   1 
ATOM   725  C  CB  . VAL A 1 113 ? 4.194   -7.781  3.239   1.00 22.67  ? 113 VAL A CB  1 
ATOM   726  C  CG1 . VAL A 1 113 ? 4.448   -9.271  3.524   1.00 21.94  ? 113 VAL A CG1 1 
ATOM   727  C  CG2 . VAL A 1 113 ? 2.747   -7.432  3.556   1.00 22.26  ? 113 VAL A CG2 1 
ATOM   728  N  N   . ALA A 1 114 ? 7.354   -7.841  4.720   1.00 24.96  ? 114 ALA A N   1 
ATOM   729  C  CA  . ALA A 1 114 ? 8.773   -8.232  4.599   1.00 24.97  ? 114 ALA A CA  1 
ATOM   730  C  C   . ALA A 1 114 ? 8.898   -9.146  3.379   1.00 27.39  ? 114 ALA A C   1 
ATOM   731  O  O   . ALA A 1 114 ? 8.002   -9.958  3.170   1.00 25.31  ? 114 ALA A O   1 
ATOM   732  C  CB  . ALA A 1 114 ? 9.258   -8.928  5.859   1.00 25.72  ? 114 ALA A CB  1 
ATOM   733  N  N   . PRO A 1 115 ? 9.924   -8.941  2.512   1.00 28.02  ? 115 PRO A N   1 
ATOM   734  C  CA  . PRO A 1 115 ? 10.001  -9.682  1.229   1.00 29.24  ? 115 PRO A CA  1 
ATOM   735  C  C   . PRO A 1 115 ? 9.820   -11.187 1.278   1.00 34.95  ? 115 PRO A C   1 
ATOM   736  O  O   . PRO A 1 115 ? 9.203   -11.718 0.359   1.00 34.97  ? 115 PRO A O   1 
ATOM   737  C  CB  . PRO A 1 115 ? 11.382  -9.312  0.661   1.00 30.97  ? 115 PRO A CB  1 
ATOM   738  C  CG  . PRO A 1 115 ? 12.074  -8.536  1.730   1.00 35.19  ? 115 PRO A CG  1 
ATOM   739  C  CD  . PRO A 1 115 ? 11.025  -7.963  2.619   1.00 30.49  ? 115 PRO A CD  1 
ATOM   740  N  N   . GLU A 1 116 ? 10.304  -11.851 2.348   1.00 34.25  ? 116 GLU A N   1 
ATOM   741  C  CA  . GLU A 1 116 ? 10.198  -13.304 2.572   1.00 35.49  ? 116 GLU A CA  1 
ATOM   742  C  C   . GLU A 1 116 ? 8.741   -13.724 2.847   1.00 41.69  ? 116 GLU A C   1 
ATOM   743  O  O   . GLU A 1 116 ? 8.372   -14.882 2.620   1.00 41.02  ? 116 GLU A O   1 
ATOM   744  C  CB  . GLU A 1 116 ? 11.058  -13.743 3.780   1.00 37.11  ? 116 GLU A CB  1 
ATOM   745  C  CG  . GLU A 1 116 ? 12.315  -12.926 4.058   1.00 49.71  ? 116 GLU A CG  1 
ATOM   746  C  CD  . GLU A 1 116 ? 12.124  -11.714 4.951   1.00 67.38  ? 116 GLU A CD  1 
ATOM   747  O  OE1 . GLU A 1 116 ? 11.761  -11.893 6.136   1.00 69.86  ? 116 GLU A OE1 1 
ATOM   748  O  OE2 . GLU A 1 116 ? 12.371  -10.584 4.472   1.00 54.26  ? 116 GLU A OE2 1 
ATOM   749  N  N   . HIS A 1 117 ? 7.936   -12.790 3.392   1.00 39.00  ? 117 HIS A N   1 
ATOM   750  C  CA  . HIS A 1 117 ? 6.538   -13.018 3.762   1.00 38.29  ? 117 HIS A CA  1 
ATOM   751  C  C   . HIS A 1 117 ? 5.582   -12.648 2.650   1.00 41.30  ? 117 HIS A C   1 
ATOM   752  O  O   . HIS A 1 117 ? 4.374   -12.875 2.772   1.00 41.72  ? 117 HIS A O   1 
ATOM   753  C  CB  . HIS A 1 117 ? 6.217   -12.287 5.073   1.00 38.83  ? 117 HIS A CB  1 
ATOM   754  C  CG  . HIS A 1 117 ? 7.064   -12.766 6.210   1.00 42.22  ? 117 HIS A CG  1 
ATOM   755  N  ND1 . HIS A 1 117 ? 6.827   -13.989 6.824   1.00 43.87  ? 117 HIS A ND1 1 
ATOM   756  C  CD2 . HIS A 1 117 ? 8.149   -12.195 6.780   1.00 44.05  ? 117 HIS A CD2 1 
ATOM   757  C  CE1 . HIS A 1 117 ? 7.755   -14.109 7.756   1.00 43.22  ? 117 HIS A CE1 1 
ATOM   758  N  NE2 . HIS A 1 117 ? 8.574   -13.053 7.768   1.00 43.80  ? 117 HIS A NE2 1 
ATOM   759  N  N   . ARG A 1 118 ? 6.118   -12.099 1.543   1.00 35.86  ? 118 ARG A N   1 
ATOM   760  C  CA  . ARG A 1 118 ? 5.291   -11.724 0.399   1.00 35.31  ? 118 ARG A CA  1 
ATOM   761  C  C   . ARG A 1 118 ? 4.703   -12.958 -0.305  1.00 39.61  ? 118 ARG A C   1 
ATOM   762  O  O   . ARG A 1 118 ? 5.400   -13.954 -0.512  1.00 38.76  ? 118 ARG A O   1 
ATOM   763  C  CB  . ARG A 1 118 ? 6.039   -10.781 -0.548  1.00 32.23  ? 118 ARG A CB  1 
ATOM   764  C  CG  . ARG A 1 118 ? 6.088   -9.375  0.027   1.00 33.12  ? 118 ARG A CG  1 
ATOM   765  C  CD  . ARG A 1 118 ? 6.881   -8.413  -0.815  1.00 35.10  ? 118 ARG A CD  1 
ATOM   766  N  NE  . ARG A 1 118 ? 7.538   -7.446  0.053   1.00 37.37  ? 118 ARG A NE  1 
ATOM   767  C  CZ  . ARG A 1 118 ? 8.451   -6.565  -0.335  1.00 45.69  ? 118 ARG A CZ  1 
ATOM   768  N  NH1 . ARG A 1 118 ? 8.812   -6.489  -1.612  1.00 25.83  ? 118 ARG A NH1 1 
ATOM   769  N  NH2 . ARG A 1 118 ? 9.010   -5.753  0.550   1.00 32.40  ? 118 ARG A NH2 1 
ATOM   770  N  N   . GLY A 1 119 ? 3.405   -12.896 -0.579  1.00 36.97  ? 119 GLY A N   1 
ATOM   771  C  CA  . GLY A 1 119 ? 2.671   -14.001 -1.176  1.00 37.49  ? 119 GLY A CA  1 
ATOM   772  C  C   . GLY A 1 119 ? 2.359   -15.108 -0.186  1.00 43.01  ? 119 GLY A C   1 
ATOM   773  O  O   . GLY A 1 119 ? 2.209   -16.267 -0.593  1.00 43.91  ? 119 GLY A O   1 
ATOM   774  N  N   . HIS A 1 120 ? 2.261   -14.767 1.129   1.00 38.25  ? 120 HIS A N   1 
ATOM   775  C  CA  . HIS A 1 120 ? 1.894   -15.718 2.188   1.00 38.01  ? 120 HIS A CA  1 
ATOM   776  C  C   . HIS A 1 120 ? 0.556   -15.357 2.863   1.00 36.90  ? 120 HIS A C   1 
ATOM   777  O  O   . HIS A 1 120 ? 0.225   -15.929 3.904   1.00 36.07  ? 120 HIS A O   1 
ATOM   778  C  CB  . HIS A 1 120 ? 3.005   -15.867 3.238   1.00 40.23  ? 120 HIS A CB  1 
ATOM   779  C  CG  . HIS A 1 120 ? 4.100   -16.801 2.830   1.00 45.15  ? 120 HIS A CG  1 
ATOM   780  N  ND1 . HIS A 1 120 ? 5.394   -16.351 2.641   1.00 47.58  ? 120 HIS A ND1 1 
ATOM   781  C  CD2 . HIS A 1 120 ? 4.058   -18.133 2.580   1.00 48.03  ? 120 HIS A CD2 1 
ATOM   782  C  CE1 . HIS A 1 120 ? 6.095   -17.415 2.287   1.00 47.70  ? 120 HIS A CE1 1 
ATOM   783  N  NE2 . HIS A 1 120 ? 5.333   -18.509 2.233   1.00 48.12  ? 120 HIS A NE2 1 
ATOM   784  N  N   . GLY A 1 121 ? -0.173  -14.398 2.284   1.00 30.01  ? 121 GLY A N   1 
ATOM   785  C  CA  . GLY A 1 121 ? -1.464  -13.941 2.804   1.00 28.11  ? 121 GLY A CA  1 
ATOM   786  C  C   . GLY A 1 121 ? -1.444  -12.841 3.858   1.00 27.51  ? 121 GLY A C   1 
ATOM   787  O  O   . GLY A 1 121 ? -2.514  -12.437 4.313   1.00 26.26  ? 121 GLY A O   1 
ATOM   788  N  N   . VAL A 1 122 ? -0.243  -12.323 4.235   1.00 22.20  ? 122 VAL A N   1 
ATOM   789  C  CA  . VAL A 1 122 ? -0.039  -11.263 5.251   1.00 20.79  ? 122 VAL A CA  1 
ATOM   790  C  C   . VAL A 1 122 ? -0.710  -9.955  4.807   1.00 24.20  ? 122 VAL A C   1 
ATOM   791  O  O   . VAL A 1 122 ? -1.434  -9.347  5.597   1.00 22.91  ? 122 VAL A O   1 
ATOM   792  C  CB  . VAL A 1 122 ? 1.465   -11.007 5.580   1.00 24.85  ? 122 VAL A CB  1 
ATOM   793  C  CG1 . VAL A 1 122 ? 1.637   -9.961  6.680   1.00 24.84  ? 122 VAL A CG1 1 
ATOM   794  C  CG2 . VAL A 1 122 ? 2.199   -12.276 5.939   1.00 24.89  ? 122 VAL A CG2 1 
ATOM   795  N  N   . GLY A 1 123 ? -0.416  -9.516  3.576   1.00 20.80  ? 123 GLY A N   1 
ATOM   796  C  CA  . GLY A 1 123 ? -0.972  -8.290  3.008   1.00 20.72  ? 123 GLY A CA  1 
ATOM   797  C  C   . GLY A 1 123 ? -2.486  -8.285  2.987   1.00 24.53  ? 123 GLY A C   1 
ATOM   798  O  O   . GLY A 1 123 ? -3.108  -7.293  3.362   1.00 24.49  ? 123 GLY A O   1 
ATOM   799  N  N   . ARG A 1 124 ? -3.083  -9.427  2.581   1.00 21.23  ? 124 ARG A N   1 
ATOM   800  C  CA  . ARG A 1 124 ? -4.521  -9.655  2.486   1.00 20.46  ? 124 ARG A CA  1 
ATOM   801  C  C   . ARG A 1 124 ? -5.177  -9.609  3.856   1.00 23.04  ? 124 ARG A C   1 
ATOM   802  O  O   . ARG A 1 124 ? -6.237  -8.985  4.004   1.00 23.27  ? 124 ARG A O   1 
ATOM   803  C  CB  . ARG A 1 124 ? -4.791  -10.999 1.775   1.00 20.68  ? 124 ARG A CB  1 
ATOM   804  C  CG  . ARG A 1 124 ? -6.270  -11.393 1.687   1.00 30.28  ? 124 ARG A CG  1 
ATOM   805  C  CD  . ARG A 1 124 ? -6.485  -12.556 0.730   1.00 38.05  ? 124 ARG A CD  1 
ATOM   806  N  NE  . ARG A 1 124 ? -5.746  -12.330 -0.512  1.00 47.93  ? 124 ARG A NE  1 
ATOM   807  C  CZ  . ARG A 1 124 ? -6.156  -11.570 -1.528  1.00 58.75  ? 124 ARG A CZ  1 
ATOM   808  N  NH1 . ARG A 1 124 ? -7.365  -11.007 -1.508  1.00 45.01  ? 124 ARG A NH1 1 
ATOM   809  N  NH2 . ARG A 1 124 ? -5.374  -11.384 -2.574  1.00 34.12  ? 124 ARG A NH2 1 
ATOM   810  N  N   . ALA A 1 125 ? -4.554  -10.272 4.863   1.00 18.13  ? 125 ALA A N   1 
ATOM   811  C  CA  . ALA A 1 125 ? -5.060  -10.282 6.228   1.00 16.68  ? 125 ALA A CA  1 
ATOM   812  C  C   . ALA A 1 125 ? -4.986  -8.867  6.823   1.00 19.05  ? 125 ALA A C   1 
ATOM   813  O  O   . ALA A 1 125 ? -5.970  -8.418  7.420   1.00 18.46  ? 125 ALA A O   1 
ATOM   814  C  CB  . ALA A 1 125 ? -4.278  -11.267 7.084   1.00 16.97  ? 125 ALA A CB  1 
ATOM   815  N  N   . LEU A 1 126 ? -3.866  -8.145  6.616   1.00 14.94  ? 126 LEU A N   1 
ATOM   816  C  CA  . LEU A 1 126 ? -3.732  -6.754  7.116   1.00 15.09  ? 126 LEU A CA  1 
ATOM   817  C  C   . LEU A 1 126 ? -4.781  -5.813  6.497   1.00 19.36  ? 126 LEU A C   1 
ATOM   818  O  O   . LEU A 1 126 ? -5.333  -4.971  7.202   1.00 18.45  ? 126 LEU A O   1 
ATOM   819  C  CB  . LEU A 1 126 ? -2.324  -6.172  6.903   1.00 15.09  ? 126 LEU A CB  1 
ATOM   820  C  CG  . LEU A 1 126 ? -1.184  -6.762  7.723   1.00 19.54  ? 126 LEU A CG  1 
ATOM   821  C  CD1 . LEU A 1 126 ? 0.155   -6.359  7.129   1.00 19.49  ? 126 LEU A CD1 1 
ATOM   822  C  CD2 . LEU A 1 126 ? -1.277  -6.376  9.199   1.00 18.26  ? 126 LEU A CD2 1 
HETATM 823  N  N   . MSE A 1 127 ? -5.054  -5.982  5.181   1.00 16.98  ? 127 MSE A N   1 
HETATM 824  C  CA  . MSE A 1 127 ? -6.049  -5.210  4.436   1.00 15.89  ? 127 MSE A CA  1 
HETATM 825  C  C   . MSE A 1 127 ? -7.469  -5.561  4.914   1.00 19.72  ? 127 MSE A C   1 
HETATM 826  O  O   . MSE A 1 127 ? -8.342  -4.691  4.928   1.00 18.97  ? 127 MSE A O   1 
HETATM 827  C  CB  . MSE A 1 127 ? -5.896  -5.410  2.916   1.00 17.17  ? 127 MSE A CB  1 
HETATM 828  C  CG  . MSE A 1 127 ? -6.680  -4.383  2.101   1.00 23.71  ? 127 MSE A CG  1 
HETATM 829  SE SE  . MSE A 1 127 ? -5.980  -2.558  2.404   0.86 31.58  ? 127 MSE A SE  1 
HETATM 830  C  CE  . MSE A 1 127 ? -4.527  -2.543  1.152   1.00 27.60  ? 127 MSE A CE  1 
ATOM   831  N  N   . GLY A 1 128 ? -7.668  -6.817  5.325   1.00 16.49  ? 128 GLY A N   1 
ATOM   832  C  CA  . GLY A 1 128 ? -8.932  -7.276  5.906   1.00 15.31  ? 128 GLY A CA  1 
ATOM   833  C  C   . GLY A 1 128 ? -9.146  -6.591  7.250   1.00 17.81  ? 128 GLY A C   1 
ATOM   834  O  O   . GLY A 1 128 ? -10.248 -6.128  7.546   1.00 17.14  ? 128 GLY A O   1 
ATOM   835  N  N   . LEU A 1 129 ? -8.077  -6.482  8.060   1.00 15.73  ? 129 LEU A N   1 
ATOM   836  C  CA  . LEU A 1 129 ? -8.097  -5.803  9.368   1.00 16.85  ? 129 LEU A CA  1 
ATOM   837  C  C   . LEU A 1 129 ? -8.395  -4.307  9.178   1.00 19.29  ? 129 LEU A C   1 
ATOM   838  O  O   . LEU A 1 129 ? -9.184  -3.743  9.936   1.00 17.31  ? 129 LEU A O   1 
ATOM   839  C  CB  . LEU A 1 129 ? -6.767  -5.997  10.103  1.00 17.90  ? 129 LEU A CB  1 
ATOM   840  C  CG  . LEU A 1 129 ? -6.511  -7.392  10.734  1.00 24.33  ? 129 LEU A CG  1 
ATOM   841  C  CD1 . LEU A 1 129 ? -5.125  -7.426  11.381  1.00 24.08  ? 129 LEU A CD1 1 
ATOM   842  C  CD2 . LEU A 1 129 ? -7.564  -7.746  11.810  1.00 25.76  ? 129 LEU A CD2 1 
ATOM   843  N  N   . ALA A 1 130 ? -7.818  -3.700  8.099   1.00 16.17  ? 130 ALA A N   1 
ATOM   844  C  CA  . ALA A 1 130 ? -8.072  -2.324  7.688   1.00 16.13  ? 130 ALA A CA  1 
ATOM   845  C  C   . ALA A 1 130 ? -9.560  -2.181  7.320   1.00 17.71  ? 130 ALA A C   1 
ATOM   846  O  O   . ALA A 1 130 ? -10.190 -1.209  7.723   1.00 16.22  ? 130 ALA A O   1 
ATOM   847  C  CB  . ALA A 1 130 ? -7.193  -1.946  6.494   1.00 16.60  ? 130 ALA A CB  1 
ATOM   848  N  N   . THR A 1 131 ? -10.129 -3.191  6.640   1.00 15.24  ? 131 THR A N   1 
ATOM   849  C  CA  . THR A 1 131 ? -11.535 -3.210  6.197   1.00 15.45  ? 131 THR A CA  1 
ATOM   850  C  C   . THR A 1 131 ? -12.482 -3.264  7.392   1.00 20.69  ? 131 THR A C   1 
ATOM   851  O  O   . THR A 1 131 ? -13.452 -2.512  7.419   1.00 20.86  ? 131 THR A O   1 
ATOM   852  C  CB  . THR A 1 131 ? -11.757 -4.315  5.135   1.00 19.88  ? 131 THR A CB  1 
ATOM   853  O  OG1 . THR A 1 131 ? -10.930 -3.981  4.022   1.00 23.64  ? 131 THR A OG1 1 
ATOM   854  C  CG2 . THR A 1 131 ? -13.192 -4.390  4.641   1.00 18.96  ? 131 THR A CG2 1 
ATOM   855  N  N   . GLU A 1 132 ? -12.179 -4.098  8.393   1.00 19.10  ? 132 GLU A N   1 
ATOM   856  C  CA  . GLU A 1 132 ? -12.997 -4.198  9.616   1.00 18.54  ? 132 GLU A CA  1 
ATOM   857  C  C   . GLU A 1 132 ? -13.064 -2.854  10.356  1.00 21.50  ? 132 GLU A C   1 
ATOM   858  O  O   . GLU A 1 132 ? -14.152 -2.412  10.706  1.00 22.61  ? 132 GLU A O   1 
ATOM   859  C  CB  . GLU A 1 132 ? -12.491 -5.325  10.532  1.00 19.16  ? 132 GLU A CB  1 
ATOM   860  C  CG  . GLU A 1 132 ? -12.579 -6.719  9.912   1.00 19.31  ? 132 GLU A CG  1 
ATOM   861  C  CD  . GLU A 1 132 ? -11.859 -7.804  10.696  1.00 27.91  ? 132 GLU A CD  1 
ATOM   862  O  OE1 . GLU A 1 132 ? -11.183 -7.475  11.694  1.00 22.34  ? 132 GLU A OE1 1 
ATOM   863  O  OE2 . GLU A 1 132 ? -11.926 -8.981  10.283  1.00 31.51  ? 132 GLU A OE2 1 
ATOM   864  N  N   . PHE A 1 133 ? -11.915 -2.184  10.536  1.00 17.99  ? 133 PHE A N   1 
ATOM   865  C  CA  . PHE A 1 133 ? -11.813 -0.856  11.147  1.00 16.89  ? 133 PHE A CA  1 
ATOM   866  C  C   . PHE A 1 133 ? -12.633 0.182   10.358  1.00 22.21  ? 133 PHE A C   1 
ATOM   867  O  O   . PHE A 1 133 ? -13.273 1.047   10.962  1.00 23.32  ? 133 PHE A O   1 
ATOM   868  C  CB  . PHE A 1 133 ? -10.330 -0.431  11.214  1.00 18.95  ? 133 PHE A CB  1 
ATOM   869  C  CG  . PHE A 1 133 ? -10.057 0.880   11.918  1.00 20.37  ? 133 PHE A CG  1 
ATOM   870  C  CD1 . PHE A 1 133 ? -10.090 0.965   13.305  1.00 24.08  ? 133 PHE A CD1 1 
ATOM   871  C  CD2 . PHE A 1 133 ? -9.795  2.035   11.193  1.00 21.86  ? 133 PHE A CD2 1 
ATOM   872  C  CE1 . PHE A 1 133 ? -9.820  2.181   13.955  1.00 24.80  ? 133 PHE A CE1 1 
ATOM   873  C  CE2 . PHE A 1 133 ? -9.529  3.247   11.841  1.00 24.28  ? 133 PHE A CE2 1 
ATOM   874  C  CZ  . PHE A 1 133 ? -9.534  3.311   13.215  1.00 22.43  ? 133 PHE A CZ  1 
ATOM   875  N  N   . ALA A 1 134 ? -12.615 0.091   9.014   1.00 18.59  ? 134 ALA A N   1 
ATOM   876  C  CA  . ALA A 1 134 ? -13.376 0.978   8.128   1.00 18.67  ? 134 ALA A CA  1 
ATOM   877  C  C   . ALA A 1 134 ? -14.880 0.824   8.400   1.00 24.25  ? 134 ALA A C   1 
ATOM   878  O  O   . ALA A 1 134 ? -15.587 1.825   8.553   1.00 23.48  ? 134 ALA A O   1 
ATOM   879  C  CB  . ALA A 1 134 ? -13.063 0.664   6.664   1.00 18.69  ? 134 ALA A CB  1 
ATOM   880  N  N   . ARG A 1 135 ? -15.343 -0.431  8.507   1.00 23.93  ? 135 ARG A N   1 
ATOM   881  C  CA  . ARG A 1 135 ? -16.728 -0.784  8.813   1.00 25.85  ? 135 ARG A CA  1 
ATOM   882  C  C   . ARG A 1 135 ? -17.130 -0.200  10.159  1.00 31.11  ? 135 ARG A C   1 
ATOM   883  O  O   . ARG A 1 135 ? -18.139 0.487   10.217  1.00 32.55  ? 135 ARG A O   1 
ATOM   884  C  CB  . ARG A 1 135 ? -16.941 -2.315  8.787   1.00 28.05  ? 135 ARG A CB  1 
ATOM   885  C  CG  . ARG A 1 135 ? -16.888 -2.925  7.381   1.00 43.21  ? 135 ARG A CG  1 
ATOM   886  C  CD  . ARG A 1 135 ? -17.366 -4.373  7.343   1.00 61.79  ? 135 ARG A CD  1 
ATOM   887  N  NE  . ARG A 1 135 ? -18.825 -4.475  7.470   1.00 77.06  ? 135 ARG A NE  1 
ATOM   888  C  CZ  . ARG A 1 135 ? -19.512 -5.615  7.432   1.00 98.48  ? 135 ARG A CZ  1 
ATOM   889  N  NH1 . ARG A 1 135 ? -18.883 -6.774  7.269   1.00 89.13  ? 135 ARG A NH1 1 
ATOM   890  N  NH2 . ARG A 1 135 ? -20.831 -5.606  7.556   1.00 89.00  ? 135 ARG A NH2 1 
ATOM   891  N  N   . GLU A 1 136 ? -16.297 -0.390  11.208  1.00 28.49  ? 136 GLU A N   1 
ATOM   892  C  CA  . GLU A 1 136 ? -16.528 0.140   12.566  1.00 28.64  ? 136 GLU A CA  1 
ATOM   893  C  C   . GLU A 1 136 ? -16.755 1.671   12.539  1.00 32.23  ? 136 GLU A C   1 
ATOM   894  O  O   . GLU A 1 136 ? -17.662 2.170   13.199  1.00 30.82  ? 136 GLU A O   1 
ATOM   895  C  CB  . GLU A 1 136 ? -15.353 -0.203  13.502  1.00 30.03  ? 136 GLU A CB  1 
ATOM   896  C  CG  . GLU A 1 136 ? -15.223 -1.670  13.859  1.00 46.17  ? 136 GLU A CG  1 
ATOM   897  C  CD  . GLU A 1 136 ? -13.947 -2.066  14.590  1.00 71.55  ? 136 GLU A CD  1 
ATOM   898  O  OE1 . GLU A 1 136 ? -13.349 -1.204  15.278  1.00 63.56  ? 136 GLU A OE1 1 
ATOM   899  O  OE2 . GLU A 1 136 ? -13.554 -3.253  14.487  1.00 61.28  ? 136 GLU A OE2 1 
ATOM   900  N  N   . ARG A 1 137 ? -15.965 2.388   11.723  1.00 30.29  ? 137 ARG A N   1 
ATOM   901  C  CA  . ARG A 1 137 ? -16.063 3.841   11.537  1.00 29.54  ? 137 ARG A CA  1 
ATOM   902  C  C   . ARG A 1 137 ? -17.225 4.266   10.631  1.00 33.49  ? 137 ARG A C   1 
ATOM   903  O  O   . ARG A 1 137 ? -17.543 5.453   10.582  1.00 34.65  ? 137 ARG A O   1 
ATOM   904  C  CB  . ARG A 1 137 ? -14.739 4.408   11.002  1.00 28.73  ? 137 ARG A CB  1 
ATOM   905  C  CG  . ARG A 1 137 ? -13.547 4.279   11.955  1.00 35.15  ? 137 ARG A CG  1 
ATOM   906  C  CD  . ARG A 1 137 ? -13.577 5.319   13.058  1.00 51.62  ? 137 ARG A CD  1 
ATOM   907  N  NE  . ARG A 1 137 ? -12.588 5.059   14.106  1.00 66.84  ? 137 ARG A NE  1 
ATOM   908  C  CZ  . ARG A 1 137 ? -12.802 4.296   15.174  1.00 84.97  ? 137 ARG A CZ  1 
ATOM   909  N  NH1 . ARG A 1 137 ? -13.966 3.678   15.335  1.00 75.55  ? 137 ARG A NH1 1 
ATOM   910  N  NH2 . ARG A 1 137 ? -11.848 4.134   16.082  1.00 73.45  ? 137 ARG A NH2 1 
ATOM   911  N  N   . GLY A 1 138 ? -17.853 3.309   9.942   1.00 28.86  ? 138 GLY A N   1 
ATOM   912  C  CA  . GLY A 1 138 ? -18.938 3.576   9.007   1.00 28.13  ? 138 GLY A CA  1 
ATOM   913  C  C   . GLY A 1 138 ? -18.439 4.154   7.689   1.00 32.10  ? 138 GLY A C   1 
ATOM   914  O  O   . GLY A 1 138 ? -19.144 4.945   7.053   1.00 31.99  ? 138 GLY A O   1 
ATOM   915  N  N   . ALA A 1 139 ? -17.219 3.745   7.250   1.00 26.39  ? 139 ALA A N   1 
ATOM   916  C  CA  . ALA A 1 139 ? -16.621 4.199   5.992   1.00 24.42  ? 139 ALA A CA  1 
ATOM   917  C  C   . ALA A 1 139 ? -17.435 3.736   4.782   1.00 26.00  ? 139 ALA A C   1 
ATOM   918  O  O   . ALA A 1 139 ? -18.046 2.671   4.821   1.00 27.69  ? 139 ALA A O   1 
ATOM   919  C  CB  . ALA A 1 139 ? -15.189 3.693   5.882   1.00 24.84  ? 139 ALA A CB  1 
ATOM   920  N  N   . GLY A 1 140 ? -17.465 4.549   3.732   1.00 19.39  ? 140 GLY A N   1 
ATOM   921  C  CA  . GLY A 1 140 ? -18.135 4.192   2.492   1.00 17.55  ? 140 GLY A CA  1 
ATOM   922  C  C   . GLY A 1 140 ? -17.144 3.535   1.538   1.00 21.35  ? 140 GLY A C   1 
ATOM   923  O  O   . GLY A 1 140 ? -17.548 2.786   0.634   1.00 21.36  ? 140 GLY A O   1 
ATOM   924  N  N   . HIS A 1 141 ? -15.820 3.817   1.729   1.00 14.92  ? 141 HIS A N   1 
ATOM   925  C  CA  . HIS A 1 141 ? -14.762 3.242   0.898   1.00 13.95  ? 141 HIS A CA  1 
ATOM   926  C  C   . HIS A 1 141 ? -13.365 3.249   1.557   1.00 18.97  ? 141 HIS A C   1 
ATOM   927  O  O   . HIS A 1 141 ? -13.093 3.976   2.515   1.00 17.41  ? 141 HIS A O   1 
ATOM   928  C  CB  . HIS A 1 141 ? -14.717 3.905   -0.515  1.00 13.78  ? 141 HIS A CB  1 
ATOM   929  C  CG  . HIS A 1 141 ? -14.160 5.303   -0.545  1.00 16.35  ? 141 HIS A CG  1 
ATOM   930  N  ND1 . HIS A 1 141 ? -14.947 6.404   -0.248  1.00 17.67  ? 141 HIS A ND1 1 
ATOM   931  C  CD2 . HIS A 1 141 ? -12.911 5.727   -0.860  1.00 16.28  ? 141 HIS A CD2 1 
ATOM   932  C  CE1 . HIS A 1 141 ? -14.160 7.461   -0.403  1.00 16.29  ? 141 HIS A CE1 1 
ATOM   933  N  NE2 . HIS A 1 141 ? -12.920 7.100   -0.757  1.00 16.18  ? 141 HIS A NE2 1 
ATOM   934  N  N   . LEU A 1 142 ? -12.485 2.413   1.013   1.00 18.21  ? 142 LEU A N   1 
ATOM   935  C  CA  . LEU A 1 142 ? -11.071 2.315   1.390   1.00 17.81  ? 142 LEU A CA  1 
ATOM   936  C  C   . LEU A 1 142 ? -10.301 2.924   0.242   1.00 19.51  ? 142 LEU A C   1 
ATOM   937  O  O   . LEU A 1 142 ? -10.720 2.845   -0.910  1.00 16.75  ? 142 LEU A O   1 
ATOM   938  C  CB  . LEU A 1 142 ? -10.644 0.869   1.607   1.00 18.20  ? 142 LEU A CB  1 
ATOM   939  C  CG  . LEU A 1 142 ? -10.951 0.287   2.988   1.00 23.58  ? 142 LEU A CG  1 
ATOM   940  C  CD1 . LEU A 1 142 ? -12.337 -0.293  3.013   1.00 24.57  ? 142 LEU A CD1 1 
ATOM   941  C  CD2 . LEU A 1 142 ? -9.919  -0.797  3.361   1.00 24.57  ? 142 LEU A CD2 1 
ATOM   942  N  N   . TRP A 1 143 ? -9.219  3.586   0.557   1.00 16.99  ? 143 TRP A N   1 
ATOM   943  C  CA  . TRP A 1 143 ? -8.453  4.292   -0.456  1.00 17.03  ? 143 TRP A CA  1 
ATOM   944  C  C   . TRP A 1 143 ? -6.973  4.101   -0.234  1.00 18.41  ? 143 TRP A C   1 
ATOM   945  O  O   . TRP A 1 143 ? -6.532  4.048   0.908   1.00 18.16  ? 143 TRP A O   1 
ATOM   946  C  CB  . TRP A 1 143 ? -8.818  5.793   -0.391  1.00 15.02  ? 143 TRP A CB  1 
ATOM   947  C  CG  . TRP A 1 143 ? -8.132  6.689   -1.382  1.00 15.23  ? 143 TRP A CG  1 
ATOM   948  C  CD1 . TRP A 1 143 ? -8.603  7.068   -2.605  1.00 17.91  ? 143 TRP A CD1 1 
ATOM   949  C  CD2 . TRP A 1 143 ? -6.865  7.352   -1.215  1.00 15.32  ? 143 TRP A CD2 1 
ATOM   950  N  NE1 . TRP A 1 143 ? -7.720  7.945   -3.202  1.00 17.21  ? 143 TRP A NE1 1 
ATOM   951  C  CE2 . TRP A 1 143 ? -6.637  8.123   -2.380  1.00 19.28  ? 143 TRP A CE2 1 
ATOM   952  C  CE3 . TRP A 1 143 ? -5.873  7.338   -0.211  1.00 16.81  ? 143 TRP A CE3 1 
ATOM   953  C  CZ2 . TRP A 1 143 ? -5.498  8.929   -2.535  1.00 18.80  ? 143 TRP A CZ2 1 
ATOM   954  C  CZ3 . TRP A 1 143 ? -4.739  8.128   -0.371  1.00 18.48  ? 143 TRP A CZ3 1 
ATOM   955  C  CH2 . TRP A 1 143 ? -4.576  8.939   -1.505  1.00 19.07  ? 143 TRP A CH2 1 
ATOM   956  N  N   . LEU A 1 144 ? -6.194  4.063   -1.323  1.00 13.57  ? 144 LEU A N   1 
ATOM   957  C  CA  . LEU A 1 144 ? -4.740  3.988   -1.168  1.00 12.87  ? 144 LEU A CA  1 
ATOM   958  C  C   . LEU A 1 144 ? -4.021  4.680   -2.312  1.00 15.96  ? 144 LEU A C   1 
ATOM   959  O  O   . LEU A 1 144 ? -4.575  4.894   -3.393  1.00 14.97  ? 144 LEU A O   1 
ATOM   960  C  CB  . LEU A 1 144 ? -4.230  2.534   -0.957  1.00 13.27  ? 144 LEU A CB  1 
ATOM   961  C  CG  . LEU A 1 144 ? -4.442  1.534   -2.113  1.00 17.64  ? 144 LEU A CG  1 
ATOM   962  C  CD1 . LEU A 1 144 ? -3.288  1.629   -3.163  1.00 15.61  ? 144 LEU A CD1 1 
ATOM   963  C  CD2 . LEU A 1 144 ? -4.563  0.120   -1.576  1.00 20.57  ? 144 LEU A CD2 1 
ATOM   964  N  N   . GLU A 1 145 ? -2.763  4.981   -2.063  1.00 14.10  ? 145 GLU A N   1 
ATOM   965  C  CA  . GLU A 1 145 ? -1.832  5.561   -2.999  1.00 13.83  ? 145 GLU A CA  1 
ATOM   966  C  C   . GLU A 1 145 ? -0.763  4.507   -3.209  1.00 17.17  ? 145 GLU A C   1 
ATOM   967  O  O   . GLU A 1 145 ? -0.400  3.809   -2.260  1.00 15.08  ? 145 GLU A O   1 
ATOM   968  C  CB  . GLU A 1 145 ? -1.234  6.815   -2.383  1.00 15.00  ? 145 GLU A CB  1 
ATOM   969  C  CG  . GLU A 1 145 ? -0.326  7.593   -3.312  1.00 28.53  ? 145 GLU A CG  1 
ATOM   970  C  CD  . GLU A 1 145 ? 1.125   7.348   -2.981  1.00 54.99  ? 145 GLU A CD  1 
ATOM   971  O  OE1 . GLU A 1 145 ? 1.644   7.982   -2.031  1.00 55.64  ? 145 GLU A OE1 1 
ATOM   972  O  OE2 . GLU A 1 145 ? 1.731   6.483   -3.649  1.00 46.84  ? 145 GLU A OE2 1 
ATOM   973  N  N   . VAL A 1 146 ? -0.274  4.373   -4.464  1.00 13.23  ? 146 VAL A N   1 
ATOM   974  C  CA  . VAL A 1 146 ? 0.787   3.446   -4.840  1.00 10.38  ? 146 VAL A CA  1 
ATOM   975  C  C   . VAL A 1 146 ? 1.601   4.031   -6.009  1.00 16.49  ? 146 VAL A C   1 
ATOM   976  O  O   . VAL A 1 146 ? 1.023   4.557   -6.969  1.00 16.06  ? 146 VAL A O   1 
ATOM   977  C  CB  . VAL A 1 146 ? 0.279   1.996   -5.092  1.00 13.41  ? 146 VAL A CB  1 
ATOM   978  C  CG1 . VAL A 1 146 ? -0.767  1.918   -6.210  1.00 11.93  ? 146 VAL A CG1 1 
ATOM   979  C  CG2 . VAL A 1 146 ? 1.441   1.032   -5.344  1.00 13.83  ? 146 VAL A CG2 1 
ATOM   980  N  N   . THR A 1 147 ? 2.944   3.980   -5.909  1.00 13.97  ? 147 THR A N   1 
ATOM   981  C  CA  . THR A 1 147 ? 3.788   4.453   -7.000  1.00 13.74  ? 147 THR A CA  1 
ATOM   982  C  C   . THR A 1 147 ? 3.552   3.582   -8.235  1.00 15.67  ? 147 THR A C   1 
ATOM   983  O  O   . THR A 1 147 ? 3.375   2.366   -8.117  1.00 14.65  ? 147 THR A O   1 
ATOM   984  C  CB  . THR A 1 147 ? 5.269   4.556   -6.611  1.00 19.33  ? 147 THR A CB  1 
ATOM   985  O  OG1 . THR A 1 147 ? 5.981   4.926   -7.787  1.00 18.05  ? 147 THR A OG1 1 
ATOM   986  C  CG2 . THR A 1 147 ? 5.854   3.224   -6.070  1.00 17.03  ? 147 THR A CG2 1 
ATOM   987  N  N   . ASN A 1 148 ? 3.521   4.227   -9.411  1.00 11.95  ? 148 ASN A N   1 
ATOM   988  C  CA  . ASN A 1 148 ? 3.320   3.593   -10.710 1.00 12.37  ? 148 ASN A CA  1 
ATOM   989  C  C   . ASN A 1 148 ? 4.385   2.500   -11.014 1.00 16.76  ? 148 ASN A C   1 
ATOM   990  O  O   . ASN A 1 148 ? 4.130   1.580   -11.801 1.00 16.86  ? 148 ASN A O   1 
ATOM   991  C  CB  . ASN A 1 148 ? 3.305   4.677   -11.810 1.00 14.00  ? 148 ASN A CB  1 
ATOM   992  C  CG  . ASN A 1 148 ? 4.682   5.223   -12.066 1.00 25.68  ? 148 ASN A CG  1 
ATOM   993  O  OD1 . ASN A 1 148 ? 5.295   5.831   -11.197 1.00 16.38  ? 148 ASN A OD1 1 
ATOM   994  N  ND2 . ASN A 1 148 ? 5.266   4.863   -13.195 1.00 21.30  ? 148 ASN A ND2 1 
ATOM   995  N  N   . VAL A 1 149 ? 5.574   2.620   -10.411 1.00 12.91  ? 149 VAL A N   1 
ATOM   996  C  CA  . VAL A 1 149 ? 6.645   1.636   -10.615 1.00 13.05  ? 149 VAL A CA  1 
ATOM   997  C  C   . VAL A 1 149 ? 6.399   0.353   -9.820  1.00 18.22  ? 149 VAL A C   1 
ATOM   998  O  O   . VAL A 1 149 ? 6.989   -0.683  -10.155 1.00 17.65  ? 149 VAL A O   1 
ATOM   999  C  CB  . VAL A 1 149 ? 8.069   2.194   -10.406 1.00 16.05  ? 149 VAL A CB  1 
ATOM   1000 C  CG1 . VAL A 1 149 ? 8.378   3.293   -11.432 1.00 15.20  ? 149 VAL A CG1 1 
ATOM   1001 C  CG2 . VAL A 1 149 ? 8.308   2.662   -8.969  1.00 15.58  ? 149 VAL A CG2 1 
ATOM   1002 N  N   . ASN A 1 150 ? 5.496   0.406   -8.796  1.00 14.75  ? 150 ASN A N   1 
ATOM   1003 C  CA  . ASN A 1 150 ? 5.156   -0.778  -8.004  1.00 14.68  ? 150 ASN A CA  1 
ATOM   1004 C  C   . ASN A 1 150 ? 4.100   -1.669  -8.700  1.00 17.84  ? 150 ASN A C   1 
ATOM   1005 O  O   . ASN A 1 150 ? 3.038   -1.912  -8.139  1.00 17.47  ? 150 ASN A O   1 
ATOM   1006 C  CB  . ASN A 1 150 ? 4.761   -0.419  -6.553  1.00 12.98  ? 150 ASN A CB  1 
ATOM   1007 C  CG  . ASN A 1 150 ? 5.022   -1.525  -5.541  1.00 23.41  ? 150 ASN A CG  1 
ATOM   1008 O  OD1 . ASN A 1 150 ? 5.195   -2.689  -5.871  1.00 19.16  ? 150 ASN A OD1 1 
ATOM   1009 N  ND2 . ASN A 1 150 ? 5.063   -1.195  -4.266  1.00 19.65  ? 150 ASN A ND2 1 
ATOM   1010 N  N   . ALA A 1 151 ? 4.418   -2.194  -9.910  1.00 15.28  ? 151 ALA A N   1 
ATOM   1011 C  CA  . ALA A 1 151 ? 3.531   -3.120  -10.662 1.00 15.23  ? 151 ALA A CA  1 
ATOM   1012 C  C   . ALA A 1 151 ? 3.037   -4.331  -9.785  1.00 19.71  ? 151 ALA A C   1 
ATOM   1013 O  O   . ALA A 1 151 ? 1.849   -4.630  -9.829  1.00 20.00  ? 151 ALA A O   1 
ATOM   1014 C  CB  . ALA A 1 151 ? 4.222   -3.622  -11.931 1.00 15.33  ? 151 ALA A CB  1 
ATOM   1015 N  N   . PRO A 1 152 ? 3.886   -4.986  -8.944  1.00 17.65  ? 152 PRO A N   1 
ATOM   1016 C  CA  . PRO A 1 152 ? 3.374   -6.091  -8.098  1.00 16.98  ? 152 PRO A CA  1 
ATOM   1017 C  C   . PRO A 1 152 ? 2.341   -5.711  -7.026  1.00 20.26  ? 152 PRO A C   1 
ATOM   1018 O  O   . PRO A 1 152 ? 1.468   -6.512  -6.735  1.00 19.88  ? 152 PRO A O   1 
ATOM   1019 C  CB  . PRO A 1 152 ? 4.648   -6.660  -7.443  1.00 18.25  ? 152 PRO A CB  1 
ATOM   1020 C  CG  . PRO A 1 152 ? 5.794   -6.204  -8.372  1.00 23.01  ? 152 PRO A CG  1 
ATOM   1021 C  CD  . PRO A 1 152 ? 5.350   -4.825  -8.760  1.00 18.86  ? 152 PRO A CD  1 
ATOM   1022 N  N   . ALA A 1 153 ? 2.468   -4.535  -6.389  1.00 16.29  ? 153 ALA A N   1 
ATOM   1023 C  CA  . ALA A 1 153 ? 1.497   -4.098  -5.388  1.00 14.31  ? 153 ALA A CA  1 
ATOM   1024 C  C   . ALA A 1 153 ? 0.231   -3.714  -6.110  1.00 17.60  ? 153 ALA A C   1 
ATOM   1025 O  O   . ALA A 1 153 ? -0.840  -4.045  -5.621  1.00 19.00  ? 153 ALA A O   1 
ATOM   1026 C  CB  . ALA A 1 153 ? 2.025   -2.913  -4.597  1.00 14.43  ? 153 ALA A CB  1 
ATOM   1027 N  N   . ILE A 1 154 ? 0.357   -3.070  -7.297  1.00 14.49  ? 154 ILE A N   1 
ATOM   1028 C  CA  . ILE A 1 154 ? -0.783  -2.646  -8.118  1.00 14.61  ? 154 ILE A CA  1 
ATOM   1029 C  C   . ILE A 1 154 ? -1.632  -3.865  -8.487  1.00 18.33  ? 154 ILE A C   1 
ATOM   1030 O  O   . ILE A 1 154 ? -2.837  -3.857  -8.260  1.00 17.48  ? 154 ILE A O   1 
ATOM   1031 C  CB  . ILE A 1 154 ? -0.364  -1.782  -9.348  1.00 16.07  ? 154 ILE A CB  1 
ATOM   1032 C  CG1 . ILE A 1 154 ? 0.173   -0.409  -8.887  1.00 15.43  ? 154 ILE A CG1 1 
ATOM   1033 C  CG2 . ILE A 1 154 ? -1.540  -1.605  -10.328 1.00 14.88  ? 154 ILE A CG2 1 
ATOM   1034 C  CD1 . ILE A 1 154 ? 1.122   0.295   -9.872  1.00 16.96  ? 154 ILE A CD1 1 
ATOM   1035 N  N   . HIS A 1 155 ? -0.987  -4.920  -8.983  1.00 15.61  ? 155 HIS A N   1 
ATOM   1036 C  CA  . HIS A 1 155 ? -1.668  -6.167  -9.330  1.00 15.65  ? 155 HIS A CA  1 
ATOM   1037 C  C   . HIS A 1 155 ? -2.243  -6.828  -8.083  1.00 20.49  ? 155 HIS A C   1 
ATOM   1038 O  O   . HIS A 1 155 ? -3.390  -7.277  -8.136  1.00 19.79  ? 155 HIS A O   1 
ATOM   1039 C  CB  . HIS A 1 155 ? -0.725  -7.117  -10.075 1.00 16.46  ? 155 HIS A CB  1 
ATOM   1040 C  CG  . HIS A 1 155 ? -0.631  -6.828  -11.546 1.00 19.67  ? 155 HIS A CG  1 
ATOM   1041 N  ND1 . HIS A 1 155 ? -1.697  -7.060  -12.394 1.00 21.54  ? 155 HIS A ND1 1 
ATOM   1042 C  CD2 . HIS A 1 155 ? 0.422   -6.397  -12.277 1.00 21.22  ? 155 HIS A CD2 1 
ATOM   1043 C  CE1 . HIS A 1 155 ? -1.271  -6.746  -13.606 1.00 20.85  ? 155 HIS A CE1 1 
ATOM   1044 N  NE2 . HIS A 1 155 ? 0.001   -6.351  -13.587 1.00 21.29  ? 155 HIS A NE2 1 
ATOM   1045 N  N   . ALA A 1 156 ? -1.498  -6.797  -6.939  1.00 17.09  ? 156 ALA A N   1 
ATOM   1046 C  CA  . ALA A 1 156 ? -1.989  -7.376  -5.663  1.00 16.65  ? 156 ALA A CA  1 
ATOM   1047 C  C   . ALA A 1 156 ? -3.253  -6.652  -5.140  1.00 20.78  ? 156 ALA A C   1 
ATOM   1048 O  O   . ALA A 1 156 ? -4.181  -7.309  -4.655  1.00 19.71  ? 156 ALA A O   1 
ATOM   1049 C  CB  . ALA A 1 156 ? -0.887  -7.374  -4.611  1.00 16.24  ? 156 ALA A CB  1 
ATOM   1050 N  N   . TYR A 1 157 ? -3.302  -5.299  -5.289  1.00 17.12  ? 157 TYR A N   1 
ATOM   1051 C  CA  . TYR A 1 157 ? -4.435  -4.458  -4.867  1.00 15.15  ? 157 TYR A CA  1 
ATOM   1052 C  C   . TYR A 1 157 ? -5.636  -4.739  -5.712  1.00 17.35  ? 157 TYR A C   1 
ATOM   1053 O  O   . TYR A 1 157 ? -6.751  -4.770  -5.192  1.00 17.60  ? 157 TYR A O   1 
ATOM   1054 C  CB  . TYR A 1 157 ? -4.083  -2.955  -4.962  1.00 16.26  ? 157 TYR A CB  1 
ATOM   1055 C  CG  . TYR A 1 157 ? -3.032  -2.531  -3.962  1.00 18.06  ? 157 TYR A CG  1 
ATOM   1056 C  CD1 . TYR A 1 157 ? -2.956  -3.128  -2.698  1.00 19.78  ? 157 TYR A CD1 1 
ATOM   1057 C  CD2 . TYR A 1 157 ? -2.097  -1.553  -4.279  1.00 17.91  ? 157 TYR A CD2 1 
ATOM   1058 C  CE1 . TYR A 1 157 ? -1.956  -2.783  -1.797  1.00 18.04  ? 157 TYR A CE1 1 
ATOM   1059 C  CE2 . TYR A 1 157 ? -1.079  -1.212  -3.391  1.00 18.28  ? 157 TYR A CE2 1 
ATOM   1060 C  CZ  . TYR A 1 157 ? -1.025  -1.817  -2.145  1.00 22.50  ? 157 TYR A CZ  1 
ATOM   1061 O  OH  . TYR A 1 157 ? -0.067  -1.426  -1.256  1.00 22.04  ? 157 TYR A OH  1 
ATOM   1062 N  N   . ARG A 1 158 ? -5.411  -4.925  -7.033  1.00 13.47  ? 158 ARG A N   1 
ATOM   1063 C  CA  . ARG A 1 158 ? -6.465  -5.232  -7.993  1.00 13.20  ? 158 ARG A CA  1 
ATOM   1064 C  C   . ARG A 1 158 ? -7.132  -6.552  -7.643  1.00 16.05  ? 158 ARG A C   1 
ATOM   1065 O  O   . ARG A 1 158 ? -8.327  -6.744  -7.862  1.00 14.95  ? 158 ARG A O   1 
ATOM   1066 C  CB  . ARG A 1 158 ? -5.896  -5.234  -9.449  1.00 12.46  ? 158 ARG A CB  1 
ATOM   1067 C  CG  . ARG A 1 158 ? -6.954  -5.442  -10.540 1.00 15.70  ? 158 ARG A CG  1 
ATOM   1068 C  CD  . ARG A 1 158 ? -7.957  -4.290  -10.592 1.00 20.10  ? 158 ARG A CD  1 
ATOM   1069 N  NE  . ARG A 1 158 ? -8.694  -4.256  -11.859 1.00 27.75  ? 158 ARG A NE  1 
ATOM   1070 C  CZ  . ARG A 1 158 ? -9.951  -4.661  -12.033 1.00 36.97  ? 158 ARG A CZ  1 
ATOM   1071 N  NH1 . ARG A 1 158 ? -10.668 -5.105  -11.003 1.00 18.53  ? 158 ARG A NH1 1 
ATOM   1072 N  NH2 . ARG A 1 158 ? -10.512 -4.594  -13.226 1.00 22.05  ? 158 ARG A NH2 1 
ATOM   1073 N  N   . ARG A 1 159 ? -6.351  -7.452  -7.068  1.00 15.12  ? 159 ARG A N   1 
ATOM   1074 C  CA  . ARG A 1 159 ? -6.784  -8.785  -6.653  1.00 14.39  ? 159 ARG A CA  1 
ATOM   1075 C  C   . ARG A 1 159 ? -7.245  -8.842  -5.190  1.00 18.44  ? 159 ARG A C   1 
ATOM   1076 O  O   . ARG A 1 159 ? -7.441  -9.926  -4.635  1.00 18.37  ? 159 ARG A O   1 
ATOM   1077 C  CB  . ARG A 1 159 ? -5.662  -9.766  -6.948  1.00 11.79  ? 159 ARG A CB  1 
ATOM   1078 C  CG  . ARG A 1 159 ? -5.572  -10.047 -8.417  1.00 16.47  ? 159 ARG A CG  1 
ATOM   1079 C  CD  . ARG A 1 159 ? -4.200  -10.540 -8.785  1.00 14.45  ? 159 ARG A CD  1 
ATOM   1080 N  NE  . ARG A 1 159 ? -4.089  -10.781 -10.222 1.00 14.99  ? 159 ARG A NE  1 
ATOM   1081 C  CZ  . ARG A 1 159 ? -3.876  -9.850  -11.146 1.00 27.81  ? 159 ARG A CZ  1 
ATOM   1082 N  NH1 . ARG A 1 159 ? -3.810  -8.568  -10.806 1.00 19.93  ? 159 ARG A NH1 1 
ATOM   1083 N  NH2 . ARG A 1 159 ? -3.772  -10.189 -12.425 1.00 14.97  ? 159 ARG A NH2 1 
HETATM 1084 N  N   . MSE A 1 160 ? -7.449  -7.672  -4.585  1.00 14.83  ? 160 MSE A N   1 
HETATM 1085 C  CA  . MSE A 1 160 ? -8.001  -7.498  -3.240  1.00 14.32  ? 160 MSE A CA  1 
HETATM 1086 C  C   . MSE A 1 160 ? -9.326  -6.693  -3.317  1.00 18.64  ? 160 MSE A C   1 
HETATM 1087 O  O   . MSE A 1 160 ? -9.900  -6.354  -2.273  1.00 19.22  ? 160 MSE A O   1 
HETATM 1088 C  CB  . MSE A 1 160 ? -7.012  -6.740  -2.346  1.00 16.11  ? 160 MSE A CB  1 
HETATM 1089 C  CG  . MSE A 1 160 ? -5.983  -7.629  -1.682  1.00 21.99  ? 160 MSE A CG  1 
HETATM 1090 SE SE  . MSE A 1 160 ? -4.875  -6.505  -0.560  0.79 28.58  ? 160 MSE A SE  1 
HETATM 1091 C  CE  . MSE A 1 160 ? -3.254  -7.529  -0.720  1.00 24.69  ? 160 MSE A CE  1 
ATOM   1092 N  N   . GLY A 1 161 ? -9.757  -6.352  -4.534  1.00 13.58  ? 161 GLY A N   1 
ATOM   1093 C  CA  . GLY A 1 161 ? -11.006 -5.620  -4.751  1.00 13.84  ? 161 GLY A CA  1 
ATOM   1094 C  C   . GLY A 1 161 ? -10.896 -4.138  -5.075  1.00 17.62  ? 161 GLY A C   1 
ATOM   1095 O  O   . GLY A 1 161 ? -11.922 -3.473  -5.271  1.00 17.97  ? 161 GLY A O   1 
ATOM   1096 N  N   . PHE A 1 162 ? -9.666  -3.595  -5.100  1.00 12.89  ? 162 PHE A N   1 
ATOM   1097 C  CA  . PHE A 1 162 ? -9.423  -2.189  -5.462  1.00 12.54  ? 162 PHE A CA  1 
ATOM   1098 C  C   . PHE A 1 162 ? -9.388  -2.026  -6.976  1.00 18.27  ? 162 PHE A C   1 
ATOM   1099 O  O   . PHE A 1 162 ? -9.097  -2.984  -7.713  1.00 18.03  ? 162 PHE A O   1 
ATOM   1100 C  CB  . PHE A 1 162 ? -8.072  -1.687  -4.884  1.00 13.57  ? 162 PHE A CB  1 
ATOM   1101 C  CG  . PHE A 1 162 ? -8.076  -1.544  -3.380  1.00 14.45  ? 162 PHE A CG  1 
ATOM   1102 C  CD1 . PHE A 1 162 ? -7.813  -2.640  -2.555  1.00 16.71  ? 162 PHE A CD1 1 
ATOM   1103 C  CD2 . PHE A 1 162 ? -8.325  -0.313  -2.783  1.00 15.77  ? 162 PHE A CD2 1 
ATOM   1104 C  CE1 . PHE A 1 162 ? -7.819  -2.504  -1.157  1.00 17.43  ? 162 PHE A CE1 1 
ATOM   1105 C  CE2 . PHE A 1 162 ? -8.346  -0.180  -1.379  1.00 17.66  ? 162 PHE A CE2 1 
ATOM   1106 C  CZ  . PHE A 1 162 ? -8.079  -1.270  -0.582  1.00 15.51  ? 162 PHE A CZ  1 
ATOM   1107 N  N   . THR A 1 163 ? -9.724  -0.813  -7.444  1.00 14.47  ? 163 THR A N   1 
ATOM   1108 C  CA  . THR A 1 163 ? -9.618  -0.428  -8.856  1.00 13.97  ? 163 THR A CA  1 
ATOM   1109 C  C   . THR A 1 163 ? -9.075  0.998   -8.877  1.00 16.95  ? 163 THR A C   1 
ATOM   1110 O  O   . THR A 1 163 ? -9.282  1.748   -7.923  1.00 16.75  ? 163 THR A O   1 
ATOM   1111 C  CB  . THR A 1 163 ? -10.960 -0.490  -9.615  1.00 19.30  ? 163 THR A CB  1 
ATOM   1112 O  OG1 . THR A 1 163 ? -11.855 0.426   -9.012  1.00 21.03  ? 163 THR A OG1 1 
ATOM   1113 C  CG2 . THR A 1 163 ? -11.573 -1.886  -9.675  1.00 17.60  ? 163 THR A CG2 1 
ATOM   1114 N  N   . LEU A 1 164 ? -8.392  1.371   -9.956  1.00 13.55  ? 164 LEU A N   1 
ATOM   1115 C  CA  . LEU A 1 164 ? -7.858  2.714   -10.143 1.00 13.00  ? 164 LEU A CA  1 
ATOM   1116 C  C   . LEU A 1 164 ? -8.986  3.744   -10.007 1.00 17.75  ? 164 LEU A C   1 
ATOM   1117 O  O   . LEU A 1 164 ? -10.015 3.591   -10.651 1.00 18.40  ? 164 LEU A O   1 
ATOM   1118 C  CB  . LEU A 1 164 ? -7.229  2.804   -11.547 1.00 12.60  ? 164 LEU A CB  1 
ATOM   1119 C  CG  . LEU A 1 164 ? -6.470  4.074   -11.887 1.00 15.78  ? 164 LEU A CG  1 
ATOM   1120 C  CD1 . LEU A 1 164 ? -5.107  4.134   -11.112 1.00 15.93  ? 164 LEU A CD1 1 
ATOM   1121 C  CD2 . LEU A 1 164 ? -6.223  4.136   -13.367 1.00 15.57  ? 164 LEU A CD2 1 
ATOM   1122 N  N   . CYS A 1 165 ? -8.804  4.769   -9.162  1.00 14.32  ? 165 CYS A N   1 
ATOM   1123 C  CA  . CYS A 1 165 ? -9.817  5.808   -8.975  1.00 14.15  ? 165 CYS A CA  1 
ATOM   1124 C  C   . CYS A 1 165 ? -9.259  7.202   -9.271  1.00 19.50  ? 165 CYS A C   1 
ATOM   1125 O  O   . CYS A 1 165 ? -9.971  8.189   -9.205  1.00 18.60  ? 165 CYS A O   1 
ATOM   1126 C  CB  . CYS A 1 165 ? -10.441 5.727   -7.586  1.00 13.51  ? 165 CYS A CB  1 
ATOM   1127 S  SG  . CYS A 1 165 ? -9.347  6.247   -6.252  1.00 17.38  ? 165 CYS A SG  1 
ATOM   1128 N  N   . GLY A 1 166 ? -7.978  7.263   -9.578  1.00 17.03  ? 166 GLY A N   1 
ATOM   1129 C  CA  . GLY A 1 166 ? -7.320  8.514   -9.888  1.00 17.29  ? 166 GLY A CA  1 
ATOM   1130 C  C   . GLY A 1 166 ? -5.817  8.375   -9.847  1.00 19.75  ? 166 GLY A C   1 
ATOM   1131 O  O   . GLY A 1 166 ? -5.285  7.254   -9.793  1.00 17.00  ? 166 GLY A O   1 
ATOM   1132 N  N   . LEU A 1 167 ? -5.136  9.533   -9.881  1.00 14.81  ? 167 LEU A N   1 
ATOM   1133 C  CA  . LEU A 1 167 ? -3.682  9.633   -9.872  1.00 14.92  ? 167 LEU A CA  1 
ATOM   1134 C  C   . LEU A 1 167 ? -3.246  11.069  -9.614  1.00 16.87  ? 167 LEU A C   1 
ATOM   1135 O  O   . LEU A 1 167 ? -4.057  11.982  -9.752  1.00 16.55  ? 167 LEU A O   1 
ATOM   1136 C  CB  . LEU A 1 167 ? -3.065  9.112   -11.209 1.00 15.26  ? 167 LEU A CB  1 
ATOM   1137 C  CG  . LEU A 1 167 ? -3.183  9.982   -12.487 1.00 21.56  ? 167 LEU A CG  1 
ATOM   1138 C  CD1 . LEU A 1 167 ? -2.178  9.557   -13.522 1.00 22.29  ? 167 LEU A CD1 1 
ATOM   1139 C  CD2 . LEU A 1 167 ? -4.509  9.808   -13.152 1.00 26.68  ? 167 LEU A CD2 1 
ATOM   1140 N  N   . ASP A 1 168 ? -1.971  11.263  -9.259  1.00 13.38  ? 168 ASP A N   1 
ATOM   1141 C  CA  . ASP A 1 168 ? -1.345  12.586  -9.133  1.00 12.50  ? 168 ASP A CA  1 
ATOM   1142 C  C   . ASP A 1 168 ? 0.078   12.474  -9.672  1.00 15.96  ? 168 ASP A C   1 
ATOM   1143 O  O   . ASP A 1 168 ? 0.967   11.955  -8.990  1.00 14.05  ? 168 ASP A O   1 
ATOM   1144 C  CB  . ASP A 1 168 ? -1.381  13.161  -7.698  1.00 13.22  ? 168 ASP A CB  1 
ATOM   1145 C  CG  . ASP A 1 168 ? -0.907  14.629  -7.597  1.00 19.74  ? 168 ASP A CG  1 
ATOM   1146 O  OD1 . ASP A 1 168 ? -0.334  15.157  -8.590  1.00 19.26  ? 168 ASP A OD1 1 
ATOM   1147 O  OD2 . ASP A 1 168 ? -1.097  15.234  -6.545  1.00 19.10  ? 168 ASP A OD2 1 
ATOM   1148 N  N   . THR A 1 169 ? 0.297   13.011  -10.879 1.00 14.30  ? 169 THR A N   1 
ATOM   1149 C  CA  . THR A 1 169 ? 1.593   12.964  -11.561 1.00 15.25  ? 169 THR A CA  1 
ATOM   1150 C  C   . THR A 1 169 ? 2.629   13.892  -10.953 1.00 20.08  ? 169 THR A C   1 
ATOM   1151 O  O   . THR A 1 169 ? 3.813   13.821  -11.299 1.00 19.85  ? 169 THR A O   1 
ATOM   1152 C  CB  . THR A 1 169 ? 1.417   13.277  -13.079 1.00 19.86  ? 169 THR A CB  1 
ATOM   1153 O  OG1 . THR A 1 169 ? 0.917   14.604  -13.220 1.00 17.94  ? 169 THR A OG1 1 
ATOM   1154 C  CG2 . THR A 1 169 ? 0.512   12.281  -13.797 1.00 14.81  ? 169 THR A CG2 1 
ATOM   1155 N  N   . ALA A 1 170 ? 2.182   14.799  -10.085 1.00 17.79  ? 170 ALA A N   1 
ATOM   1156 C  CA  . ALA A 1 170 ? 3.033   15.820  -9.489  1.00 16.12  ? 170 ALA A CA  1 
ATOM   1157 C  C   . ALA A 1 170 ? 3.414   15.533  -8.037  1.00 19.19  ? 170 ALA A C   1 
ATOM   1158 O  O   . ALA A 1 170 ? 4.271   16.234  -7.506  1.00 18.82  ? 170 ALA A O   1 
ATOM   1159 C  CB  . ALA A 1 170 ? 2.333   17.173  -9.606  1.00 16.25  ? 170 ALA A CB  1 
ATOM   1160 N  N   . LEU A 1 171 ? 2.790   14.500  -7.392  1.00 15.28  ? 171 LEU A N   1 
ATOM   1161 C  CA  . LEU A 1 171 ? 3.021   14.128  -5.988  1.00 13.52  ? 171 LEU A CA  1 
ATOM   1162 C  C   . LEU A 1 171 ? 4.486   13.962  -5.612  1.00 19.77  ? 171 LEU A C   1 
ATOM   1163 O  O   . LEU A 1 171 ? 4.862   14.383  -4.516  1.00 18.74  ? 171 LEU A O   1 
ATOM   1164 C  CB  . LEU A 1 171 ? 2.220   12.881  -5.515  1.00 11.75  ? 171 LEU A CB  1 
ATOM   1165 C  CG  . LEU A 1 171 ? 2.080   12.794  -3.944  1.00 14.22  ? 171 LEU A CG  1 
ATOM   1166 C  CD1 . LEU A 1 171 ? 1.194   13.952  -3.344  1.00 12.85  ? 171 LEU A CD1 1 
ATOM   1167 C  CD2 . LEU A 1 171 ? 1.596   11.420  -3.464  1.00 13.46  ? 171 LEU A CD2 1 
ATOM   1168 N  N   . TYR A 1 172 ? 5.300   13.374  -6.503  1.00 19.15  ? 172 TYR A N   1 
ATOM   1169 C  CA  . TYR A 1 172 ? 6.711   13.105  -6.231  1.00 20.15  ? 172 TYR A CA  1 
ATOM   1170 C  C   . TYR A 1 172 ? 7.705   14.097  -6.813  1.00 24.43  ? 172 TYR A C   1 
ATOM   1171 O  O   . TYR A 1 172 ? 8.911   13.818  -6.765  1.00 24.03  ? 172 TYR A O   1 
ATOM   1172 C  CB  . TYR A 1 172 ? 7.074   11.686  -6.690  1.00 21.38  ? 172 TYR A CB  1 
ATOM   1173 C  CG  . TYR A 1 172 ? 6.259   10.615  -6.007  1.00 23.59  ? 172 TYR A CG  1 
ATOM   1174 C  CD1 . TYR A 1 172 ? 6.252   10.496  -4.619  1.00 26.39  ? 172 TYR A CD1 1 
ATOM   1175 C  CD2 . TYR A 1 172 ? 5.548   9.677   -6.748  1.00 24.30  ? 172 TYR A CD2 1 
ATOM   1176 C  CE1 . TYR A 1 172 ? 5.511   9.502   -3.984  1.00 28.31  ? 172 TYR A CE1 1 
ATOM   1177 C  CE2 . TYR A 1 172 ? 4.811   8.674   -6.125  1.00 25.44  ? 172 TYR A CE2 1 
ATOM   1178 C  CZ  . TYR A 1 172 ? 4.774   8.607   -4.742  1.00 34.25  ? 172 TYR A CZ  1 
ATOM   1179 O  OH  . TYR A 1 172 ? 4.068   7.608   -4.128  1.00 33.43  ? 172 TYR A OH  1 
ATOM   1180 N  N   . ASP A 1 173 ? 7.234   15.226  -7.359  1.00 21.41  ? 173 ASP A N   1 
ATOM   1181 C  CA  . ASP A 1 173 ? 8.133   16.242  -7.920  1.00 21.70  ? 173 ASP A CA  1 
ATOM   1182 C  C   . ASP A 1 173 ? 9.002   16.844  -6.790  1.00 24.77  ? 173 ASP A C   1 
ATOM   1183 O  O   . ASP A 1 173 ? 8.485   17.199  -5.729  1.00 22.86  ? 173 ASP A O   1 
ATOM   1184 C  CB  . ASP A 1 173 ? 7.347   17.325  -8.679  1.00 24.12  ? 173 ASP A CB  1 
ATOM   1185 C  CG  . ASP A 1 173 ? 8.209   18.435  -9.260  1.00 39.16  ? 173 ASP A CG  1 
ATOM   1186 O  OD1 . ASP A 1 173 ? 8.491   19.421  -8.526  1.00 40.01  ? 173 ASP A OD1 1 
ATOM   1187 O  OD2 . ASP A 1 173 ? 8.622   18.313  -10.438 1.00 49.34  ? 173 ASP A OD2 1 
ATOM   1188 N  N   . GLY A 1 174 ? 10.317  16.864  -7.013  1.00 22.56  ? 174 GLY A N   1 
ATOM   1189 C  CA  . GLY A 1 174 ? 11.292  17.388  -6.064  1.00 22.63  ? 174 GLY A CA  1 
ATOM   1190 C  C   . GLY A 1 174 ? 11.686  16.429  -4.958  1.00 27.17  ? 174 GLY A C   1 
ATOM   1191 O  O   . GLY A 1 174 ? 12.367  16.827  -4.015  1.00 29.31  ? 174 GLY A O   1 
ATOM   1192 N  N   . THR A 1 175 ? 11.257  15.170  -5.050  1.00 22.20  ? 175 THR A N   1 
ATOM   1193 C  CA  . THR A 1 175 ? 11.566  14.162  -4.047  1.00 20.46  ? 175 THR A CA  1 
ATOM   1194 C  C   . THR A 1 175 ? 12.533  13.150  -4.647  1.00 23.22  ? 175 THR A C   1 
ATOM   1195 O  O   . THR A 1 175 ? 12.827  13.212  -5.845  1.00 21.84  ? 175 THR A O   1 
ATOM   1196 C  CB  . THR A 1 175 ? 10.277  13.440  -3.551  1.00 23.33  ? 175 THR A CB  1 
ATOM   1197 O  OG1 . THR A 1 175 ? 9.893   12.435  -4.473  1.00 22.97  ? 175 THR A OG1 1 
ATOM   1198 C  CG2 . THR A 1 175 ? 9.120   14.367  -3.308  1.00 21.16  ? 175 THR A CG2 1 
ATOM   1199 N  N   . ALA A 1 176 ? 12.952  12.163  -3.833  1.00 21.58  ? 176 ALA A N   1 
ATOM   1200 C  CA  . ALA A 1 176 ? 13.791  11.039  -4.256  1.00 22.56  ? 176 ALA A CA  1 
ATOM   1201 C  C   . ALA A 1 176 ? 13.030  10.163  -5.285  1.00 28.72  ? 176 ALA A C   1 
ATOM   1202 O  O   . ALA A 1 176 ? 13.663  9.404   -6.005  1.00 30.52  ? 176 ALA A O   1 
ATOM   1203 C  CB  . ALA A 1 176 ? 14.168  10.201  -3.047  1.00 23.22  ? 176 ALA A CB  1 
ATOM   1204 N  N   . SER A 1 177 ? 11.680  10.295  -5.377  1.00 23.32  ? 177 SER A N   1 
ATOM   1205 C  CA  . SER A 1 177 ? 10.852  9.511   -6.306  1.00 21.96  ? 177 SER A CA  1 
ATOM   1206 C  C   . SER A 1 177 ? 10.446  10.281  -7.561  1.00 24.75  ? 177 SER A C   1 
ATOM   1207 O  O   . SER A 1 177 ? 9.584   9.826   -8.328  1.00 24.89  ? 177 SER A O   1 
ATOM   1208 C  CB  . SER A 1 177 ? 9.639   8.933   -5.584  1.00 21.43  ? 177 SER A CB  1 
ATOM   1209 O  OG  . SER A 1 177 ? 10.122  8.144   -4.513  1.00 21.40  ? 177 SER A OG  1 
ATOM   1210 N  N   . ASP A 1 178 ? 11.099  11.429  -7.803  1.00 19.25  ? 178 ASP A N   1 
ATOM   1211 C  CA  . ASP A 1 178 ? 10.849  12.247  -8.985  1.00 18.48  ? 178 ASP A CA  1 
ATOM   1212 C  C   . ASP A 1 178 ? 10.962  11.362  -10.248 1.00 22.26  ? 178 ASP A C   1 
ATOM   1213 O  O   . ASP A 1 178 ? 11.882  10.559  -10.365 1.00 22.22  ? 178 ASP A O   1 
ATOM   1214 C  CB  . ASP A 1 178 ? 11.825  13.425  -9.025  1.00 19.87  ? 178 ASP A CB  1 
ATOM   1215 C  CG  . ASP A 1 178 ? 11.369  14.561  -9.912  1.00 21.04  ? 178 ASP A CG  1 
ATOM   1216 O  OD1 . ASP A 1 178 ? 11.265  14.348  -11.155 1.00 18.59  ? 178 ASP A OD1 1 
ATOM   1217 O  OD2 . ASP A 1 178 ? 11.133  15.657  -9.381  1.00 25.11  ? 178 ASP A OD2 1 
ATOM   1218 N  N   . GLY A 1 179 ? 9.963   11.444  -11.116 1.00 19.40  ? 179 GLY A N   1 
ATOM   1219 C  CA  . GLY A 1 179 ? 9.877   10.603  -12.310 1.00 18.56  ? 179 GLY A CA  1 
ATOM   1220 C  C   . GLY A 1 179 ? 8.809   9.532   -12.180 1.00 23.19  ? 179 GLY A C   1 
ATOM   1221 O  O   . GLY A 1 179 ? 8.400   8.948   -13.184 1.00 24.08  ? 179 GLY A O   1 
ATOM   1222 N  N   . GLU A 1 180 ? 8.335   9.280   -10.933 1.00 18.15  ? 180 GLU A N   1 
ATOM   1223 C  CA  . GLU A 1 180 ? 7.238   8.365   -10.629 1.00 16.34  ? 180 GLU A CA  1 
ATOM   1224 C  C   . GLU A 1 180 ? 5.940   9.164   -10.456 1.00 19.83  ? 180 GLU A C   1 
ATOM   1225 O  O   . GLU A 1 180 ? 5.979   10.374  -10.219 1.00 18.99  ? 180 GLU A O   1 
ATOM   1226 C  CB  . GLU A 1 180 ? 7.533   7.546   -9.364  1.00 17.72  ? 180 GLU A CB  1 
ATOM   1227 C  CG  . GLU A 1 180 ? 8.764   6.656   -9.477  1.00 19.42  ? 180 GLU A CG  1 
ATOM   1228 C  CD  . GLU A 1 180 ? 9.307   6.158   -8.152  1.00 30.36  ? 180 GLU A CD  1 
ATOM   1229 O  OE1 . GLU A 1 180 ? 8.505   5.799   -7.259  1.00 18.80  ? 180 GLU A OE1 1 
ATOM   1230 O  OE2 . GLU A 1 180 ? 10.550  6.105   -8.018  1.00 23.05  ? 180 GLU A OE2 1 
ATOM   1231 N  N   . GLN A 1 181 ? 4.782   8.502   -10.595 1.00 15.69  ? 181 GLN A N   1 
ATOM   1232 C  CA  . GLN A 1 181 ? 3.490   9.188   -10.429 1.00 14.84  ? 181 GLN A CA  1 
ATOM   1233 C  C   . GLN A 1 181 ? 2.737   8.467   -9.327  1.00 19.44  ? 181 GLN A C   1 
ATOM   1234 O  O   . GLN A 1 181 ? 2.900   7.241   -9.159  1.00 18.82  ? 181 GLN A O   1 
ATOM   1235 C  CB  . GLN A 1 181 ? 2.664   9.187   -11.737 1.00 15.31  ? 181 GLN A CB  1 
ATOM   1236 C  CG  . GLN A 1 181 ? 3.343   9.918   -12.946 1.00 14.74  ? 181 GLN A CG  1 
ATOM   1237 C  CD  . GLN A 1 181 ? 4.511   9.155   -13.525 1.00 22.36  ? 181 GLN A CD  1 
ATOM   1238 O  OE1 . GLN A 1 181 ? 4.428   7.937   -13.789 1.00 21.80  ? 181 GLN A OE1 1 
ATOM   1239 N  NE2 . GLN A 1 181 ? 5.658   9.817   -13.628 1.00 9.20   ? 181 GLN A NE2 1 
ATOM   1240 N  N   . ALA A 1 182 ? 1.935   9.209   -8.562  1.00 14.70  ? 182 ALA A N   1 
ATOM   1241 C  CA  . ALA A 1 182 ? 1.143   8.549   -7.521  1.00 14.42  ? 182 ALA A CA  1 
ATOM   1242 C  C   . ALA A 1 182 ? -0.136  7.981   -8.163  1.00 17.36  ? 182 ALA A C   1 
ATOM   1243 O  O   . ALA A 1 182 ? -0.794  8.675   -8.911  1.00 17.42  ? 182 ALA A O   1 
ATOM   1244 C  CB  . ALA A 1 182 ? 0.802   9.538   -6.417  1.00 14.23  ? 182 ALA A CB  1 
ATOM   1245 N  N   . LEU A 1 183 ? -0.438  6.717   -7.946  1.00 15.96  ? 183 LEU A N   1 
ATOM   1246 C  CA  . LEU A 1 183 ? -1.666  6.133   -8.479  1.00 14.75  ? 183 LEU A CA  1 
ATOM   1247 C  C   . LEU A 1 183 ? -2.615  5.922   -7.318  1.00 18.49  ? 183 LEU A C   1 
ATOM   1248 O  O   . LEU A 1 183 ? -2.196  5.475   -6.231  1.00 17.35  ? 183 LEU A O   1 
ATOM   1249 C  CB  . LEU A 1 183 ? -1.436  4.818   -9.243  1.00 14.46  ? 183 LEU A CB  1 
ATOM   1250 C  CG  . LEU A 1 183 ? -0.434  4.808   -10.411 1.00 18.97  ? 183 LEU A CG  1 
ATOM   1251 C  CD1 . LEU A 1 183 ? -0.386  3.426   -11.035 1.00 18.65  ? 183 LEU A CD1 1 
ATOM   1252 C  CD2 . LEU A 1 183 ? -0.732  5.918   -11.490 1.00 15.49  ? 183 LEU A CD2 1 
ATOM   1253 N  N   . TYR A 1 184 ? -3.886  6.266   -7.543  1.00 14.32  ? 184 TYR A N   1 
ATOM   1254 C  CA  . TYR A 1 184 ? -4.920  6.169   -6.524  1.00 14.26  ? 184 TYR A CA  1 
ATOM   1255 C  C   . TYR A 1 184 ? -5.877  5.024   -6.794  1.00 17.09  ? 184 TYR A C   1 
ATOM   1256 O  O   . TYR A 1 184 ? -6.298  4.833   -7.931  1.00 14.70  ? 184 TYR A O   1 
ATOM   1257 C  CB  . TYR A 1 184 ? -5.642  7.518   -6.364  1.00 16.14  ? 184 TYR A CB  1 
ATOM   1258 C  CG  . TYR A 1 184 ? -4.720  8.663   -5.969  1.00 18.19  ? 184 TYR A CG  1 
ATOM   1259 C  CD1 . TYR A 1 184 ? -3.631  8.450   -5.130  1.00 20.05  ? 184 TYR A CD1 1 
ATOM   1260 C  CD2 . TYR A 1 184 ? -5.011  9.977   -6.334  1.00 18.28  ? 184 TYR A CD2 1 
ATOM   1261 C  CE1 . TYR A 1 184 ? -2.821  9.502   -4.718  1.00 21.85  ? 184 TYR A CE1 1 
ATOM   1262 C  CE2 . TYR A 1 184 ? -4.195  11.036  -5.936  1.00 18.05  ? 184 TYR A CE2 1 
ATOM   1263 C  CZ  . TYR A 1 184 ? -3.094  10.789  -5.139  1.00 23.83  ? 184 TYR A CZ  1 
ATOM   1264 O  OH  . TYR A 1 184 ? -2.290  11.813  -4.703  1.00 27.61  ? 184 TYR A OH  1 
HETATM 1265 N  N   . MSE A 1 185 ? -6.133  4.188   -5.762  1.00 14.36  ? 185 MSE A N   1 
HETATM 1266 C  CA  . MSE A 1 185 ? -7.041  3.044   -5.909  1.00 13.07  ? 185 MSE A CA  1 
HETATM 1267 C  C   . MSE A 1 185 ? -8.035  3.011   -4.775  1.00 15.90  ? 185 MSE A C   1 
HETATM 1268 O  O   . MSE A 1 185 ? -7.708  3.357   -3.636  1.00 14.63  ? 185 MSE A O   1 
HETATM 1269 C  CB  . MSE A 1 185 ? -6.276  1.704   -6.026  1.00 14.96  ? 185 MSE A CB  1 
HETATM 1270 C  CG  . MSE A 1 185 ? -5.200  1.691   -7.135  1.00 19.34  ? 185 MSE A CG  1 
HETATM 1271 SE SE  . MSE A 1 185 ? -4.305  -0.005  -7.281  0.79 23.27  ? 185 MSE A SE  1 
HETATM 1272 C  CE  . MSE A 1 185 ? -5.781  -1.071  -8.202  1.00 19.59  ? 185 MSE A CE  1 
ATOM   1273 N  N   . SER A 1 186 ? -9.262  2.627   -5.083  1.00 12.60  ? 186 SER A N   1 
ATOM   1274 C  CA  . SER A 1 186 ? -10.283 2.580   -4.061  1.00 12.66  ? 186 SER A CA  1 
ATOM   1275 C  C   . SER A 1 186 ? -11.103 1.310   -4.138  1.00 18.40  ? 186 SER A C   1 
ATOM   1276 O  O   . SER A 1 186 ? -11.150 0.644   -5.174  1.00 16.34  ? 186 SER A O   1 
ATOM   1277 C  CB  . SER A 1 186 ? -11.190 3.805   -4.123  1.00 14.66  ? 186 SER A CB  1 
ATOM   1278 O  OG  . SER A 1 186 ? -11.933 3.813   -5.331  1.00 23.21  ? 186 SER A OG  1 
HETATM 1279 N  N   . MSE A 1 187 ? -11.783 1.016   -3.029  1.00 16.68  ? 187 MSE A N   1 
HETATM 1280 C  CA  . MSE A 1 187 ? -12.683 -0.111  -2.898  1.00 17.68  ? 187 MSE A CA  1 
HETATM 1281 C  C   . MSE A 1 187 ? -13.870 0.347   -2.080  1.00 21.81  ? 187 MSE A C   1 
HETATM 1282 O  O   . MSE A 1 187 ? -13.621 0.890   -1.003  1.00 21.11  ? 187 MSE A O   1 
HETATM 1283 C  CB  . MSE A 1 187 ? -11.966 -1.233  -2.134  1.00 19.90  ? 187 MSE A CB  1 
HETATM 1284 C  CG  . MSE A 1 187 ? -12.682 -2.504  -2.159  1.00 28.50  ? 187 MSE A CG  1 
HETATM 1285 SE SE  . MSE A 1 187 ? -11.669 -3.809  -1.181  1.00 38.31  ? 187 MSE A SE  1 
HETATM 1286 C  CE  . MSE A 1 187 ? -12.087 -3.317  0.675   1.00 34.76  ? 187 MSE A CE  1 
ATOM   1287 N  N   . PRO A 1 188 ? -15.145 0.081   -2.485  1.00 19.63  ? 188 PRO A N   1 
ATOM   1288 C  CA  . PRO A 1 188 ? -16.270 0.394   -1.586  1.00 20.60  ? 188 PRO A CA  1 
ATOM   1289 C  C   . PRO A 1 188 ? -16.169 -0.489  -0.332  1.00 26.38  ? 188 PRO A C   1 
ATOM   1290 O  O   . PRO A 1 188 ? -15.699 -1.631  -0.411  1.00 23.45  ? 188 PRO A O   1 
ATOM   1291 C  CB  . PRO A 1 188 ? -17.514 0.045   -2.414  1.00 22.49  ? 188 PRO A CB  1 
ATOM   1292 C  CG  . PRO A 1 188 ? -17.057 -0.883  -3.455  1.00 26.30  ? 188 PRO A CG  1 
ATOM   1293 C  CD  . PRO A 1 188 ? -15.608 -0.589  -3.717  1.00 21.86  ? 188 PRO A CD  1 
ATOM   1294 N  N   . CYS A 1 189 ? -16.574 0.055   0.816   1.00 26.97  ? 189 CYS A N   1 
ATOM   1295 C  CA  . CYS A 1 189 ? -16.491 -0.644  2.092   1.00 30.23  ? 189 CYS A CA  1 
ATOM   1296 C  C   . CYS A 1 189 ? -17.780 -1.461  2.354   1.00 36.51  ? 189 CYS A C   1 
ATOM   1297 O  O   . CYS A 1 189 ? -18.855 -0.883  2.357   1.00 34.84  ? 189 CYS A O   1 
ATOM   1298 C  CB  . CYS A 1 189 ? -16.174 0.338   3.220   1.00 32.20  ? 189 CYS A CB  1 
ATOM   1299 S  SG  . CYS A 1 189 ? -16.108 -0.410  4.864   1.00 37.51  ? 189 CYS A SG  1 
ATOM   1300 N  N   . PRO A 1 190 ? -17.686 -2.817  2.487   1.00 37.52  ? 190 PRO A N   1 
ATOM   1301 C  CA  . PRO A 1 190 ? -18.902 -3.646  2.691   1.00 42.59  ? 190 PRO A CA  1 
ATOM   1302 C  C   . PRO A 1 190 ? -19.819 -3.231  3.846   1.00 70.61  ? 190 PRO A C   1 
ATOM   1303 O  O   . PRO A 1 190 ? -19.403 -3.195  5.003   1.00 39.52  ? 190 PRO A O   1 
ATOM   1304 C  CB  . PRO A 1 190 ? -18.340 -5.055  2.914   1.00 43.59  ? 190 PRO A CB  1 
ATOM   1305 C  CG  . PRO A 1 190 ? -16.986 -5.043  2.288   1.00 46.32  ? 190 PRO A CG  1 
ATOM   1306 C  CD  . PRO A 1 190 ? -16.462 -3.655  2.489   1.00 40.88  ? 190 PRO A CD  1 
HETATM 1307 O  O1  . TAR B 2 .   ? 2.021   -3.491  0.668   1.00 91.78  ? 201 TAR A O1  1 
HETATM 1308 O  O11 . TAR B 2 .   ? 2.431   -3.355  -1.496  1.00 91.23  ? 201 TAR A O11 1 
HETATM 1309 C  C1  . TAR B 2 .   ? 1.797   -3.832  -0.471  1.00 90.80  ? 201 TAR A C1  1 
HETATM 1310 C  C2  . TAR B 2 .   ? 0.711   -4.843  -0.826  1.00 90.00  ? 201 TAR A C2  1 
HETATM 1311 O  O2  . TAR B 2 .   ? 0.583   -5.047  -2.222  1.00 89.75  ? 201 TAR A O2  1 
HETATM 1312 C  C3  . TAR B 2 .   ? 0.929   -6.164  -0.085  1.00 90.23  ? 201 TAR A C3  1 
HETATM 1313 O  O3  . TAR B 2 .   ? 1.063   -5.901  1.297   1.00 90.10  ? 201 TAR A O3  1 
HETATM 1314 C  C4  . TAR B 2 .   ? 2.156   -6.884  -0.636  1.00 91.65  ? 201 TAR A C4  1 
HETATM 1315 O  O4  . TAR B 2 .   ? 2.058   -7.221  -1.887  1.00 91.97  ? 201 TAR A O4  1 
HETATM 1316 O  O41 . TAR B 2 .   ? 3.147   -7.069  0.039   1.00 92.49  ? 201 TAR A O41 1 
HETATM 1317 O  O   . HOH C 3 .   ? -12.464 2.499   -7.591  1.00 26.29  ? 301 HOH A O   1 
HETATM 1318 O  O   . HOH C 3 .   ? -3.771  -9.777  -3.914  1.00 15.20  ? 302 HOH A O   1 
HETATM 1319 O  O   . HOH C 3 .   ? 5.350   12.744  -9.326  1.00 25.43  ? 303 HOH A O   1 
HETATM 1320 O  O   . HOH C 3 .   ? 3.425   -6.434  -3.970  1.00 29.75  ? 304 HOH A O   1 
HETATM 1321 O  O   . HOH C 3 .   ? 5.189   6.946   -16.110 1.00 15.72  ? 305 HOH A O   1 
HETATM 1322 O  O   . HOH C 3 .   ? -2.527  15.500  -4.345  1.00 123.79 ? 306 HOH A O   1 
HETATM 1323 O  O   . HOH C 3 .   ? -10.469 -5.261  -8.294  1.00 20.29  ? 307 HOH A O   1 
HETATM 1324 O  O   . HOH C 3 .   ? 6.742   -1.454  -0.465  1.00 39.82  ? 308 HOH A O   1 
HETATM 1325 O  O   . HOH C 3 .   ? 8.057   6.022   -4.648  1.00 29.16  ? 309 HOH A O   1 
HETATM 1326 O  O   . HOH C 3 .   ? 9.897   15.432  -13.172 1.00 29.29  ? 310 HOH A O   1 
HETATM 1327 O  O   . HOH C 3 .   ? 11.502  -5.403  11.379  1.00 32.37  ? 311 HOH A O   1 
HETATM 1328 O  O   . HOH C 3 .   ? 1.446   -9.119  -7.358  1.00 27.27  ? 312 HOH A O   1 
HETATM 1329 O  O   . HOH C 3 .   ? 12.190  7.820   -9.272  1.00 32.35  ? 313 HOH A O   1 
HETATM 1330 O  O   . HOH C 3 .   ? 5.950   -4.902  -4.555  1.00 19.88  ? 314 HOH A O   1 
HETATM 1331 O  O   . HOH C 3 .   ? 6.104   -6.617  -12.313 1.00 22.15  ? 315 HOH A O   1 
HETATM 1332 O  O   . HOH C 3 .   ? 4.208   -2.016  0.082   1.00 142.47 ? 316 HOH A O   1 
HETATM 1333 O  O   . HOH C 3 .   ? -2.578  -15.308 8.093   1.00 37.46  ? 317 HOH A O   1 
HETATM 1334 O  O   . HOH C 3 .   ? 17.710  -1.316  -12.288 1.00 36.75  ? 318 HOH A O   1 
HETATM 1335 O  O   . HOH C 3 .   ? 10.354  -3.192  17.770  1.00 41.02  ? 319 HOH A O   1 
HETATM 1336 O  O   . HOH C 3 .   ? -9.123  9.243   4.879   1.00 26.31  ? 320 HOH A O   1 
HETATM 1337 O  O   . HOH C 3 .   ? 17.371  -4.298  -10.093 1.00 26.09  ? 321 HOH A O   1 
HETATM 1338 O  O   . HOH C 3 .   ? 8.110   20.215  -5.959  1.00 19.08  ? 322 HOH A O   1 
HETATM 1339 O  O   . HOH C 3 .   ? 1.989   -9.473  0.543   1.00 37.03  ? 323 HOH A O   1 
HETATM 1340 O  O   . HOH C 3 .   ? -1.769  11.760  -2.030  1.00 29.05  ? 324 HOH A O   1 
HETATM 1341 O  O   . HOH C 3 .   ? 7.628   -16.230 18.819  1.00 57.91  ? 325 HOH A O   1 
HETATM 1342 O  O   . HOH C 3 .   ? 7.996   -8.434  -11.680 1.00 36.92  ? 326 HOH A O   1 
HETATM 1343 O  O   . HOH C 3 .   ? -6.890  -12.588 -4.857  1.00 35.82  ? 327 HOH A O   1 
HETATM 1344 O  O   . HOH C 3 .   ? -1.227  4.818   13.592  1.00 35.39  ? 328 HOH A O   1 
HETATM 1345 O  O   . HOH C 3 .   ? 2.874   -8.214  -14.313 1.00 36.12  ? 329 HOH A O   1 
HETATM 1346 O  O   . HOH C 3 .   ? -3.381  13.566  -2.911  1.00 132.76 ? 330 HOH A O   1 
HETATM 1347 O  O   . HOH C 3 .   ? 1.275   5.037   -20.868 1.00 17.41  ? 331 HOH A O   1 
HETATM 1348 O  O   . HOH C 3 .   ? 2.560   1.046   1.059   1.00 42.09  ? 332 HOH A O   1 
HETATM 1349 O  O   . HOH C 3 .   ? -4.725  -14.048 4.218   1.00 28.70  ? 333 HOH A O   1 
HETATM 1350 O  O   . HOH C 3 .   ? 8.485   6.233   -13.591 1.00 22.14  ? 334 HOH A O   1 
HETATM 1351 O  O   . HOH C 3 .   ? -1.846  1.689   16.443  1.00 21.27  ? 335 HOH A O   1 
HETATM 1352 O  O   . HOH C 3 .   ? -6.988  10.299  1.372   1.00 33.46  ? 336 HOH A O   1 
HETATM 1353 O  O   . HOH C 3 .   ? 8.437   -8.574  -9.072  1.00 22.66  ? 337 HOH A O   1 
HETATM 1354 O  O   . HOH C 3 .   ? 5.950   5.934   -2.949  1.00 31.63  ? 338 HOH A O   1 
HETATM 1355 O  O   . HOH C 3 .   ? -4.705  -16.036 9.647   1.00 52.79  ? 339 HOH A O   1 
HETATM 1356 O  O   . HOH C 3 .   ? 15.658  2.942   -5.007  1.00 35.35  ? 340 HOH A O   1 
HETATM 1357 O  O   . HOH C 3 .   ? 9.291   0.136   6.880   1.00 36.04  ? 341 HOH A O   1 
HETATM 1358 O  O   . HOH C 3 .   ? 6.277   12.500  -13.099 1.00 21.11  ? 342 HOH A O   1 
HETATM 1359 O  O   . HOH C 3 .   ? 11.047  -7.681  13.239  1.00 36.35  ? 343 HOH A O   1 
HETATM 1360 O  O   . HOH C 3 .   ? 7.741   13.096  -10.600 1.00 21.64  ? 344 HOH A O   1 
HETATM 1361 O  O   . HOH C 3 .   ? -1.259  -2.318  -19.542 1.00 45.49  ? 345 HOH A O   1 
HETATM 1362 O  O   . HOH C 3 .   ? -9.734  -7.570  0.291   1.00 32.26  ? 346 HOH A O   1 
HETATM 1363 O  O   . HOH C 3 .   ? 0.431   -3.929  -21.097 1.00 49.17  ? 347 HOH A O   1 
HETATM 1364 O  O   . HOH C 3 .   ? 11.765  4.651   -10.148 1.00 43.09  ? 348 HOH A O   1 
HETATM 1365 O  O   . HOH C 3 .   ? 12.561  12.570  -12.975 1.00 18.98  ? 349 HOH A O   1 
HETATM 1366 O  O   . HOH C 3 .   ? 5.731   -4.327  1.129   1.00 28.36  ? 350 HOH A O   1 
HETATM 1367 O  O   . HOH C 3 .   ? 12.583  12.700  -1.038  1.00 39.67  ? 351 HOH A O   1 
HETATM 1368 O  O   . HOH C 3 .   ? 16.521  9.761   -6.458  1.00 36.63  ? 352 HOH A O   1 
HETATM 1369 O  O   . HOH C 3 .   ? -8.056  -0.911  -11.772 1.00 18.33  ? 353 HOH A O   1 
HETATM 1370 O  O   . HOH C 3 .   ? -8.399  -9.993  7.972   1.00 34.13  ? 354 HOH A O   1 
HETATM 1371 O  O   . HOH C 3 .   ? 5.196   -4.345  -1.784  1.00 137.98 ? 355 HOH A O   1 
HETATM 1372 O  O   . HOH C 3 .   ? 7.329   -7.208  -4.073  1.00 27.57  ? 356 HOH A O   1 
HETATM 1373 O  O   . HOH C 3 .   ? 7.531   -16.703 10.860  1.00 45.15  ? 357 HOH A O   1 
HETATM 1374 O  O   . HOH C 3 .   ? -9.730  -4.811  12.677  1.00 23.61  ? 358 HOH A O   1 
HETATM 1375 O  O   . HOH C 3 .   ? 5.391   -1.268  23.877  1.00 34.74  ? 359 HOH A O   1 
HETATM 1376 O  O   . HOH C 3 .   ? 8.988   -10.591 -2.426  1.00 42.74  ? 360 HOH A O   1 
HETATM 1377 O  O   . HOH C 3 .   ? -14.777 3.419   -4.418  1.00 29.73  ? 361 HOH A O   1 
HETATM 1378 O  O   . HOH C 3 .   ? 13.140  -11.735 16.614  1.00 59.06  ? 362 HOH A O   1 
HETATM 1379 O  O   . HOH C 3 .   ? 1.276   1.277   -1.730  1.00 33.58  ? 363 HOH A O   1 
HETATM 1380 O  O   . HOH C 3 .   ? 3.258   16.558  -13.427 1.00 36.43  ? 364 HOH A O   1 
HETATM 1381 O  O   . HOH C 3 .   ? 13.887  -0.477  -19.532 1.00 37.42  ? 365 HOH A O   1 
HETATM 1382 O  O   . HOH C 3 .   ? 1.679   -11.653 1.877   1.00 41.07  ? 366 HOH A O   1 
HETATM 1383 O  O   . HOH C 3 .   ? 10.816  0.196   19.516  1.00 42.82  ? 367 HOH A O   1 
HETATM 1384 O  O   . HOH C 3 .   ? 1.366   4.584   0.198   1.00 50.58  ? 368 HOH A O   1 
HETATM 1385 O  O   . HOH C 3 .   ? 10.359  -7.856  -4.796  1.00 41.84  ? 369 HOH A O   1 
HETATM 1386 O  O   . HOH C 3 .   ? 4.614   -17.347 17.328  1.00 49.99  ? 370 HOH A O   1 
HETATM 1387 O  O   . HOH C 3 .   ? -1.283  -11.139 0.629   1.00 23.09  ? 371 HOH A O   1 
HETATM 1388 O  O   . HOH C 3 .   ? 3.061   12.443  -21.319 1.00 34.93  ? 372 HOH A O   1 
HETATM 1389 O  O   . HOH C 3 .   ? -10.088 12.548  2.203   1.00 48.04  ? 373 HOH A O   1 
HETATM 1390 O  O   . HOH C 3 .   ? 2.733   -10.300 19.684  1.00 45.86  ? 374 HOH A O   1 
HETATM 1391 O  O   . HOH C 3 .   ? 6.913   -4.985  20.767  1.00 34.42  ? 375 HOH A O   1 
HETATM 1392 O  O   . HOH C 3 .   ? 3.127   3.176   12.394  1.00 31.45  ? 376 HOH A O   1 
HETATM 1393 O  O   . HOH C 3 .   ? 8.716   -8.209  -18.192 1.00 41.20  ? 377 HOH A O   1 
HETATM 1394 O  O   . HOH C 3 .   ? 4.021   2.137   -3.391  1.00 31.00  ? 378 HOH A O   1 
HETATM 1395 O  O   . HOH C 3 .   ? 3.603   11.444  -16.776 1.00 40.08  ? 379 HOH A O   1 
HETATM 1396 O  O   . HOH C 3 .   ? 1.970   3.167   18.362  1.00 39.37  ? 380 HOH A O   1 
HETATM 1397 O  O   . HOH C 3 .   ? -1.025  -10.255 -7.525  1.00 28.71  ? 381 HOH A O   1 
HETATM 1398 O  O   . HOH C 3 .   ? 7.436   5.401   -15.959 1.00 32.18  ? 382 HOH A O   1 
HETATM 1399 O  O   . HOH C 3 .   ? 8.188   2.603   6.896   1.00 55.50  ? 383 HOH A O   1 
HETATM 1400 O  O   . HOH C 3 .   ? 12.843  -13.370 0.280   1.00 44.49  ? 384 HOH A O   1 
HETATM 1401 O  O   . HOH C 3 .   ? 6.064   -9.251  19.737  1.00 52.90  ? 385 HOH A O   1 
HETATM 1402 O  O   . HOH C 3 .   ? -12.931 15.223  8.358   1.00 43.99  ? 386 HOH A O   1 
HETATM 1403 O  O   . HOH C 3 .   ? -18.696 -2.808  12.947  1.00 34.14  ? 387 HOH A O   1 
HETATM 1404 O  O   . HOH C 3 .   ? 0.866   -10.114 -14.132 1.00 56.40  ? 388 HOH A O   1 
HETATM 1405 O  O   . HOH C 3 .   ? 1.897   17.956  -15.306 1.00 35.11  ? 389 HOH A O   1 
HETATM 1406 O  O   . HOH C 3 .   ? -11.955 -7.446  2.041   1.00 45.81  ? 390 HOH A O   1 
HETATM 1407 O  O   . HOH C 3 .   ? -2.358  -11.437 -5.490  1.00 34.90  ? 391 HOH A O   1 
HETATM 1408 O  O   . HOH C 3 .   ? -4.714  -13.340 -6.380  1.00 32.53  ? 392 HOH A O   1 
HETATM 1409 O  O   . HOH C 3 .   ? 8.298   12.911  -15.215 1.00 30.12  ? 393 HOH A O   1 
HETATM 1410 O  O   . HOH C 3 .   ? 3.553   -7.148  -19.857 1.00 56.25  ? 394 HOH A O   1 
HETATM 1411 O  O   . HOH C 3 .   ? -8.167  -8.522  -13.335 1.00 44.05  ? 395 HOH A O   1 
HETATM 1412 O  O   . HOH C 3 .   ? -7.883  20.568  -18.856 1.00 45.06  ? 396 HOH A O   1 
HETATM 1413 O  O   . HOH C 3 .   ? -17.448 11.380  14.447  1.00 49.43  ? 397 HOH A O   1 
# 
